data_7CS3
#
_entry.id   7CS3
#
_cell.length_a   243.895
_cell.length_b   243.895
_cell.length_c   76.283
_cell.angle_alpha   90.000
_cell.angle_beta   90.000
_cell.angle_gamma   120.000
#
_symmetry.space_group_name_H-M   'P 61'
#
loop_
_entity.id
_entity.type
_entity.pdbx_description
1 polymer 'Pinoresinol-lariciresinol reductase'
2 non-polymer 'NADPH DIHYDRO-NICOTINAMIDE-ADENINE-DINUCLEOTIDE PHOSPHATE'
3 water water
#
_entity_poly.entity_id   1
_entity_poly.type   'polypeptide(L)'
_entity_poly.pdbx_seq_one_letter_code
;MRENNSGEKTRVLVVGGTGTMGRRIVRACLAEGHETYVLQQPETRVDIEKVQLLYSYKRLGARLIEASFSDHQSLVSAVK
QVDIVVAAMSGVHFRSHSILVQLKLVEAIKEAGNIKRFLPSEFGMDPSRMGHAMPPGRETFDQKLEVRNAIEAAGIPHTY
VVGACFAAYFAGNLSQMGTLIPPKKKVNIYGDGNVKVVYVDEDDIAEYTAKTLDDPRTINKTVYVRPTENVLTQMELVQI
WEKLTGKELEKTNISANDFLADIEDKEIPHQAGLGHFYHIFYEGCLTDHEVGDDEEASKLYPDVKYTRMDEYLKIFL
;
_entity_poly.pdbx_strand_id   A,B,C,D,E,F
#
loop_
_chem_comp.id
_chem_comp.type
_chem_comp.name
_chem_comp.formula
NDP non-polymer 'NADPH DIHYDRO-NICOTINAMIDE-ADENINE-DINUCLEOTIDE PHOSPHATE' 'C21 H30 N7 O17 P3'
#
# COMPACT_ATOMS: atom_id res chain seq x y z
N GLU A 8 -13.99 28.06 -16.07
CA GLU A 8 -13.26 28.79 -17.12
C GLU A 8 -13.95 30.08 -17.55
N LYS A 9 -15.28 30.07 -17.50
CA LYS A 9 -16.03 31.25 -17.84
C LYS A 9 -15.70 32.40 -16.90
N THR A 10 -15.69 33.61 -17.44
CA THR A 10 -15.73 34.81 -16.63
C THR A 10 -17.10 34.88 -15.96
N ARG A 11 -17.11 35.18 -14.66
CA ARG A 11 -18.34 35.41 -13.90
C ARG A 11 -18.60 36.91 -13.82
N VAL A 12 -19.74 37.36 -14.37
CA VAL A 12 -20.07 38.77 -14.46
C VAL A 12 -21.30 39.05 -13.64
N LEU A 13 -21.26 40.13 -12.86
CA LEU A 13 -22.43 40.65 -12.18
C LEU A 13 -22.89 41.93 -12.87
N VAL A 14 -24.10 41.91 -13.41
CA VAL A 14 -24.68 43.08 -14.04
C VAL A 14 -25.54 43.80 -13.01
N VAL A 15 -25.22 45.06 -12.76
CA VAL A 15 -25.98 45.93 -11.87
C VAL A 15 -26.82 46.87 -12.74
N GLY A 16 -28.11 46.93 -12.46
CA GLY A 16 -29.03 47.66 -13.30
C GLY A 16 -29.58 46.80 -14.42
N GLY A 17 -29.84 45.54 -14.14
CA GLY A 17 -30.12 44.56 -15.18
C GLY A 17 -31.49 44.60 -15.76
N THR A 18 -32.42 45.38 -15.22
CA THR A 18 -33.72 45.54 -15.85
C THR A 18 -33.84 46.86 -16.59
N GLY A 19 -32.80 47.66 -16.63
CA GLY A 19 -32.81 48.88 -17.38
C GLY A 19 -32.75 48.66 -18.87
N THR A 20 -32.84 49.77 -19.60
CA THR A 20 -32.77 49.74 -21.06
C THR A 20 -31.45 49.16 -21.54
N MET A 21 -30.35 49.65 -21.00
CA MET A 21 -29.08 49.11 -21.44
C MET A 21 -28.71 47.85 -20.65
N GLY A 22 -29.01 47.85 -19.36
CA GLY A 22 -28.70 46.72 -18.50
C GLY A 22 -29.30 45.40 -18.99
N ARG A 23 -30.55 45.43 -19.47
CA ARG A 23 -31.13 44.17 -19.96
C ARG A 23 -30.37 43.66 -21.18
N ARG A 24 -29.91 44.56 -22.04
CA ARG A 24 -29.15 44.13 -23.21
C ARG A 24 -27.81 43.57 -22.82
N ILE A 25 -27.20 44.13 -21.78
CA ILE A 25 -25.91 43.65 -21.32
C ILE A 25 -26.04 42.26 -20.71
N VAL A 26 -27.08 42.05 -19.90
CA VAL A 26 -27.37 40.72 -19.39
C VAL A 26 -27.38 39.70 -20.52
N ARG A 27 -28.13 39.99 -21.59
CA ARG A 27 -28.26 39.02 -22.67
C ARG A 27 -26.98 38.88 -23.47
N ALA A 28 -26.26 39.99 -23.67
CA ALA A 28 -25.00 39.90 -24.38
C ALA A 28 -23.98 39.08 -23.60
N CYS A 29 -23.95 39.24 -22.29
CA CYS A 29 -23.03 38.44 -21.48
C CYS A 29 -23.36 36.95 -21.57
N LEU A 30 -24.65 36.59 -21.50
CA LEU A 30 -25.04 35.19 -21.67
C LEU A 30 -24.66 34.70 -23.06
N ALA A 31 -24.99 35.47 -24.09
CA ALA A 31 -24.66 35.11 -25.45
C ALA A 31 -23.16 35.03 -25.68
N GLU A 32 -22.36 35.72 -24.88
CA GLU A 32 -20.94 35.62 -25.04
C GLU A 32 -20.35 34.43 -24.28
N GLY A 33 -21.17 33.72 -23.50
CA GLY A 33 -20.69 32.58 -22.72
C GLY A 33 -20.27 32.90 -21.30
N HIS A 34 -20.53 34.11 -20.84
CA HIS A 34 -20.18 34.48 -19.48
C HIS A 34 -21.17 33.86 -18.50
N GLU A 35 -20.65 33.38 -17.38
CA GLU A 35 -21.51 33.00 -16.27
C GLU A 35 -22.06 34.29 -15.68
N THR A 36 -23.36 34.48 -15.81
CA THR A 36 -23.96 35.80 -15.69
C THR A 36 -24.83 35.89 -14.43
N TYR A 37 -24.57 36.90 -13.62
CA TYR A 37 -25.32 37.17 -12.41
C TYR A 37 -25.97 38.54 -12.54
N VAL A 38 -27.18 38.66 -11.99
CA VAL A 38 -27.94 39.89 -12.03
C VAL A 38 -28.32 40.26 -10.60
N LEU A 39 -28.02 41.49 -10.23
CA LEU A 39 -28.43 42.02 -8.94
C LEU A 39 -29.95 42.13 -8.88
N GLN A 40 -30.54 41.62 -7.80
CA GLN A 40 -31.98 41.65 -7.59
C GLN A 40 -32.22 42.55 -6.39
N GLN A 41 -32.55 43.78 -6.67
CA GLN A 41 -32.84 44.73 -5.62
C GLN A 41 -34.25 44.51 -5.08
N PRO A 42 -34.45 44.77 -3.79
CA PRO A 42 -35.76 44.51 -3.16
C PRO A 42 -36.88 45.34 -3.75
N GLU A 43 -36.59 46.58 -4.14
CA GLU A 43 -37.63 47.46 -4.66
C GLU A 43 -38.30 46.89 -5.89
N THR A 44 -37.58 46.04 -6.65
CA THR A 44 -38.16 45.43 -7.84
C THR A 44 -39.36 44.53 -7.53
N ARG A 45 -39.56 44.15 -6.27
CA ARG A 45 -40.49 43.09 -5.94
C ARG A 45 -41.95 43.41 -6.22
N VAL A 46 -42.29 44.70 -6.40
CA VAL A 46 -43.67 45.12 -6.61
C VAL A 46 -43.95 45.53 -8.04
N ASP A 47 -42.94 45.46 -8.91
CA ASP A 47 -43.03 45.90 -10.29
C ASP A 47 -43.11 44.65 -11.16
N ILE A 48 -44.28 44.42 -11.74
CA ILE A 48 -44.50 43.20 -12.49
C ILE A 48 -43.56 43.14 -13.68
N GLU A 49 -43.19 44.31 -14.19
CA GLU A 49 -42.29 44.40 -15.34
C GLU A 49 -40.90 43.89 -14.98
N LYS A 50 -40.30 44.47 -13.94
CA LYS A 50 -38.95 44.10 -13.55
C LYS A 50 -38.88 42.63 -13.14
N VAL A 51 -39.87 42.17 -12.38
CA VAL A 51 -39.83 40.81 -11.84
C VAL A 51 -39.77 39.79 -12.97
N GLN A 52 -40.62 39.95 -13.97
CA GLN A 52 -40.66 38.94 -15.01
C GLN A 52 -39.42 39.00 -15.91
N LEU A 53 -38.85 40.18 -16.11
CA LEU A 53 -37.55 40.27 -16.76
C LEU A 53 -36.49 39.51 -15.99
N LEU A 54 -36.32 39.87 -14.71
CA LEU A 54 -35.36 39.20 -13.85
C LEU A 54 -35.48 37.70 -13.95
N TYR A 55 -36.68 37.16 -13.74
CA TYR A 55 -36.81 35.71 -13.70
C TYR A 55 -36.73 35.10 -15.08
N SER A 56 -37.01 35.86 -16.13
CA SER A 56 -36.80 35.35 -17.47
C SER A 56 -35.31 35.10 -17.72
N TYR A 57 -34.43 35.89 -17.12
CA TYR A 57 -32.99 35.65 -17.25
C TYR A 57 -32.58 34.31 -16.70
N LYS A 58 -33.23 33.86 -15.61
CA LYS A 58 -32.94 32.54 -15.07
C LYS A 58 -33.15 31.44 -16.09
N ARG A 59 -34.22 31.53 -16.90
CA ARG A 59 -34.45 30.49 -17.89
C ARG A 59 -33.32 30.41 -18.89
N LEU A 60 -32.66 31.54 -19.17
CA LEU A 60 -31.54 31.59 -20.09
C LEU A 60 -30.22 31.22 -19.44
N GLY A 61 -30.20 30.85 -18.16
CA GLY A 61 -28.99 30.39 -17.52
C GLY A 61 -28.39 31.35 -16.53
N ALA A 62 -29.00 32.50 -16.29
CA ALA A 62 -28.41 33.46 -15.38
C ALA A 62 -28.87 33.17 -13.96
N ARG A 63 -28.14 33.73 -13.00
CA ARG A 63 -28.49 33.59 -11.60
C ARG A 63 -28.78 34.96 -11.01
N LEU A 64 -29.65 34.98 -10.01
CA LEU A 64 -30.03 36.22 -9.35
C LEU A 64 -29.35 36.28 -7.99
N ILE A 65 -28.92 37.47 -7.60
CA ILE A 65 -28.32 37.70 -6.30
C ILE A 65 -29.09 38.81 -5.62
N GLU A 66 -29.62 38.54 -4.44
CA GLU A 66 -30.37 39.54 -3.70
C GLU A 66 -29.43 40.46 -2.92
N ALA A 67 -29.59 41.76 -3.11
CA ALA A 67 -28.78 42.71 -2.38
C ALA A 67 -29.42 44.09 -2.54
N SER A 68 -29.06 44.99 -1.63
CA SER A 68 -29.61 46.33 -1.58
C SER A 68 -28.50 47.37 -1.50
N PHE A 69 -28.70 48.52 -2.12
CA PHE A 69 -27.67 49.55 -2.04
C PHE A 69 -27.57 50.19 -0.65
N SER A 70 -28.58 50.04 0.20
CA SER A 70 -28.51 50.52 1.56
C SER A 70 -28.05 49.46 2.54
N ASP A 71 -27.57 48.32 2.04
CA ASP A 71 -27.09 47.21 2.87
C ASP A 71 -25.68 46.89 2.39
N HIS A 72 -24.71 47.61 2.94
CA HIS A 72 -23.32 47.50 2.48
C HIS A 72 -22.83 46.05 2.47
N GLN A 73 -23.14 45.28 3.50
CA GLN A 73 -22.63 43.93 3.50
C GLN A 73 -23.34 43.03 2.50
N SER A 74 -24.58 43.34 2.11
CA SER A 74 -25.21 42.57 1.04
C SER A 74 -24.52 42.82 -0.29
N LEU A 75 -24.08 44.06 -0.53
CA LEU A 75 -23.31 44.35 -1.74
C LEU A 75 -21.96 43.66 -1.73
N VAL A 76 -21.32 43.59 -0.57
CA VAL A 76 -20.06 42.85 -0.48
C VAL A 76 -20.28 41.36 -0.77
N SER A 77 -21.35 40.77 -0.22
CA SER A 77 -21.65 39.37 -0.49
C SER A 77 -21.91 39.13 -1.96
N ALA A 78 -22.55 40.09 -2.61
CA ALA A 78 -22.83 39.95 -4.03
C ALA A 78 -21.53 39.93 -4.84
N VAL A 79 -20.68 40.96 -4.69
CA VAL A 79 -19.54 41.03 -5.60
C VAL A 79 -18.49 39.97 -5.30
N LYS A 80 -18.44 39.44 -4.09
CA LYS A 80 -17.55 38.33 -3.79
C LYS A 80 -17.85 37.08 -4.60
N GLN A 81 -18.99 37.03 -5.29
CA GLN A 81 -19.39 35.83 -6.02
C GLN A 81 -19.04 35.88 -7.48
N VAL A 82 -18.47 37.00 -7.96
CA VAL A 82 -18.18 37.17 -9.36
C VAL A 82 -16.75 37.65 -9.53
N ASP A 83 -16.31 37.69 -10.78
CA ASP A 83 -15.01 38.21 -11.12
C ASP A 83 -15.07 39.62 -11.65
N ILE A 84 -16.19 40.01 -12.26
CA ILE A 84 -16.34 41.29 -12.94
C ILE A 84 -17.72 41.86 -12.67
N VAL A 85 -17.78 43.17 -12.51
CA VAL A 85 -19.02 43.91 -12.29
C VAL A 85 -19.22 44.93 -13.39
N VAL A 86 -20.41 44.93 -13.99
CA VAL A 86 -20.83 45.94 -14.97
C VAL A 86 -22.07 46.65 -14.44
N ALA A 87 -22.04 47.97 -14.43
CA ALA A 87 -23.17 48.77 -13.96
C ALA A 87 -23.78 49.55 -15.11
N ALA A 88 -25.10 49.61 -15.16
CA ALA A 88 -25.85 50.42 -16.13
C ALA A 88 -27.08 51.00 -15.42
N MET A 89 -26.98 52.25 -15.00
CA MET A 89 -27.78 52.79 -13.91
C MET A 89 -28.86 53.78 -14.33
N SER A 90 -28.52 54.87 -15.00
CA SER A 90 -29.39 56.06 -15.00
C SER A 90 -30.89 55.76 -14.95
N SER A 98 -28.48 58.85 -8.49
CA SER A 98 -28.63 57.48 -8.97
C SER A 98 -27.40 57.00 -9.72
N ILE A 99 -26.64 57.92 -10.30
CA ILE A 99 -25.32 57.56 -10.77
C ILE A 99 -24.37 57.46 -9.58
N LEU A 100 -24.63 58.22 -8.53
CA LEU A 100 -23.77 58.19 -7.35
C LEU A 100 -24.06 57.04 -6.42
N VAL A 101 -25.07 56.21 -6.69
CA VAL A 101 -25.19 54.97 -5.95
C VAL A 101 -24.05 54.03 -6.31
N GLN A 102 -23.43 54.21 -7.47
CA GLN A 102 -22.25 53.45 -7.82
C GLN A 102 -21.12 53.65 -6.82
N LEU A 103 -21.14 54.75 -6.06
CA LEU A 103 -20.08 54.94 -5.06
C LEU A 103 -20.17 53.87 -3.98
N LYS A 104 -21.38 53.44 -3.63
CA LYS A 104 -21.52 52.35 -2.67
C LYS A 104 -21.01 51.05 -3.26
N LEU A 105 -21.26 50.85 -4.54
CA LEU A 105 -20.73 49.70 -5.25
C LEU A 105 -19.18 49.69 -5.22
N VAL A 106 -18.55 50.85 -5.41
CA VAL A 106 -17.09 50.94 -5.35
C VAL A 106 -16.58 50.56 -3.97
N GLU A 107 -17.20 51.10 -2.90
CA GLU A 107 -16.83 50.70 -1.55
C GLU A 107 -16.92 49.20 -1.35
N ALA A 108 -18.00 48.57 -1.84
CA ALA A 108 -18.16 47.14 -1.66
C ALA A 108 -17.10 46.37 -2.41
N ILE A 109 -16.88 46.72 -3.69
CA ILE A 109 -15.81 46.12 -4.46
C ILE A 109 -14.47 46.27 -3.73
N LYS A 110 -14.22 47.45 -3.16
CA LYS A 110 -12.94 47.69 -2.53
C LYS A 110 -12.73 46.75 -1.34
N GLU A 111 -13.72 46.65 -0.47
CA GLU A 111 -13.60 45.71 0.65
C GLU A 111 -13.57 44.25 0.17
N ALA A 112 -14.30 43.94 -0.90
CA ALA A 112 -14.37 42.55 -1.35
C ALA A 112 -13.00 42.04 -1.77
N GLY A 113 -12.30 42.79 -2.61
CA GLY A 113 -10.93 42.51 -2.96
C GLY A 113 -10.73 41.58 -4.14
N ASN A 114 -11.77 40.87 -4.58
CA ASN A 114 -11.64 39.79 -5.56
C ASN A 114 -11.98 40.21 -6.98
N ILE A 115 -12.41 41.44 -7.19
CA ILE A 115 -12.95 41.86 -8.48
C ILE A 115 -11.82 42.24 -9.42
N LYS A 116 -11.82 41.66 -10.61
CA LYS A 116 -10.77 41.89 -11.57
C LYS A 116 -11.05 43.10 -12.46
N ARG A 117 -12.30 43.48 -12.66
CA ARG A 117 -12.59 44.65 -13.47
C ARG A 117 -13.98 45.17 -13.14
N PHE A 118 -14.10 46.48 -13.16
CA PHE A 118 -15.35 47.19 -12.98
C PHE A 118 -15.56 48.08 -14.20
N LEU A 119 -16.68 47.90 -14.87
CA LEU A 119 -17.12 48.84 -15.90
C LEU A 119 -18.26 49.67 -15.34
N PRO A 120 -18.04 50.94 -15.04
CA PRO A 120 -19.11 51.79 -14.52
C PRO A 120 -20.13 52.14 -15.59
N SER A 121 -21.20 52.80 -15.14
CA SER A 121 -22.31 53.15 -16.00
C SER A 121 -21.89 54.35 -16.85
N GLU A 122 -21.40 54.07 -18.06
CA GLU A 122 -20.98 55.17 -18.89
C GLU A 122 -21.80 55.22 -20.18
N PHE A 123 -21.23 54.74 -21.28
CA PHE A 123 -21.96 54.44 -22.50
C PHE A 123 -22.30 55.65 -23.37
N GLY A 124 -22.38 56.84 -22.78
CA GLY A 124 -22.66 58.05 -23.53
C GLY A 124 -21.45 58.92 -23.81
N MET A 125 -21.61 60.24 -23.78
CA MET A 125 -20.47 61.12 -24.01
C MET A 125 -19.36 60.82 -23.01
N ASP A 126 -18.13 61.02 -23.45
CA ASP A 126 -16.99 60.89 -22.55
C ASP A 126 -17.01 62.04 -21.55
N PRO A 127 -17.27 61.79 -20.26
CA PRO A 127 -17.33 62.91 -19.31
C PRO A 127 -15.97 63.44 -18.92
N SER A 128 -14.89 62.86 -19.43
CA SER A 128 -13.57 63.36 -19.05
C SER A 128 -13.18 64.59 -19.87
N ARG A 129 -13.72 64.74 -21.08
CA ARG A 129 -13.79 66.06 -21.72
C ARG A 129 -14.97 66.79 -21.09
N MET A 130 -15.58 67.74 -21.79
CA MET A 130 -16.65 68.55 -21.20
C MET A 130 -16.13 69.36 -20.01
N ARG A 138 -24.77 68.11 -17.51
CA ARG A 138 -23.98 69.15 -16.87
C ARG A 138 -23.40 68.61 -15.55
N GLU A 139 -24.30 68.04 -14.72
CA GLU A 139 -23.89 67.30 -13.55
C GLU A 139 -23.82 65.80 -13.80
N THR A 140 -24.50 65.32 -14.85
CA THR A 140 -24.24 63.98 -15.38
C THR A 140 -22.75 63.70 -15.42
N PHE A 141 -21.96 64.66 -15.92
CA PHE A 141 -20.53 64.46 -16.05
C PHE A 141 -19.84 64.50 -14.70
N ASP A 142 -20.19 65.46 -13.85
CA ASP A 142 -19.59 65.51 -12.51
C ASP A 142 -19.78 64.19 -11.78
N GLN A 143 -21.00 63.64 -11.83
CA GLN A 143 -21.24 62.40 -11.12
C GLN A 143 -20.44 61.25 -11.73
N LYS A 144 -20.41 61.14 -13.06
CA LYS A 144 -19.60 60.09 -13.64
C LYS A 144 -18.12 60.29 -13.33
N LEU A 145 -17.61 61.51 -13.47
CA LEU A 145 -16.22 61.77 -13.09
C LEU A 145 -15.99 61.44 -11.63
N GLU A 146 -16.98 61.69 -10.78
CA GLU A 146 -16.78 61.40 -9.38
C GLU A 146 -16.75 59.89 -9.12
N VAL A 147 -17.47 59.11 -9.94
CA VAL A 147 -17.39 57.66 -9.85
C VAL A 147 -16.03 57.16 -10.33
N ARG A 148 -15.55 57.68 -11.47
CA ARG A 148 -14.22 57.31 -11.94
C ARG A 148 -13.16 57.59 -10.89
N ASN A 149 -13.22 58.76 -10.26
CA ASN A 149 -12.22 59.12 -9.25
C ASN A 149 -12.20 58.12 -8.10
N ALA A 150 -13.38 57.70 -7.64
CA ALA A 150 -13.44 56.72 -6.57
C ALA A 150 -12.90 55.36 -7.04
N ILE A 151 -13.20 55.00 -8.29
CA ILE A 151 -12.68 53.76 -8.85
C ILE A 151 -11.17 53.78 -8.86
N GLU A 152 -10.60 54.84 -9.41
CA GLU A 152 -9.15 54.90 -9.54
C GLU A 152 -8.48 55.07 -8.18
N ALA A 153 -9.11 55.78 -7.25
CA ALA A 153 -8.55 55.90 -5.91
C ALA A 153 -8.47 54.54 -5.24
N ALA A 154 -9.53 53.75 -5.32
CA ALA A 154 -9.53 52.41 -4.76
C ALA A 154 -8.64 51.45 -5.52
N GLY A 155 -8.02 51.87 -6.62
CA GLY A 155 -7.19 50.96 -7.38
C GLY A 155 -7.94 49.79 -7.97
N ILE A 156 -9.19 50.00 -8.37
CA ILE A 156 -10.00 48.96 -9.01
C ILE A 156 -9.77 49.04 -10.51
N PRO A 157 -9.32 47.97 -11.15
CA PRO A 157 -9.17 47.99 -12.61
C PRO A 157 -10.51 48.18 -13.31
N HIS A 158 -10.49 48.92 -14.41
CA HIS A 158 -11.73 49.37 -15.03
C HIS A 158 -11.63 49.32 -16.54
N THR A 159 -12.78 49.44 -17.19
CA THR A 159 -12.88 49.80 -18.59
C THR A 159 -14.04 50.76 -18.71
N TYR A 160 -13.84 51.86 -19.42
CA TYR A 160 -14.84 52.91 -19.63
C TYR A 160 -15.31 52.82 -21.08
N VAL A 161 -16.57 52.46 -21.28
CA VAL A 161 -17.14 52.31 -22.62
C VAL A 161 -17.93 53.57 -22.92
N VAL A 162 -17.57 54.29 -23.98
CA VAL A 162 -18.06 55.64 -24.20
C VAL A 162 -18.18 55.90 -25.69
N GLY A 163 -18.88 56.98 -26.03
CA GLY A 163 -18.74 57.62 -27.30
C GLY A 163 -19.87 57.49 -28.29
N ALA A 164 -21.03 57.02 -27.89
CA ALA A 164 -22.06 56.71 -28.87
C ALA A 164 -23.39 57.33 -28.51
N CYS A 165 -24.19 57.66 -29.52
CA CYS A 165 -25.63 57.90 -29.34
C CYS A 165 -26.39 56.61 -29.50
N PHE A 166 -27.11 56.20 -28.46
CA PHE A 166 -28.12 55.13 -28.58
C PHE A 166 -29.07 55.43 -29.75
N ALA A 167 -29.20 54.48 -30.70
CA ALA A 167 -30.10 54.65 -31.84
C ALA A 167 -31.51 54.99 -31.40
N ALA A 168 -32.02 54.31 -30.38
CA ALA A 168 -33.43 54.47 -30.03
C ALA A 168 -33.73 55.89 -29.58
N TYR A 169 -32.76 56.59 -29.01
CA TYR A 169 -32.99 57.92 -28.49
C TYR A 169 -32.62 59.01 -29.47
N PHE A 170 -31.82 58.70 -30.49
CA PHE A 170 -31.34 59.72 -31.41
C PHE A 170 -31.47 59.34 -32.87
N ALA A 171 -31.52 58.07 -33.22
CA ALA A 171 -31.64 57.72 -34.62
C ALA A 171 -33.07 57.42 -35.03
N GLY A 172 -33.82 56.68 -34.22
CA GLY A 172 -35.18 56.31 -34.56
C GLY A 172 -36.09 57.50 -34.71
N ASN A 173 -35.79 58.60 -34.05
CA ASN A 173 -36.55 59.83 -34.15
C ASN A 173 -35.86 60.88 -35.02
N LEU A 174 -34.84 60.50 -35.79
CA LEU A 174 -34.09 61.46 -36.58
C LEU A 174 -33.62 62.62 -35.71
N SER A 175 -33.36 62.34 -34.44
CA SER A 175 -32.77 63.29 -33.51
C SER A 175 -33.73 64.40 -33.10
N GLN A 176 -35.01 64.24 -33.38
CA GLN A 176 -36.01 65.15 -32.87
C GLN A 176 -36.26 64.87 -31.40
N MET A 177 -36.96 65.76 -30.75
CA MET A 177 -37.21 65.65 -29.32
C MET A 177 -38.68 65.39 -29.05
N GLY A 178 -38.95 64.73 -27.92
CA GLY A 178 -40.31 64.44 -27.54
C GLY A 178 -40.95 63.31 -28.29
N THR A 179 -40.18 62.49 -28.98
CA THR A 179 -40.72 61.36 -29.73
C THR A 179 -39.61 60.37 -30.00
N LEU A 180 -39.99 59.12 -30.23
CA LEU A 180 -39.03 58.04 -30.47
C LEU A 180 -39.22 57.40 -31.83
N ILE A 181 -40.07 57.95 -32.69
CA ILE A 181 -40.26 57.36 -34.01
C ILE A 181 -40.14 58.48 -35.03
N PRO A 182 -39.95 58.15 -36.30
CA PRO A 182 -39.69 59.16 -37.30
C PRO A 182 -40.90 60.06 -37.49
N PRO A 183 -40.67 61.34 -37.75
CA PRO A 183 -41.77 62.26 -37.99
C PRO A 183 -42.30 62.09 -39.40
N LYS A 184 -43.56 62.50 -39.57
CA LYS A 184 -44.21 62.23 -40.84
C LYS A 184 -43.92 63.31 -41.88
N LYS A 185 -43.85 64.57 -41.48
CA LYS A 185 -43.71 65.63 -42.49
C LYS A 185 -42.54 66.60 -42.23
N LYS A 186 -42.28 66.93 -40.97
CA LYS A 186 -41.36 68.01 -40.64
C LYS A 186 -40.20 67.52 -39.77
N VAL A 187 -39.06 68.18 -39.91
CA VAL A 187 -37.89 67.85 -39.12
C VAL A 187 -37.10 69.12 -38.81
N ASN A 188 -36.64 69.24 -37.57
CA ASN A 188 -35.69 70.27 -37.20
C ASN A 188 -34.28 69.77 -37.46
N ILE A 189 -33.48 70.61 -38.12
CA ILE A 189 -32.06 70.36 -38.36
C ILE A 189 -31.28 71.31 -37.49
N TYR A 190 -30.23 70.81 -36.84
CA TYR A 190 -29.42 71.60 -35.93
C TYR A 190 -28.24 72.20 -36.67
N GLY A 191 -28.19 73.53 -36.70
CA GLY A 191 -27.26 74.21 -37.57
C GLY A 191 -27.45 73.79 -39.01
N ASP A 192 -26.34 73.62 -39.72
CA ASP A 192 -26.39 73.03 -41.04
C ASP A 192 -26.65 71.53 -41.00
N GLY A 193 -26.63 70.92 -39.82
CA GLY A 193 -26.72 69.48 -39.76
C GLY A 193 -25.58 68.77 -40.44
N ASN A 194 -24.39 69.38 -40.44
CA ASN A 194 -23.22 68.73 -41.03
C ASN A 194 -22.14 68.47 -39.97
N VAL A 195 -22.56 68.30 -38.73
CA VAL A 195 -21.70 67.89 -37.64
C VAL A 195 -21.78 66.38 -37.47
N LYS A 196 -20.62 65.72 -37.45
CA LYS A 196 -20.58 64.27 -37.40
C LYS A 196 -20.97 63.76 -36.02
N VAL A 197 -21.85 62.75 -36.02
CA VAL A 197 -22.44 62.16 -34.82
C VAL A 197 -22.24 60.65 -34.92
N VAL A 198 -22.31 59.96 -33.79
CA VAL A 198 -22.16 58.51 -33.75
C VAL A 198 -23.48 57.88 -33.32
N TYR A 199 -24.18 57.24 -34.25
CA TYR A 199 -25.43 56.58 -33.96
C TYR A 199 -25.19 55.08 -33.85
N VAL A 200 -25.53 54.48 -32.71
CA VAL A 200 -25.21 53.07 -32.49
C VAL A 200 -26.40 52.34 -31.86
N ASP A 201 -26.74 51.21 -32.45
CA ASP A 201 -27.73 50.30 -31.92
C ASP A 201 -27.32 49.84 -30.52
N GLU A 202 -28.22 50.04 -29.56
CA GLU A 202 -27.95 49.68 -28.18
C GLU A 202 -27.49 48.23 -28.05
N ASP A 203 -27.97 47.35 -28.92
CA ASP A 203 -27.58 45.94 -28.83
C ASP A 203 -26.11 45.76 -29.13
N ASP A 204 -25.57 46.55 -30.06
CA ASP A 204 -24.16 46.49 -30.38
C ASP A 204 -23.32 47.08 -29.26
N ILE A 205 -23.75 48.18 -28.67
CA ILE A 205 -23.08 48.66 -27.47
C ILE A 205 -22.98 47.54 -26.44
N ALA A 206 -24.07 46.80 -26.26
CA ALA A 206 -24.06 45.74 -25.26
C ALA A 206 -23.10 44.63 -25.66
N GLU A 207 -23.09 44.22 -26.92
CA GLU A 207 -22.20 43.15 -27.35
C GLU A 207 -20.74 43.59 -27.28
N TYR A 208 -20.44 44.82 -27.67
CA TYR A 208 -19.10 45.33 -27.45
C TYR A 208 -18.71 45.32 -25.98
N THR A 209 -19.63 45.73 -25.10
CA THR A 209 -19.33 45.70 -23.67
C THR A 209 -19.04 44.27 -23.21
N ALA A 210 -19.85 43.30 -23.64
CA ALA A 210 -19.65 41.92 -23.23
C ALA A 210 -18.34 41.35 -23.77
N LYS A 211 -17.91 41.77 -24.95
CA LYS A 211 -16.65 41.27 -25.47
C LYS A 211 -15.43 41.94 -24.82
N THR A 212 -15.59 43.14 -24.29
CA THR A 212 -14.44 43.90 -23.82
C THR A 212 -14.15 43.68 -22.35
N LEU A 213 -15.11 43.19 -21.57
CA LEU A 213 -14.94 43.26 -20.13
C LEU A 213 -13.90 42.28 -19.61
N ASP A 214 -13.53 41.26 -20.40
CA ASP A 214 -12.40 40.42 -20.02
C ASP A 214 -11.30 40.43 -21.08
N ASP A 215 -11.30 41.41 -21.97
CA ASP A 215 -10.23 41.54 -22.95
C ASP A 215 -9.00 42.11 -22.27
N PRO A 216 -7.86 41.41 -22.29
CA PRO A 216 -6.64 41.99 -21.72
C PRO A 216 -6.24 43.28 -22.38
N ARG A 217 -6.62 43.50 -23.63
CA ARG A 217 -6.21 44.73 -24.32
C ARG A 217 -6.90 45.99 -23.81
N THR A 218 -8.00 45.88 -23.08
CA THR A 218 -8.74 47.08 -22.71
C THR A 218 -8.75 47.30 -21.21
N ILE A 219 -7.85 46.65 -20.49
CA ILE A 219 -7.82 46.82 -19.06
C ILE A 219 -7.28 48.20 -18.74
N ASN A 220 -8.03 48.96 -17.94
CA ASN A 220 -7.70 50.36 -17.62
C ASN A 220 -7.64 51.25 -18.85
N LYS A 221 -8.46 50.98 -19.87
CA LYS A 221 -8.57 51.84 -21.04
C LYS A 221 -9.98 52.37 -21.16
N THR A 222 -10.10 53.49 -21.86
CA THR A 222 -11.36 53.91 -22.43
C THR A 222 -11.51 53.26 -23.79
N VAL A 223 -12.65 52.63 -24.02
CA VAL A 223 -12.96 52.05 -25.31
C VAL A 223 -14.02 52.92 -25.94
N TYR A 224 -13.71 53.49 -27.09
CA TYR A 224 -14.66 54.30 -27.84
C TYR A 224 -15.45 53.38 -28.77
N VAL A 225 -16.78 53.44 -28.65
CA VAL A 225 -17.70 52.76 -29.56
C VAL A 225 -17.98 53.72 -30.71
N ARG A 226 -17.22 53.60 -31.80
CA ARG A 226 -17.33 54.50 -32.94
C ARG A 226 -17.29 53.70 -34.22
N PRO A 227 -18.31 52.88 -34.46
CA PRO A 227 -18.34 52.06 -35.67
C PRO A 227 -18.34 52.93 -36.91
N THR A 228 -17.39 52.66 -37.81
CA THR A 228 -17.02 53.59 -38.87
C THR A 228 -18.21 54.05 -39.71
N GLU A 229 -19.05 53.12 -40.15
CA GLU A 229 -20.12 53.49 -41.06
C GLU A 229 -21.29 54.16 -40.35
N ASN A 230 -21.31 54.21 -39.03
CA ASN A 230 -22.36 54.91 -38.30
C ASN A 230 -21.90 56.27 -37.81
N VAL A 231 -20.81 56.80 -38.37
CA VAL A 231 -20.40 58.17 -38.13
C VAL A 231 -21.10 59.02 -39.19
N LEU A 232 -22.14 59.72 -38.79
CA LEU A 232 -23.07 60.37 -39.72
C LEU A 232 -23.45 61.73 -39.19
N THR A 233 -23.64 62.68 -40.10
CA THR A 233 -24.27 63.93 -39.72
C THR A 233 -25.77 63.71 -39.56
N GLN A 234 -26.43 64.66 -38.89
CA GLN A 234 -27.88 64.57 -38.80
C GLN A 234 -28.52 64.62 -40.17
N MET A 235 -28.00 65.47 -41.05
CA MET A 235 -28.55 65.53 -42.40
C MET A 235 -28.36 64.21 -43.12
N GLU A 236 -27.22 63.54 -42.89
CA GLU A 236 -27.01 62.22 -43.49
C GLU A 236 -27.99 61.19 -42.92
N LEU A 237 -28.25 61.24 -41.61
CA LEU A 237 -29.28 60.38 -41.05
C LEU A 237 -30.64 60.66 -41.68
N VAL A 238 -30.99 61.94 -41.79
CA VAL A 238 -32.28 62.28 -42.40
C VAL A 238 -32.34 61.77 -43.82
N GLN A 239 -31.22 61.84 -44.54
CA GLN A 239 -31.23 61.46 -45.94
C GLN A 239 -31.35 59.96 -46.11
N ILE A 240 -30.77 59.18 -45.20
CA ILE A 240 -31.01 57.75 -45.21
C ILE A 240 -32.49 57.48 -45.09
N TRP A 241 -33.16 58.16 -44.16
CA TRP A 241 -34.58 57.95 -44.00
C TRP A 241 -35.34 58.33 -45.26
N GLU A 242 -34.98 59.46 -45.86
CA GLU A 242 -35.70 59.93 -47.05
C GLU A 242 -35.55 58.97 -48.21
N LYS A 243 -34.41 58.29 -48.31
CA LYS A 243 -34.25 57.32 -49.36
C LYS A 243 -35.03 56.05 -49.09
N LEU A 244 -35.26 55.72 -47.82
CA LEU A 244 -36.08 54.56 -47.52
C LEU A 244 -37.56 54.83 -47.76
N THR A 245 -38.03 56.05 -47.46
CA THR A 245 -39.42 56.39 -47.64
C THR A 245 -39.73 56.93 -49.02
N GLY A 246 -38.76 57.60 -49.65
CA GLY A 246 -39.02 58.33 -50.86
C GLY A 246 -39.78 59.61 -50.67
N LYS A 247 -39.87 60.13 -49.45
CA LYS A 247 -40.51 61.40 -49.16
C LYS A 247 -39.47 62.37 -48.64
N GLU A 248 -39.45 63.57 -49.19
CA GLU A 248 -38.59 64.59 -48.68
C GLU A 248 -39.28 65.26 -47.49
N LEU A 249 -38.56 65.39 -46.39
CA LEU A 249 -39.10 66.09 -45.23
C LEU A 249 -38.87 67.60 -45.36
N GLU A 250 -39.80 68.35 -44.79
CA GLU A 250 -39.68 69.79 -44.72
C GLU A 250 -38.76 70.16 -43.58
N LYS A 251 -37.63 70.77 -43.89
CA LYS A 251 -36.56 70.96 -42.92
C LYS A 251 -36.52 72.39 -42.43
N THR A 252 -36.32 72.56 -41.12
CA THR A 252 -36.21 73.86 -40.48
C THR A 252 -34.89 73.95 -39.72
N ASN A 253 -34.04 74.89 -40.13
CA ASN A 253 -32.72 75.00 -39.51
C ASN A 253 -32.78 75.81 -38.23
N ILE A 254 -32.23 75.25 -37.16
CA ILE A 254 -32.14 75.88 -35.86
C ILE A 254 -30.70 76.27 -35.63
N SER A 255 -30.47 77.56 -35.41
CA SER A 255 -29.11 78.06 -35.27
C SER A 255 -28.57 77.77 -33.87
N ALA A 256 -27.24 77.83 -33.76
CA ALA A 256 -26.61 77.58 -32.48
C ALA A 256 -27.09 78.55 -31.43
N ASN A 257 -27.31 79.81 -31.81
CA ASN A 257 -27.77 80.79 -30.83
C ASN A 257 -29.25 80.60 -30.52
N ASP A 258 -30.07 80.32 -31.53
CA ASP A 258 -31.47 80.04 -31.27
C ASP A 258 -31.61 78.90 -30.28
N PHE A 259 -30.87 77.81 -30.50
CA PHE A 259 -30.95 76.65 -29.64
C PHE A 259 -30.66 77.02 -28.18
N LEU A 260 -29.66 77.84 -27.96
CA LEU A 260 -29.36 78.19 -26.58
C LEU A 260 -30.48 78.99 -25.88
N ALA A 261 -31.68 79.12 -26.44
CA ALA A 261 -32.87 79.43 -25.65
C ALA A 261 -33.27 78.20 -24.84
N ASP A 262 -32.40 77.78 -23.91
CA ASP A 262 -32.74 76.76 -22.94
C ASP A 262 -33.58 77.43 -21.88
N ILE A 263 -34.58 78.18 -22.35
CA ILE A 263 -35.20 79.30 -21.66
C ILE A 263 -34.42 79.62 -20.39
N ILE A 268 -36.55 76.70 -18.49
CA ILE A 268 -37.27 75.44 -18.33
C ILE A 268 -36.41 74.35 -17.61
N PRO A 269 -36.02 74.62 -16.33
CA PRO A 269 -35.04 73.78 -15.63
C PRO A 269 -35.22 72.27 -15.60
N HIS A 270 -35.47 71.63 -16.74
CA HIS A 270 -35.07 70.24 -16.98
C HIS A 270 -33.90 70.20 -17.94
N GLN A 271 -33.23 71.35 -18.11
CA GLN A 271 -32.57 71.77 -19.33
C GLN A 271 -31.20 71.15 -19.54
N ALA A 272 -30.71 70.29 -18.65
CA ALA A 272 -29.43 69.65 -18.91
C ALA A 272 -29.51 68.65 -20.06
N GLY A 273 -30.69 68.08 -20.33
CA GLY A 273 -30.83 67.23 -21.49
C GLY A 273 -30.55 67.99 -22.77
N LEU A 274 -31.15 69.16 -22.91
CA LEU A 274 -30.59 70.13 -23.83
C LEU A 274 -29.16 70.41 -23.39
N GLY A 275 -28.36 70.89 -24.30
CA GLY A 275 -27.03 71.24 -23.81
C GLY A 275 -26.08 70.09 -23.84
N HIS A 276 -26.50 68.94 -23.32
CA HIS A 276 -25.92 67.68 -23.77
C HIS A 276 -26.07 67.56 -25.27
N PHE A 277 -27.33 67.64 -25.72
CA PHE A 277 -27.64 67.72 -27.13
C PHE A 277 -26.79 68.75 -27.84
N TYR A 278 -26.55 69.90 -27.20
CA TYR A 278 -25.78 70.95 -27.84
C TYR A 278 -24.37 70.48 -28.14
N HIS A 279 -23.70 69.90 -27.14
CA HIS A 279 -22.35 69.40 -27.31
C HIS A 279 -22.25 68.35 -28.42
N ILE A 280 -23.26 67.49 -28.54
CA ILE A 280 -23.24 66.46 -29.56
C ILE A 280 -23.45 67.08 -30.92
N PHE A 281 -24.55 67.80 -31.07
CA PHE A 281 -25.00 68.17 -32.40
C PHE A 281 -24.46 69.50 -32.90
N TYR A 282 -24.09 70.41 -32.02
CA TYR A 282 -23.52 71.65 -32.52
C TYR A 282 -22.00 71.70 -32.42
N GLU A 283 -21.42 71.17 -31.36
CA GLU A 283 -19.98 71.16 -31.17
C GLU A 283 -19.30 69.88 -31.61
N GLY A 284 -20.03 68.84 -31.97
CA GLY A 284 -19.42 67.62 -32.46
C GLY A 284 -18.51 66.89 -31.49
N CYS A 285 -18.86 66.89 -30.21
CA CYS A 285 -17.98 66.32 -29.20
C CYS A 285 -17.82 64.81 -29.30
N LEU A 286 -18.67 64.10 -30.05
CA LEU A 286 -18.50 62.67 -30.19
C LEU A 286 -17.51 62.29 -31.27
N THR A 287 -17.13 63.22 -32.14
CA THR A 287 -16.32 62.90 -33.30
C THR A 287 -15.12 63.83 -33.51
N ASP A 288 -14.87 64.78 -32.62
CA ASP A 288 -13.89 65.79 -32.98
C ASP A 288 -12.46 65.38 -32.70
N HIS A 289 -12.23 64.31 -31.95
CA HIS A 289 -10.91 63.75 -31.77
C HIS A 289 -10.85 62.37 -32.40
N GLU A 290 -9.82 62.10 -33.17
CA GLU A 290 -9.70 60.77 -33.74
C GLU A 290 -9.36 59.76 -32.65
N VAL A 291 -9.65 58.50 -32.93
CA VAL A 291 -9.40 57.41 -32.00
C VAL A 291 -8.59 56.34 -32.70
N GLY A 292 -7.64 55.76 -31.97
CA GLY A 292 -6.84 54.69 -32.54
C GLY A 292 -7.57 53.35 -32.58
N ASP A 293 -7.15 52.51 -33.52
CA ASP A 293 -7.76 51.19 -33.66
C ASP A 293 -7.64 50.36 -32.39
N ASP A 294 -6.64 50.63 -31.56
CA ASP A 294 -6.45 49.84 -30.36
C ASP A 294 -7.40 50.27 -29.25
N GLU A 295 -8.31 51.19 -29.56
CA GLU A 295 -9.22 51.67 -28.53
C GLU A 295 -10.61 51.94 -29.10
N GLU A 296 -10.91 51.50 -30.31
CA GLU A 296 -12.22 51.66 -30.91
C GLU A 296 -12.87 50.29 -31.02
N ALA A 297 -14.11 50.20 -30.54
CA ALA A 297 -14.74 48.89 -30.36
C ALA A 297 -14.85 48.11 -31.66
N SER A 298 -15.23 48.76 -32.76
CA SER A 298 -15.41 47.99 -33.99
C SER A 298 -14.10 47.47 -34.57
N LYS A 299 -12.97 48.09 -34.25
CA LYS A 299 -11.68 47.56 -34.67
C LYS A 299 -11.20 46.46 -33.70
N LEU A 300 -11.46 46.63 -32.41
CA LEU A 300 -11.07 45.62 -31.44
C LEU A 300 -11.90 44.35 -31.61
N TYR A 301 -13.11 44.46 -32.13
CA TYR A 301 -14.04 43.33 -32.25
C TYR A 301 -14.70 43.40 -33.62
N PRO A 302 -13.92 43.15 -34.67
CA PRO A 302 -14.44 43.25 -36.04
C PRO A 302 -15.43 42.15 -36.41
N ASP A 303 -15.54 41.11 -35.61
CA ASP A 303 -16.56 40.09 -35.84
C ASP A 303 -17.96 40.56 -35.48
N VAL A 304 -18.11 41.65 -34.72
CA VAL A 304 -19.43 42.22 -34.42
C VAL A 304 -19.93 42.93 -35.67
N LYS A 305 -20.95 42.37 -36.32
CA LYS A 305 -21.51 43.02 -37.50
C LYS A 305 -22.58 43.99 -37.00
N TYR A 306 -22.14 45.20 -36.68
CA TYR A 306 -23.01 46.20 -36.07
C TYR A 306 -24.07 46.65 -37.06
N THR A 307 -25.20 47.06 -36.53
CA THR A 307 -26.32 47.45 -37.36
C THR A 307 -26.08 48.83 -37.93
N ARG A 308 -26.18 48.97 -39.24
CA ARG A 308 -26.06 50.29 -39.85
C ARG A 308 -27.41 50.99 -39.78
N MET A 309 -27.39 52.30 -39.92
CA MET A 309 -28.64 53.01 -39.70
C MET A 309 -29.66 52.79 -40.80
N ASP A 310 -29.24 52.45 -42.03
CA ASP A 310 -30.27 52.10 -43.01
C ASP A 310 -31.00 50.84 -42.60
N GLU A 311 -30.29 49.89 -41.99
CA GLU A 311 -30.97 48.70 -41.49
C GLU A 311 -31.78 49.00 -40.23
N TYR A 312 -31.26 49.85 -39.35
CA TYR A 312 -31.97 50.15 -38.10
C TYR A 312 -33.31 50.83 -38.36
N LEU A 313 -33.35 51.73 -39.32
CA LEU A 313 -34.54 52.51 -39.57
C LEU A 313 -35.61 51.74 -40.32
N LYS A 314 -35.27 50.59 -40.90
CA LYS A 314 -36.24 49.87 -41.71
C LYS A 314 -37.44 49.43 -40.87
N ILE A 315 -37.21 49.07 -39.62
CA ILE A 315 -38.33 48.62 -38.82
C ILE A 315 -39.43 49.67 -38.71
N PHE A 316 -39.14 50.95 -38.97
CA PHE A 316 -40.15 51.99 -38.81
C PHE A 316 -40.95 52.25 -40.07
N LEU A 317 -40.59 51.66 -41.19
CA LEU A 317 -41.29 51.90 -42.44
C LEU A 317 -42.74 51.40 -42.40
N GLU B 8 1.81 -60.66 23.28
CA GLU B 8 0.50 -61.05 23.76
C GLU B 8 -0.13 -59.98 24.66
N LYS B 9 0.54 -58.83 24.75
CA LYS B 9 -0.07 -57.66 25.35
C LYS B 9 -1.07 -57.05 24.38
N THR B 10 -2.17 -56.53 24.91
CA THR B 10 -3.13 -55.80 24.09
C THR B 10 -2.56 -54.45 23.70
N ARG B 11 -2.65 -54.12 22.42
CA ARG B 11 -2.20 -52.82 21.90
C ARG B 11 -3.38 -51.85 21.86
N VAL B 12 -3.20 -50.70 22.48
CA VAL B 12 -4.26 -49.72 22.69
C VAL B 12 -3.79 -48.39 22.16
N LEU B 13 -4.64 -47.72 21.40
CA LEU B 13 -4.38 -46.37 20.94
C LEU B 13 -5.31 -45.43 21.67
N VAL B 14 -4.75 -44.42 22.34
CA VAL B 14 -5.54 -43.43 23.06
C VAL B 14 -5.63 -42.16 22.22
N VAL B 15 -6.85 -41.72 21.93
CA VAL B 15 -7.09 -40.52 21.14
C VAL B 15 -7.58 -39.45 22.10
N GLY B 16 -6.90 -38.32 22.12
CA GLY B 16 -7.14 -37.32 23.15
C GLY B 16 -6.33 -37.50 24.40
N GLY B 17 -5.11 -38.01 24.27
CA GLY B 17 -4.25 -38.35 25.38
C GLY B 17 -3.72 -37.22 26.22
N THR B 18 -3.89 -35.96 25.83
CA THR B 18 -3.48 -34.87 26.69
C THR B 18 -4.66 -34.19 27.39
N GLY B 19 -5.87 -34.64 27.15
CA GLY B 19 -7.02 -34.11 27.86
C GLY B 19 -7.07 -34.58 29.29
N THR B 20 -8.08 -34.08 30.00
CA THR B 20 -8.22 -34.41 31.41
C THR B 20 -8.42 -35.90 31.61
N MET B 21 -9.35 -36.49 30.88
CA MET B 21 -9.54 -37.93 31.03
C MET B 21 -8.57 -38.72 30.16
N GLY B 22 -8.14 -38.14 29.02
CA GLY B 22 -7.20 -38.85 28.15
C GLY B 22 -5.89 -39.18 28.83
N ARG B 23 -5.30 -38.21 29.54
CA ARG B 23 -4.00 -38.44 30.16
C ARG B 23 -4.08 -39.57 31.20
N ARG B 24 -5.18 -39.66 31.93
CA ARG B 24 -5.28 -40.71 32.94
C ARG B 24 -5.48 -42.08 32.32
N ILE B 25 -6.16 -42.14 31.17
CA ILE B 25 -6.31 -43.40 30.47
C ILE B 25 -4.97 -43.87 29.93
N VAL B 26 -4.15 -42.95 29.43
CA VAL B 26 -2.82 -43.33 28.99
C VAL B 26 -2.05 -43.98 30.14
N ARG B 27 -1.98 -43.30 31.27
CA ARG B 27 -1.25 -43.85 32.42
C ARG B 27 -1.89 -45.16 32.89
N ALA B 28 -3.22 -45.24 32.89
CA ALA B 28 -3.88 -46.43 33.37
C ALA B 28 -3.62 -47.63 32.46
N CYS B 29 -3.58 -47.40 31.15
CA CYS B 29 -3.23 -48.46 30.22
C CYS B 29 -1.82 -48.96 30.47
N LEU B 30 -0.87 -48.04 30.65
CA LEU B 30 0.49 -48.45 30.96
C LEU B 30 0.53 -49.22 32.26
N ALA B 31 -0.08 -48.67 33.30
CA ALA B 31 -0.07 -49.34 34.60
C ALA B 31 -0.70 -50.72 34.51
N GLU B 32 -1.60 -50.93 33.57
CA GLU B 32 -2.21 -52.24 33.37
C GLU B 32 -1.35 -53.13 32.46
N GLY B 33 -0.22 -52.65 31.96
CA GLY B 33 0.64 -53.47 31.14
C GLY B 33 0.27 -53.56 29.68
N HIS B 34 -0.63 -52.70 29.19
CA HIS B 34 -0.93 -52.67 27.78
C HIS B 34 0.17 -51.95 27.02
N GLU B 35 0.41 -52.41 25.80
CA GLU B 35 1.26 -51.65 24.89
C GLU B 35 0.47 -50.45 24.42
N THR B 36 0.89 -49.27 24.84
CA THR B 36 0.07 -48.08 24.78
C THR B 36 0.60 -47.09 23.75
N TYR B 37 -0.26 -46.67 22.84
CA TYR B 37 0.04 -45.70 21.80
C TYR B 37 -0.82 -44.46 22.01
N VAL B 38 -0.25 -43.28 21.76
CA VAL B 38 -0.95 -42.02 21.94
C VAL B 38 -0.94 -41.28 20.61
N LEU B 39 -2.10 -40.82 20.19
CA LEU B 39 -2.19 -40.04 18.97
C LEU B 39 -1.53 -38.68 19.16
N GLN B 40 -0.66 -38.31 18.26
CA GLN B 40 0.04 -37.04 18.32
C GLN B 40 -0.42 -36.19 17.14
N GLN B 41 -1.25 -35.19 17.42
CA GLN B 41 -1.83 -34.33 16.39
C GLN B 41 -0.93 -33.15 16.10
N PRO B 42 -0.96 -32.64 14.87
CA PRO B 42 -0.05 -31.56 14.49
C PRO B 42 -0.19 -30.33 15.34
N GLU B 43 -1.41 -29.94 15.67
CA GLU B 43 -1.62 -28.68 16.38
C GLU B 43 -0.99 -28.68 17.76
N THR B 44 -0.60 -29.84 18.28
CA THR B 44 0.08 -29.88 19.56
C THR B 44 1.52 -29.37 19.48
N ARG B 45 2.05 -29.17 18.27
CA ARG B 45 3.44 -28.77 18.11
C ARG B 45 3.76 -27.44 18.79
N VAL B 46 2.76 -26.60 19.02
CA VAL B 46 2.95 -25.23 19.51
C VAL B 46 2.51 -25.05 20.96
N ASP B 47 2.10 -26.13 21.63
CA ASP B 47 1.50 -26.08 22.95
C ASP B 47 2.45 -26.77 23.93
N ILE B 48 3.21 -25.97 24.67
CA ILE B 48 4.24 -26.52 25.54
C ILE B 48 3.63 -27.55 26.48
N GLU B 49 2.42 -27.28 26.96
CA GLU B 49 1.78 -28.20 27.88
C GLU B 49 1.51 -29.55 27.22
N LYS B 50 1.03 -29.54 25.98
CA LYS B 50 0.73 -30.79 25.33
C LYS B 50 2.00 -31.53 24.96
N VAL B 51 3.01 -30.79 24.50
CA VAL B 51 4.27 -31.41 24.12
C VAL B 51 4.89 -32.13 25.31
N GLN B 52 4.98 -31.44 26.44
CA GLN B 52 5.55 -32.05 27.64
C GLN B 52 4.80 -33.32 28.04
N LEU B 53 3.47 -33.25 28.06
CA LEU B 53 2.67 -34.44 28.36
C LEU B 53 2.99 -35.58 27.40
N LEU B 54 2.83 -35.33 26.10
CA LEU B 54 3.06 -36.36 25.10
C LEU B 54 4.38 -37.07 25.32
N TYR B 55 5.47 -36.30 25.46
CA TYR B 55 6.77 -36.93 25.54
C TYR B 55 7.04 -37.50 26.92
N SER B 56 6.39 -36.99 27.95
CA SER B 56 6.48 -37.67 29.24
C SER B 56 5.89 -39.07 29.17
N TYR B 57 4.89 -39.31 28.30
CA TYR B 57 4.35 -40.65 28.15
C TYR B 57 5.41 -41.60 27.61
N LYS B 58 6.29 -41.11 26.72
CA LYS B 58 7.38 -41.91 26.19
C LYS B 58 8.29 -42.40 27.29
N ARG B 59 8.52 -41.59 28.31
CA ARG B 59 9.36 -42.04 29.41
C ARG B 59 8.71 -43.15 30.20
N LEU B 60 7.39 -43.27 30.16
CA LEU B 60 6.72 -44.35 30.86
C LEU B 60 6.53 -45.59 30.00
N GLY B 61 6.95 -45.57 28.73
CA GLY B 61 6.84 -46.72 27.87
C GLY B 61 5.78 -46.64 26.79
N ALA B 62 5.12 -45.51 26.63
CA ALA B 62 4.16 -45.32 25.58
C ALA B 62 4.85 -44.93 24.28
N ARG B 63 4.18 -45.20 23.16
CA ARG B 63 4.64 -44.77 21.84
C ARG B 63 3.72 -43.70 21.28
N LEU B 64 4.29 -42.72 20.61
CA LEU B 64 3.51 -41.66 19.98
C LEU B 64 3.30 -42.00 18.51
N ILE B 65 2.10 -41.74 18.01
CA ILE B 65 1.80 -41.88 16.60
C ILE B 65 1.32 -40.54 16.09
N GLU B 66 2.01 -40.02 15.08
CA GLU B 66 1.59 -38.79 14.44
C GLU B 66 0.50 -39.08 13.43
N ALA B 67 -0.60 -38.34 13.55
CA ALA B 67 -1.71 -38.45 12.64
C ALA B 67 -2.50 -37.17 12.77
N SER B 68 -3.29 -36.88 11.76
CA SER B 68 -4.12 -35.69 11.70
C SER B 68 -5.53 -36.10 11.29
N PHE B 69 -6.53 -35.49 11.91
CA PHE B 69 -7.89 -35.87 11.60
C PHE B 69 -8.31 -35.46 10.21
N SER B 70 -7.63 -34.49 9.61
CA SER B 70 -7.93 -34.08 8.24
C SER B 70 -7.12 -34.85 7.21
N ASP B 71 -6.62 -36.02 7.58
CA ASP B 71 -5.77 -36.83 6.71
C ASP B 71 -6.16 -38.27 6.98
N HIS B 72 -7.15 -38.76 6.23
CA HIS B 72 -7.73 -40.08 6.49
C HIS B 72 -6.67 -41.17 6.53
N GLN B 73 -5.71 -41.16 5.60
CA GLN B 73 -4.76 -42.26 5.54
C GLN B 73 -3.83 -42.29 6.74
N SER B 74 -3.57 -41.13 7.36
CA SER B 74 -2.79 -41.13 8.58
C SER B 74 -3.58 -41.73 9.74
N LEU B 75 -4.89 -41.52 9.77
CA LEU B 75 -5.73 -42.21 10.75
C LEU B 75 -5.70 -43.70 10.51
N VAL B 76 -5.93 -44.11 9.26
CA VAL B 76 -5.92 -45.54 8.96
C VAL B 76 -4.61 -46.17 9.42
N SER B 77 -3.51 -45.51 9.10
CA SER B 77 -2.21 -46.05 9.46
C SER B 77 -2.06 -46.15 10.97
N ALA B 78 -2.52 -45.14 11.71
CA ALA B 78 -2.45 -45.20 13.16
C ALA B 78 -3.20 -46.40 13.72
N VAL B 79 -4.45 -46.61 13.29
CA VAL B 79 -5.24 -47.67 13.91
C VAL B 79 -4.75 -49.04 13.52
N LYS B 80 -4.00 -49.16 12.42
CA LYS B 80 -3.51 -50.47 12.02
C LYS B 80 -2.41 -50.99 12.93
N GLN B 81 -1.81 -50.13 13.74
CA GLN B 81 -0.72 -50.52 14.60
C GLN B 81 -1.16 -51.00 15.96
N VAL B 82 -2.46 -50.99 16.25
CA VAL B 82 -2.98 -51.36 17.56
C VAL B 82 -4.13 -52.34 17.38
N ASP B 83 -4.66 -52.81 18.50
CA ASP B 83 -5.82 -53.67 18.52
C ASP B 83 -7.06 -52.99 19.06
N ILE B 84 -6.90 -51.96 19.86
CA ILE B 84 -8.02 -51.32 20.53
C ILE B 84 -7.82 -49.81 20.51
N VAL B 85 -8.92 -49.08 20.37
CA VAL B 85 -8.90 -47.63 20.34
C VAL B 85 -9.81 -47.11 21.45
N VAL B 86 -9.32 -46.15 22.21
CA VAL B 86 -10.09 -45.40 23.21
C VAL B 86 -9.98 -43.93 22.87
N ALA B 87 -11.10 -43.22 22.88
CA ALA B 87 -11.13 -41.79 22.68
C ALA B 87 -11.69 -41.09 23.91
N ALA B 88 -11.12 -39.92 24.23
CA ALA B 88 -11.59 -39.05 25.32
C ALA B 88 -11.45 -37.60 24.87
N MET B 89 -12.51 -37.05 24.30
CA MET B 89 -12.37 -35.96 23.37
C MET B 89 -12.83 -34.61 23.88
N SER B 90 -14.04 -34.46 24.42
CA SER B 90 -14.61 -33.09 24.50
C SER B 90 -13.62 -31.97 24.76
N ARG B 95 -20.46 -25.48 22.37
CA ARG B 95 -20.49 -24.97 21.01
C ARG B 95 -19.74 -25.87 20.00
N SER B 96 -18.94 -26.79 20.54
CA SER B 96 -17.93 -27.49 19.77
C SER B 96 -18.53 -28.60 18.92
N HIS B 97 -17.68 -29.22 18.10
CA HIS B 97 -18.02 -30.46 17.43
C HIS B 97 -16.93 -31.50 17.63
N SER B 98 -16.16 -31.36 18.70
CA SER B 98 -15.01 -32.25 18.93
C SER B 98 -15.46 -33.69 19.14
N ILE B 99 -16.62 -33.91 19.75
CA ILE B 99 -17.17 -35.27 19.81
C ILE B 99 -17.31 -35.85 18.42
N LEU B 100 -17.78 -35.05 17.47
CA LEU B 100 -18.12 -35.57 16.16
C LEU B 100 -16.91 -35.92 15.31
N VAL B 101 -15.71 -35.46 15.64
CA VAL B 101 -14.54 -35.88 14.88
C VAL B 101 -14.26 -37.36 15.04
N GLN B 102 -14.85 -38.00 16.05
CA GLN B 102 -14.74 -39.44 16.15
C GLN B 102 -15.38 -40.14 14.96
N LEU B 103 -16.24 -39.44 14.21
CA LEU B 103 -16.79 -40.03 12.99
C LEU B 103 -15.68 -40.36 12.00
N LYS B 104 -14.66 -39.51 11.91
CA LYS B 104 -13.53 -39.81 11.04
C LYS B 104 -12.71 -40.97 11.58
N LEU B 105 -12.62 -41.07 12.91
CA LEU B 105 -12.01 -42.24 13.52
C LEU B 105 -12.77 -43.51 13.16
N VAL B 106 -14.11 -43.45 13.20
CA VAL B 106 -14.90 -44.60 12.83
C VAL B 106 -14.60 -45.01 11.40
N GLU B 107 -14.60 -44.04 10.48
CA GLU B 107 -14.33 -44.37 9.09
C GLU B 107 -12.95 -44.99 8.93
N ALA B 108 -11.96 -44.52 9.69
CA ALA B 108 -10.63 -45.11 9.58
C ALA B 108 -10.61 -46.54 10.12
N ILE B 109 -11.22 -46.76 11.28
CA ILE B 109 -11.25 -48.09 11.85
C ILE B 109 -11.98 -49.05 10.94
N LYS B 110 -13.08 -48.60 10.34
CA LYS B 110 -13.78 -49.49 9.43
C LYS B 110 -12.88 -49.92 8.29
N GLU B 111 -12.15 -48.98 7.70
CA GLU B 111 -11.26 -49.36 6.61
C GLU B 111 -10.14 -50.28 7.08
N ALA B 112 -9.54 -50.00 8.25
CA ALA B 112 -8.38 -50.78 8.69
C ALA B 112 -8.76 -52.23 8.98
N GLY B 113 -9.92 -52.47 9.56
CA GLY B 113 -10.45 -53.80 9.71
C GLY B 113 -9.87 -54.61 10.84
N ASN B 114 -8.80 -54.15 11.48
CA ASN B 114 -8.04 -54.95 12.44
C ASN B 114 -8.41 -54.68 13.88
N ILE B 115 -9.38 -53.83 14.16
CA ILE B 115 -9.62 -53.34 15.51
C ILE B 115 -10.63 -54.22 16.21
N LYS B 116 -10.27 -54.71 17.39
CA LYS B 116 -11.16 -55.59 18.15
C LYS B 116 -12.12 -54.84 19.06
N ARG B 117 -11.84 -53.57 19.39
CA ARG B 117 -12.79 -52.83 20.18
C ARG B 117 -12.49 -51.34 20.09
N PHE B 118 -13.54 -50.55 20.07
CA PHE B 118 -13.47 -49.11 20.12
C PHE B 118 -14.30 -48.66 21.30
N LEU B 119 -13.68 -47.90 22.19
CA LEU B 119 -14.40 -47.24 23.28
C LEU B 119 -14.45 -45.77 22.94
N PRO B 120 -15.59 -45.25 22.53
CA PRO B 120 -15.68 -43.84 22.17
C PRO B 120 -15.71 -42.95 23.41
N SER B 121 -15.66 -41.65 23.15
CA SER B 121 -15.57 -40.63 24.18
C SER B 121 -16.89 -40.50 24.90
N GLU B 122 -17.06 -41.27 25.97
CA GLU B 122 -18.28 -41.19 26.76
C GLU B 122 -17.95 -40.63 28.13
N PHE B 123 -17.95 -41.47 29.18
CA PHE B 123 -17.45 -41.11 30.51
C PHE B 123 -18.27 -40.02 31.19
N GLY B 124 -19.55 -39.88 30.84
CA GLY B 124 -20.44 -38.93 31.49
C GLY B 124 -21.75 -39.59 31.84
N MET B 125 -22.83 -38.79 31.80
CA MET B 125 -24.16 -39.38 31.86
C MET B 125 -24.39 -40.23 30.61
N ASP B 126 -25.14 -41.30 30.76
CA ASP B 126 -25.50 -42.11 29.60
C ASP B 126 -26.35 -41.29 28.65
N PRO B 127 -25.83 -40.86 27.49
CA PRO B 127 -26.64 -40.05 26.57
C PRO B 127 -27.87 -40.76 26.04
N SER B 128 -27.93 -42.09 26.11
CA SER B 128 -29.08 -42.82 25.62
C SER B 128 -30.28 -42.71 26.54
N ARG B 129 -30.11 -42.15 27.73
CA ARG B 129 -31.17 -42.06 28.73
C ARG B 129 -31.82 -40.69 28.81
N MET B 130 -31.45 -39.78 27.92
CA MET B 130 -32.00 -38.42 27.93
C MET B 130 -33.10 -38.29 26.88
N GLY B 131 -34.25 -37.77 27.30
CA GLY B 131 -35.35 -37.51 26.40
C GLY B 131 -35.72 -36.03 26.38
N ARG B 138 -27.93 -31.02 26.48
CA ARG B 138 -28.87 -30.76 25.41
C ARG B 138 -28.43 -31.47 24.12
N GLU B 139 -27.33 -31.00 23.53
CA GLU B 139 -26.82 -31.54 22.28
C GLU B 139 -25.60 -32.43 22.44
N THR B 140 -24.89 -32.35 23.57
CA THR B 140 -23.81 -33.29 23.83
C THR B 140 -24.29 -34.71 23.66
N PHE B 141 -25.43 -35.03 24.29
CA PHE B 141 -26.02 -36.36 24.18
C PHE B 141 -26.24 -36.73 22.73
N ASP B 142 -26.76 -35.80 21.92
CA ASP B 142 -27.04 -36.05 20.52
C ASP B 142 -25.79 -36.44 19.74
N GLN B 143 -24.70 -35.70 19.92
CA GLN B 143 -23.50 -36.01 19.16
C GLN B 143 -22.91 -37.36 19.56
N LYS B 144 -22.97 -37.69 20.85
CA LYS B 144 -22.47 -38.99 21.29
C LYS B 144 -23.29 -40.13 20.70
N LEU B 145 -24.61 -39.97 20.66
CA LEU B 145 -25.46 -40.97 20.02
C LEU B 145 -25.11 -41.11 18.56
N GLU B 146 -24.86 -39.99 17.89
CA GLU B 146 -24.50 -40.03 16.49
C GLU B 146 -23.27 -40.90 16.28
N VAL B 147 -22.27 -40.74 17.16
CA VAL B 147 -21.07 -41.57 17.10
C VAL B 147 -21.40 -43.04 17.37
N ARG B 148 -22.24 -43.30 18.38
CA ARG B 148 -22.70 -44.65 18.62
C ARG B 148 -23.33 -45.25 17.37
N ASN B 149 -24.22 -44.52 16.72
CA ASN B 149 -24.89 -45.07 15.54
C ASN B 149 -23.90 -45.44 14.45
N ALA B 150 -22.82 -44.65 14.29
CA ALA B 150 -21.87 -44.97 13.24
C ALA B 150 -20.95 -46.12 13.65
N ILE B 151 -20.64 -46.24 14.94
CA ILE B 151 -19.91 -47.40 15.41
C ILE B 151 -20.69 -48.67 15.10
N GLU B 152 -21.98 -48.67 15.43
CA GLU B 152 -22.77 -49.89 15.33
C GLU B 152 -23.13 -50.22 13.89
N ALA B 153 -23.37 -49.21 13.06
CA ALA B 153 -23.59 -49.47 11.64
C ALA B 153 -22.34 -50.07 10.99
N ALA B 154 -21.17 -49.69 11.44
CA ALA B 154 -19.96 -50.24 10.86
C ALA B 154 -19.65 -51.62 11.40
N GLY B 155 -20.37 -52.06 12.42
CA GLY B 155 -20.10 -53.36 13.01
C GLY B 155 -18.86 -53.40 13.84
N ILE B 156 -18.41 -52.26 14.36
CA ILE B 156 -17.20 -52.19 15.16
C ILE B 156 -17.54 -52.51 16.60
N PRO B 157 -16.96 -53.55 17.19
CA PRO B 157 -17.27 -53.87 18.57
C PRO B 157 -16.88 -52.73 19.49
N HIS B 158 -17.71 -52.51 20.51
CA HIS B 158 -17.63 -51.31 21.31
C HIS B 158 -17.80 -51.65 22.78
N THR B 159 -17.40 -50.70 23.62
CA THR B 159 -17.81 -50.65 25.01
C THR B 159 -18.05 -49.19 25.36
N TYR B 160 -19.16 -48.92 26.02
CA TYR B 160 -19.53 -47.57 26.42
C TYR B 160 -19.39 -47.45 27.93
N VAL B 161 -18.48 -46.58 28.38
CA VAL B 161 -18.22 -46.37 29.81
C VAL B 161 -18.91 -45.09 30.25
N VAL B 162 -19.89 -45.21 31.14
CA VAL B 162 -20.80 -44.11 31.44
C VAL B 162 -21.11 -44.11 32.93
N GLY B 163 -21.81 -43.07 33.36
CA GLY B 163 -22.59 -43.12 34.57
C GLY B 163 -22.06 -42.41 35.79
N ALA B 164 -20.98 -41.64 35.70
CA ALA B 164 -20.37 -41.07 36.90
C ALA B 164 -20.10 -39.58 36.77
N CYS B 165 -20.14 -38.90 37.91
CA CYS B 165 -19.65 -37.53 38.03
C CYS B 165 -18.16 -37.53 38.35
N PHE B 166 -17.38 -36.78 37.57
CA PHE B 166 -15.97 -36.56 37.88
C PHE B 166 -15.82 -35.91 39.24
N ALA B 167 -15.11 -36.57 40.15
CA ALA B 167 -14.89 -36.00 41.47
C ALA B 167 -14.35 -34.58 41.41
N ALA B 168 -13.50 -34.27 40.43
CA ALA B 168 -12.89 -32.95 40.38
C ALA B 168 -13.92 -31.86 40.12
N TYR B 169 -14.88 -32.13 39.26
CA TYR B 169 -15.84 -31.12 38.87
C TYR B 169 -17.07 -31.08 39.76
N PHE B 170 -17.25 -32.06 40.64
CA PHE B 170 -18.48 -32.12 41.42
C PHE B 170 -18.23 -32.45 42.89
N ALA B 171 -17.16 -33.16 43.20
CA ALA B 171 -16.89 -33.46 44.61
C ALA B 171 -15.99 -32.43 45.28
N GLY B 172 -14.88 -32.08 44.63
CA GLY B 172 -13.92 -31.16 45.23
C GLY B 172 -14.51 -29.82 45.57
N ASN B 173 -15.53 -29.38 44.85
CA ASN B 173 -16.17 -28.11 45.12
C ASN B 173 -17.49 -28.28 45.87
N LEU B 174 -17.71 -29.46 46.44
CA LEU B 174 -18.96 -29.83 47.10
C LEU B 174 -20.16 -29.51 46.20
N SER B 175 -19.98 -29.68 44.89
CA SER B 175 -20.98 -29.44 43.87
C SER B 175 -21.34 -27.98 43.66
N GLN B 176 -20.57 -27.04 44.20
CA GLN B 176 -20.80 -25.64 43.90
C GLN B 176 -20.27 -25.31 42.51
N MET B 177 -20.55 -24.12 42.04
CA MET B 177 -20.23 -23.76 40.68
C MET B 177 -19.31 -22.55 40.60
N GLY B 178 -18.53 -22.49 39.53
CA GLY B 178 -17.53 -21.46 39.41
C GLY B 178 -16.27 -21.70 40.20
N THR B 179 -16.14 -22.84 40.87
CA THR B 179 -14.96 -23.12 41.65
C THR B 179 -14.72 -24.62 41.68
N LEU B 180 -13.49 -24.98 42.01
CA LEU B 180 -13.07 -26.36 42.08
C LEU B 180 -12.62 -26.77 43.48
N ILE B 181 -12.64 -25.87 44.45
CA ILE B 181 -12.21 -26.22 45.80
C ILE B 181 -13.39 -26.01 46.72
N PRO B 182 -13.38 -26.63 47.89
CA PRO B 182 -14.52 -26.47 48.79
C PRO B 182 -14.66 -25.03 49.22
N PRO B 183 -15.88 -24.59 49.51
CA PRO B 183 -16.10 -23.21 49.94
C PRO B 183 -15.70 -23.05 51.40
N LYS B 184 -15.47 -21.80 51.77
CA LYS B 184 -14.97 -21.54 53.13
C LYS B 184 -16.08 -21.42 54.15
N LYS B 185 -17.23 -20.88 53.80
CA LYS B 185 -18.25 -20.66 54.81
C LYS B 185 -19.62 -21.18 54.41
N LYS B 186 -20.08 -20.81 53.21
CA LYS B 186 -21.43 -21.08 52.76
C LYS B 186 -21.43 -22.14 51.68
N VAL B 187 -22.53 -22.86 51.57
CA VAL B 187 -22.71 -23.87 50.54
C VAL B 187 -24.16 -23.87 50.09
N ASN B 188 -24.40 -23.74 48.80
CA ASN B 188 -25.74 -23.95 48.27
C ASN B 188 -26.09 -25.44 48.29
N ILE B 189 -27.32 -25.74 48.69
CA ILE B 189 -27.85 -27.09 48.66
C ILE B 189 -28.93 -27.13 47.60
N TYR B 190 -28.88 -28.12 46.72
CA TYR B 190 -29.84 -28.23 45.65
C TYR B 190 -31.00 -29.10 46.11
N GLY B 191 -32.21 -28.53 46.07
CA GLY B 191 -33.36 -29.19 46.64
C GLY B 191 -33.14 -29.43 48.12
N ASP B 192 -33.58 -30.59 48.60
CA ASP B 192 -33.24 -31.02 49.95
C ASP B 192 -31.84 -31.61 50.02
N GLY B 193 -31.10 -31.60 48.92
CA GLY B 193 -29.81 -32.25 48.88
C GLY B 193 -29.90 -33.73 49.16
N ASN B 194 -31.02 -34.36 48.83
CA ASN B 194 -31.27 -35.75 49.17
C ASN B 194 -31.51 -36.59 47.94
N VAL B 195 -30.98 -36.15 46.80
CA VAL B 195 -30.94 -36.94 45.58
C VAL B 195 -29.58 -37.63 45.53
N LYS B 196 -29.58 -38.94 45.29
CA LYS B 196 -28.33 -39.67 45.17
C LYS B 196 -27.62 -39.30 43.86
N VAL B 197 -26.31 -39.14 43.95
CA VAL B 197 -25.44 -38.80 42.84
C VAL B 197 -24.23 -39.70 42.95
N VAL B 198 -23.52 -39.91 41.84
CA VAL B 198 -22.36 -40.79 41.82
C VAL B 198 -21.09 -39.95 41.64
N TYR B 199 -20.27 -39.89 42.68
CA TYR B 199 -19.03 -39.13 42.69
C TYR B 199 -17.84 -40.07 42.56
N VAL B 200 -17.07 -39.96 41.50
CA VAL B 200 -16.00 -40.91 41.25
C VAL B 200 -14.72 -40.18 40.89
N ASP B 201 -13.62 -40.60 41.52
CA ASP B 201 -12.29 -40.12 41.17
C ASP B 201 -11.99 -40.45 39.72
N GLU B 202 -11.65 -39.43 38.94
CA GLU B 202 -11.37 -39.63 37.52
C GLU B 202 -10.30 -40.68 37.28
N ASP B 203 -9.35 -40.83 38.21
CA ASP B 203 -8.36 -41.89 38.07
C ASP B 203 -8.99 -43.26 38.13
N ASP B 204 -10.05 -43.42 38.91
CA ASP B 204 -10.68 -44.74 39.00
C ASP B 204 -11.46 -45.05 37.74
N ILE B 205 -12.09 -44.05 37.14
CA ILE B 205 -12.74 -44.21 35.84
C ILE B 205 -11.74 -44.67 34.80
N ALA B 206 -10.55 -44.09 34.81
CA ALA B 206 -9.50 -44.48 33.89
C ALA B 206 -9.07 -45.92 34.15
N GLU B 207 -8.84 -46.29 35.40
CA GLU B 207 -8.43 -47.66 35.68
C GLU B 207 -9.52 -48.66 35.27
N TYR B 208 -10.77 -48.39 35.62
CA TYR B 208 -11.86 -49.26 35.17
C TYR B 208 -11.85 -49.38 33.65
N THR B 209 -11.71 -48.25 32.95
CA THR B 209 -11.66 -48.26 31.50
C THR B 209 -10.56 -49.17 30.99
N ALA B 210 -9.37 -49.06 31.58
CA ALA B 210 -8.23 -49.85 31.15
C ALA B 210 -8.44 -51.33 31.43
N LYS B 211 -9.15 -51.65 32.51
CA LYS B 211 -9.46 -53.04 32.81
C LYS B 211 -10.56 -53.60 31.93
N THR B 212 -11.48 -52.77 31.48
CA THR B 212 -12.60 -53.27 30.69
C THR B 212 -12.31 -53.39 29.20
N LEU B 213 -11.35 -52.63 28.65
CA LEU B 213 -11.27 -52.51 27.19
C LEU B 213 -10.92 -53.82 26.50
N ASP B 214 -10.42 -54.82 27.21
CA ASP B 214 -10.24 -56.14 26.60
C ASP B 214 -10.85 -57.24 27.46
N ASP B 215 -11.85 -56.88 28.26
CA ASP B 215 -12.56 -57.83 29.08
C ASP B 215 -13.65 -58.48 28.26
N PRO B 216 -13.64 -59.80 28.09
CA PRO B 216 -14.63 -60.41 27.19
C PRO B 216 -16.05 -60.24 27.69
N ARG B 217 -16.24 -60.02 28.99
CA ARG B 217 -17.57 -59.83 29.57
C ARG B 217 -18.24 -58.54 29.18
N THR B 218 -17.54 -57.58 28.61
CA THR B 218 -18.13 -56.26 28.36
C THR B 218 -18.06 -55.84 26.90
N ILE B 219 -17.70 -56.74 25.99
CA ILE B 219 -17.72 -56.36 24.59
C ILE B 219 -19.16 -56.06 24.17
N ASN B 220 -19.35 -54.95 23.47
CA ASN B 220 -20.67 -54.56 22.97
C ASN B 220 -21.66 -54.35 24.10
N LYS B 221 -21.17 -53.87 25.23
CA LYS B 221 -21.98 -53.58 26.40
C LYS B 221 -21.75 -52.13 26.82
N THR B 222 -22.68 -51.63 27.63
CA THR B 222 -22.47 -50.42 28.41
C THR B 222 -22.01 -50.80 29.81
N VAL B 223 -20.95 -50.15 30.29
CA VAL B 223 -20.43 -50.39 31.64
C VAL B 223 -20.72 -49.17 32.48
N TYR B 224 -21.46 -49.35 33.56
CA TYR B 224 -21.77 -48.25 34.45
C TYR B 224 -20.72 -48.20 35.56
N VAL B 225 -20.18 -47.02 35.79
CA VAL B 225 -19.20 -46.80 36.83
C VAL B 225 -19.99 -46.26 38.01
N ARG B 226 -20.37 -47.14 38.93
CA ARG B 226 -21.18 -46.74 40.08
C ARG B 226 -20.62 -47.41 41.31
N PRO B 227 -19.45 -46.98 41.76
CA PRO B 227 -18.86 -47.56 42.97
C PRO B 227 -19.78 -47.34 44.16
N THR B 228 -20.10 -48.43 44.83
CA THR B 228 -21.25 -48.43 45.73
C THR B 228 -21.14 -47.35 46.80
N GLU B 229 -20.01 -47.31 47.49
CA GLU B 229 -19.86 -46.38 48.59
C GLU B 229 -19.81 -44.93 48.14
N ASN B 230 -19.81 -44.66 46.83
CA ASN B 230 -19.74 -43.31 46.30
C ASN B 230 -21.05 -42.86 45.70
N VAL B 231 -22.12 -43.63 45.91
CA VAL B 231 -23.48 -43.19 45.62
C VAL B 231 -23.93 -42.38 46.83
N LEU B 232 -23.81 -41.06 46.74
CA LEU B 232 -24.04 -40.16 47.85
C LEU B 232 -24.99 -39.05 47.44
N THR B 233 -25.75 -38.57 48.39
CA THR B 233 -26.49 -37.35 48.16
C THR B 233 -25.56 -36.16 48.39
N GLN B 234 -25.92 -35.00 47.83
CA GLN B 234 -25.05 -33.86 48.01
C GLN B 234 -24.91 -33.48 49.49
N MET B 235 -25.93 -33.78 50.29
CA MET B 235 -25.83 -33.45 51.71
C MET B 235 -24.93 -34.43 52.43
N GLU B 236 -24.95 -35.70 52.02
CA GLU B 236 -24.00 -36.65 52.56
C GLU B 236 -22.56 -36.24 52.24
N LEU B 237 -22.34 -35.76 51.01
CA LEU B 237 -21.01 -35.28 50.64
C LEU B 237 -20.62 -34.07 51.47
N VAL B 238 -21.57 -33.14 51.64
CA VAL B 238 -21.30 -31.98 52.48
C VAL B 238 -20.93 -32.41 53.89
N GLN B 239 -21.63 -33.40 54.43
CA GLN B 239 -21.34 -33.83 55.79
C GLN B 239 -20.06 -34.64 55.89
N ILE B 240 -19.58 -35.22 54.79
CA ILE B 240 -18.24 -35.80 54.82
C ILE B 240 -17.21 -34.70 55.03
N TRP B 241 -17.41 -33.56 54.38
CA TRP B 241 -16.45 -32.49 54.48
C TRP B 241 -16.51 -31.85 55.85
N GLU B 242 -17.73 -31.64 56.37
CA GLU B 242 -17.90 -31.07 57.70
C GLU B 242 -17.26 -31.94 58.77
N LYS B 243 -17.37 -33.25 58.64
CA LYS B 243 -16.68 -34.10 59.60
C LYS B 243 -15.17 -33.94 59.47
N LEU B 244 -14.68 -33.67 58.27
CA LEU B 244 -13.24 -33.51 58.08
C LEU B 244 -12.76 -32.21 58.69
N THR B 245 -13.56 -31.15 58.56
CA THR B 245 -13.17 -29.85 59.11
C THR B 245 -13.60 -29.64 60.55
N GLY B 246 -14.62 -30.34 61.03
CA GLY B 246 -15.19 -30.08 62.34
C GLY B 246 -15.98 -28.79 62.43
N LYS B 247 -16.28 -28.16 61.29
CA LYS B 247 -17.04 -26.91 61.27
C LYS B 247 -18.17 -27.06 60.26
N GLU B 248 -19.39 -26.73 60.67
CA GLU B 248 -20.51 -26.84 59.75
C GLU B 248 -20.54 -25.66 58.81
N LEU B 249 -21.13 -25.86 57.65
CA LEU B 249 -21.25 -24.83 56.64
C LEU B 249 -22.64 -24.21 56.67
N GLU B 250 -22.72 -22.92 56.39
CA GLU B 250 -24.00 -22.23 56.30
C GLU B 250 -24.69 -22.67 55.03
N LYS B 251 -25.82 -23.38 55.15
CA LYS B 251 -26.50 -23.94 54.00
C LYS B 251 -27.69 -23.09 53.60
N THR B 252 -27.88 -22.92 52.30
CA THR B 252 -29.08 -22.27 51.79
C THR B 252 -29.61 -23.10 50.64
N ASN B 253 -30.80 -23.66 50.81
CA ASN B 253 -31.36 -24.56 49.82
C ASN B 253 -31.80 -23.80 48.58
N ILE B 254 -31.85 -24.50 47.46
CA ILE B 254 -32.18 -23.93 46.17
C ILE B 254 -33.19 -24.85 45.50
N SER B 255 -34.39 -24.32 45.24
CA SER B 255 -35.50 -25.15 44.81
C SER B 255 -35.45 -25.39 43.30
N ALA B 256 -36.22 -26.37 42.85
CA ALA B 256 -36.21 -26.72 41.44
C ALA B 256 -36.57 -25.51 40.58
N ASN B 257 -37.59 -24.75 40.97
CA ASN B 257 -37.90 -23.54 40.22
C ASN B 257 -36.78 -22.53 40.32
N ASP B 258 -36.25 -22.32 41.53
CA ASP B 258 -35.10 -21.45 41.68
C ASP B 258 -34.02 -21.80 40.67
N PHE B 259 -33.60 -23.06 40.65
CA PHE B 259 -32.48 -23.44 39.80
C PHE B 259 -32.79 -23.14 38.36
N LEU B 260 -34.02 -23.42 37.93
CA LEU B 260 -34.35 -23.20 36.53
C LEU B 260 -34.31 -21.72 36.19
N ALA B 261 -33.58 -20.94 36.98
CA ALA B 261 -33.14 -19.59 36.61
C ALA B 261 -31.85 -19.70 35.79
N ASP B 262 -32.02 -20.12 34.55
CA ASP B 262 -30.96 -20.13 33.55
C ASP B 262 -31.08 -18.91 32.64
N ILE B 263 -31.50 -17.77 33.20
CA ILE B 263 -31.65 -16.54 32.45
C ILE B 263 -32.51 -16.78 31.21
N PRO B 269 -28.28 -17.44 28.47
CA PRO B 269 -27.19 -17.31 27.50
C PRO B 269 -26.71 -18.65 26.92
N HIS B 270 -25.72 -19.28 27.57
CA HIS B 270 -25.06 -20.50 27.06
C HIS B 270 -25.07 -21.56 28.15
N GLN B 271 -26.20 -22.24 28.31
CA GLN B 271 -26.60 -22.86 29.57
C GLN B 271 -26.76 -24.37 29.48
N ALA B 272 -26.03 -25.03 28.58
CA ALA B 272 -26.09 -26.49 28.54
C ALA B 272 -25.59 -27.09 29.85
N GLY B 273 -24.49 -26.57 30.39
CA GLY B 273 -23.95 -27.04 31.65
C GLY B 273 -24.97 -27.08 32.76
N LEU B 274 -25.52 -25.93 33.15
CA LEU B 274 -26.71 -25.93 33.97
C LEU B 274 -27.78 -26.72 33.24
N GLY B 275 -28.51 -27.57 33.96
CA GLY B 275 -29.50 -28.33 33.20
C GLY B 275 -29.06 -29.76 33.04
N HIS B 276 -27.88 -29.99 32.44
CA HIS B 276 -27.15 -31.20 32.78
C HIS B 276 -27.10 -31.36 34.29
N PHE B 277 -26.60 -30.32 34.97
CA PHE B 277 -26.60 -30.28 36.42
C PHE B 277 -27.98 -30.56 36.97
N TYR B 278 -29.01 -29.98 36.34
CA TYR B 278 -30.36 -30.16 36.85
C TYR B 278 -30.78 -31.62 36.79
N HIS B 279 -30.47 -32.30 35.70
CA HIS B 279 -30.80 -33.72 35.61
C HIS B 279 -30.13 -34.50 36.72
N ILE B 280 -28.89 -34.15 37.05
CA ILE B 280 -28.15 -34.93 38.04
C ILE B 280 -28.70 -34.68 39.44
N PHE B 281 -28.77 -33.42 39.83
CA PHE B 281 -28.98 -33.05 41.21
C PHE B 281 -30.44 -32.88 41.59
N TYR B 282 -31.34 -32.70 40.63
CA TYR B 282 -32.76 -32.56 40.93
C TYR B 282 -33.59 -33.74 40.45
N GLU B 283 -33.26 -34.33 39.31
CA GLU B 283 -34.00 -35.46 38.79
C GLU B 283 -33.40 -36.81 39.16
N GLY B 284 -32.16 -36.85 39.64
CA GLY B 284 -31.55 -38.12 40.00
C GLY B 284 -31.16 -38.97 38.82
N CYS B 285 -30.85 -38.37 37.67
CA CYS B 285 -30.72 -39.17 36.46
C CYS B 285 -29.56 -40.16 36.53
N LEU B 286 -28.62 -39.97 37.45
CA LEU B 286 -27.54 -40.93 37.58
C LEU B 286 -27.92 -42.14 38.43
N THR B 287 -29.03 -42.08 39.16
CA THR B 287 -29.36 -43.15 40.09
C THR B 287 -30.82 -43.56 40.02
N ASP B 288 -31.57 -43.12 39.03
CA ASP B 288 -32.99 -43.46 38.96
C ASP B 288 -33.21 -44.75 38.20
N HIS B 289 -32.17 -45.57 38.09
CA HIS B 289 -32.23 -46.82 37.33
C HIS B 289 -31.23 -47.80 37.91
N GLU B 290 -31.65 -49.03 38.10
CA GLU B 290 -30.76 -50.03 38.65
C GLU B 290 -29.83 -50.56 37.58
N VAL B 291 -28.59 -50.84 37.96
CA VAL B 291 -27.61 -51.44 37.08
C VAL B 291 -27.22 -52.77 37.69
N GLY B 292 -27.08 -53.79 36.86
CA GLY B 292 -26.74 -55.10 37.37
C GLY B 292 -25.27 -55.26 37.65
N ASP B 293 -24.94 -56.28 38.44
CA ASP B 293 -23.56 -56.45 38.82
C ASP B 293 -22.68 -56.79 37.63
N ASP B 294 -23.25 -57.45 36.63
CA ASP B 294 -22.52 -57.84 35.43
C ASP B 294 -22.22 -56.67 34.50
N GLU B 295 -22.72 -55.48 34.81
CA GLU B 295 -22.49 -54.28 34.02
C GLU B 295 -22.00 -53.11 34.87
N GLU B 296 -21.63 -53.33 36.13
CA GLU B 296 -21.18 -52.24 36.99
C GLU B 296 -19.69 -52.42 37.31
N ALA B 297 -18.92 -51.34 37.10
CA ALA B 297 -17.46 -51.44 37.08
C ALA B 297 -16.88 -51.93 38.41
N SER B 298 -17.39 -51.42 39.53
CA SER B 298 -16.78 -51.85 40.79
C SER B 298 -17.08 -53.31 41.09
N LYS B 299 -18.14 -53.88 40.53
CA LYS B 299 -18.40 -55.31 40.64
C LYS B 299 -17.66 -56.12 39.59
N LEU B 300 -17.52 -55.59 38.38
CA LEU B 300 -16.70 -56.30 37.40
C LEU B 300 -15.26 -56.38 37.84
N TYR B 301 -14.76 -55.35 38.54
CA TYR B 301 -13.34 -55.22 38.89
C TYR B 301 -13.25 -54.84 40.35
N PRO B 302 -13.49 -55.79 41.26
CA PRO B 302 -13.53 -55.47 42.68
C PRO B 302 -12.16 -55.24 43.28
N ASP B 303 -11.08 -55.53 42.56
CA ASP B 303 -9.75 -55.28 43.07
C ASP B 303 -9.34 -53.82 42.94
N VAL B 304 -10.11 -53.01 42.23
CA VAL B 304 -9.85 -51.59 42.14
C VAL B 304 -10.34 -50.98 43.44
N LYS B 305 -9.42 -50.51 44.27
CA LYS B 305 -9.73 -49.86 45.54
C LYS B 305 -10.03 -48.41 45.23
N TYR B 306 -11.27 -48.13 44.90
CA TYR B 306 -11.62 -46.80 44.45
C TYR B 306 -11.53 -45.81 45.61
N THR B 307 -11.20 -44.57 45.27
CA THR B 307 -11.16 -43.51 46.28
C THR B 307 -12.56 -43.21 46.77
N ARG B 308 -12.81 -43.36 48.07
CA ARG B 308 -14.06 -42.87 48.61
C ARG B 308 -13.91 -41.36 48.80
N MET B 309 -15.04 -40.68 48.97
CA MET B 309 -14.97 -39.23 48.90
C MET B 309 -14.41 -38.59 50.17
N ASP B 310 -14.33 -39.31 51.29
CA ASP B 310 -13.62 -38.76 52.44
C ASP B 310 -12.13 -38.74 52.18
N GLU B 311 -11.61 -39.77 51.52
CA GLU B 311 -10.21 -39.76 51.13
C GLU B 311 -9.94 -38.76 50.01
N TYR B 312 -10.90 -38.58 49.08
CA TYR B 312 -10.66 -37.66 47.98
C TYR B 312 -10.55 -36.23 48.45
N LEU B 313 -11.29 -35.88 49.51
CA LEU B 313 -11.39 -34.51 49.95
C LEU B 313 -10.29 -34.09 50.92
N LYS B 314 -9.54 -35.03 51.50
CA LYS B 314 -8.52 -34.67 52.47
C LYS B 314 -7.51 -33.68 51.89
N ILE B 315 -7.16 -33.82 50.62
CA ILE B 315 -6.11 -32.97 50.06
C ILE B 315 -6.47 -31.51 50.14
N PHE B 316 -7.73 -31.17 50.34
CA PHE B 316 -8.11 -29.77 50.42
C PHE B 316 -8.03 -29.22 51.82
N LEU B 317 -7.82 -30.06 52.82
CA LEU B 317 -7.73 -29.57 54.21
C LEU B 317 -6.54 -28.63 54.42
N GLU C 8 8.12 -1.91 -23.00
CA GLU C 8 7.31 -3.12 -22.94
C GLU C 8 7.90 -4.17 -23.86
N LYS C 9 9.10 -3.90 -24.35
CA LYS C 9 9.87 -4.89 -25.10
C LYS C 9 10.58 -5.81 -24.13
N THR C 10 10.56 -7.11 -24.43
CA THR C 10 11.37 -8.04 -23.65
C THR C 10 12.84 -7.73 -23.85
N ARG C 11 13.62 -7.86 -22.79
CA ARG C 11 15.05 -7.61 -22.88
C ARG C 11 15.79 -8.94 -22.84
N VAL C 12 16.60 -9.20 -23.86
CA VAL C 12 17.25 -10.49 -24.07
C VAL C 12 18.75 -10.29 -24.11
N LEU C 13 19.46 -11.08 -23.32
CA LEU C 13 20.91 -11.17 -23.39
C LEU C 13 21.29 -12.41 -24.18
N VAL C 14 22.12 -12.24 -25.19
CA VAL C 14 22.61 -13.34 -26.01
C VAL C 14 24.05 -13.62 -25.61
N VAL C 15 24.31 -14.85 -25.18
CA VAL C 15 25.62 -15.32 -24.78
C VAL C 15 26.11 -16.22 -25.89
N GLY C 16 27.33 -15.98 -26.37
CA GLY C 16 27.81 -16.68 -27.55
C GLY C 16 27.38 -16.03 -28.84
N GLY C 17 27.29 -14.72 -28.85
CA GLY C 17 26.74 -13.95 -29.94
C GLY C 17 27.55 -13.87 -31.20
N THR C 18 28.81 -14.32 -31.24
CA THR C 18 29.55 -14.30 -32.50
C THR C 18 29.73 -15.68 -33.11
N GLY C 19 29.11 -16.70 -32.54
CA GLY C 19 29.12 -18.02 -33.14
C GLY C 19 28.13 -18.15 -34.29
N THR C 20 28.19 -19.31 -34.95
CA THR C 20 27.31 -19.61 -36.06
C THR C 20 25.84 -19.41 -35.67
N MET C 21 25.38 -20.09 -34.63
CA MET C 21 24.00 -19.91 -34.22
C MET C 21 23.83 -18.59 -33.49
N GLY C 22 24.83 -18.20 -32.70
CA GLY C 22 24.72 -17.00 -31.88
C GLY C 22 24.46 -15.74 -32.67
N ARG C 23 25.15 -15.57 -33.79
CA ARG C 23 24.96 -14.34 -34.54
C ARG C 23 23.56 -14.27 -35.12
N ARG C 24 22.99 -15.40 -35.49
CA ARG C 24 21.64 -15.37 -36.05
C ARG C 24 20.61 -15.14 -34.97
N ILE C 25 20.86 -15.64 -33.77
CA ILE C 25 19.93 -15.36 -32.70
C ILE C 25 19.92 -13.88 -32.37
N VAL C 26 21.09 -13.23 -32.43
CA VAL C 26 21.16 -11.80 -32.16
C VAL C 26 20.30 -11.03 -33.14
N ARG C 27 20.45 -11.35 -34.42
CA ARG C 27 19.74 -10.61 -35.45
C ARG C 27 18.25 -10.90 -35.38
N ALA C 28 17.87 -12.14 -35.10
CA ALA C 28 16.47 -12.48 -34.99
C ALA C 28 15.82 -11.80 -33.79
N CYS C 29 16.55 -11.64 -32.69
CA CYS C 29 16.01 -10.92 -31.57
C CYS C 29 15.76 -9.47 -31.93
N LEU C 30 16.73 -8.84 -32.57
CA LEU C 30 16.51 -7.50 -33.09
C LEU C 30 15.32 -7.47 -34.03
N ALA C 31 15.32 -8.37 -35.02
CA ALA C 31 14.24 -8.38 -36.00
C ALA C 31 12.88 -8.55 -35.35
N GLU C 32 12.80 -9.33 -34.27
CA GLU C 32 11.56 -9.60 -33.57
C GLU C 32 11.13 -8.46 -32.67
N GLY C 33 11.94 -7.40 -32.60
CA GLY C 33 11.63 -6.25 -31.79
C GLY C 33 12.12 -6.29 -30.36
N HIS C 34 12.87 -7.31 -29.97
CA HIS C 34 13.35 -7.30 -28.61
C HIS C 34 14.43 -6.24 -28.42
N GLU C 35 14.58 -5.79 -27.19
CA GLU C 35 15.75 -5.02 -26.81
C GLU C 35 16.90 -6.01 -26.57
N THR C 36 17.90 -5.99 -27.44
CA THR C 36 18.86 -7.07 -27.53
C THR C 36 20.22 -6.65 -26.99
N TYR C 37 20.78 -7.48 -26.13
CA TYR C 37 22.06 -7.25 -25.48
C TYR C 37 22.99 -8.39 -25.83
N VAL C 38 24.24 -8.11 -26.10
CA VAL C 38 25.19 -9.15 -26.48
C VAL C 38 26.34 -9.16 -25.48
N LEU C 39 26.67 -10.33 -25.00
CA LEU C 39 27.77 -10.49 -24.08
C LEU C 39 29.09 -10.32 -24.82
N GLN C 40 29.91 -9.40 -24.35
CA GLN C 40 31.18 -9.10 -24.99
C GLN C 40 32.29 -9.55 -24.05
N GLN C 41 32.94 -10.61 -24.40
CA GLN C 41 33.98 -11.25 -23.61
C GLN C 41 35.36 -10.67 -23.94
N PRO C 42 36.27 -10.62 -22.98
CA PRO C 42 37.54 -9.92 -23.22
C PRO C 42 38.40 -10.62 -24.24
N GLU C 43 38.29 -11.95 -24.32
CA GLU C 43 39.11 -12.67 -25.28
C GLU C 43 38.82 -12.23 -26.70
N THR C 44 37.59 -11.78 -26.97
CA THR C 44 37.27 -11.27 -28.30
C THR C 44 38.08 -10.02 -28.68
N ARG C 45 38.82 -9.40 -27.74
CA ARG C 45 39.48 -8.14 -28.08
C ARG C 45 40.58 -8.30 -29.12
N VAL C 46 41.09 -9.52 -29.32
CA VAL C 46 42.19 -9.78 -30.26
C VAL C 46 41.73 -10.45 -31.55
N ASP C 47 40.42 -10.54 -31.78
CA ASP C 47 39.88 -11.28 -32.91
C ASP C 47 39.15 -10.31 -33.83
N ILE C 48 39.73 -10.00 -34.97
CA ILE C 48 39.15 -8.97 -35.83
C ILE C 48 37.76 -9.38 -36.29
N GLU C 49 37.56 -10.68 -36.48
CA GLU C 49 36.25 -11.19 -36.87
C GLU C 49 35.22 -10.97 -35.79
N LYS C 50 35.53 -11.41 -34.57
CA LYS C 50 34.58 -11.24 -33.49
C LYS C 50 34.31 -9.77 -33.24
N VAL C 51 35.35 -8.94 -33.25
CA VAL C 51 35.20 -7.52 -32.93
C VAL C 51 34.27 -6.86 -33.93
N GLN C 52 34.49 -7.08 -35.21
CA GLN C 52 33.65 -6.42 -36.21
C GLN C 52 32.21 -6.94 -36.17
N LEU C 53 32.00 -8.20 -35.80
CA LEU C 53 30.63 -8.68 -35.66
C LEU C 53 29.94 -7.98 -34.50
N LEU C 54 30.58 -7.95 -33.34
CA LEU C 54 29.96 -7.37 -32.15
C LEU C 54 29.57 -5.93 -32.42
N TYR C 55 30.49 -5.14 -32.95
CA TYR C 55 30.20 -3.73 -33.19
C TYR C 55 29.22 -3.55 -34.33
N SER C 56 29.15 -4.47 -35.27
CA SER C 56 28.11 -4.36 -36.28
C SER C 56 26.73 -4.56 -35.67
N TYR C 57 26.61 -5.35 -34.60
CA TYR C 57 25.32 -5.44 -33.90
C TYR C 57 24.89 -4.08 -33.36
N LYS C 58 25.84 -3.31 -32.84
CA LYS C 58 25.52 -1.99 -32.30
C LYS C 58 24.85 -1.12 -33.33
N ARG C 59 25.30 -1.19 -34.58
CA ARG C 59 24.66 -0.40 -35.63
C ARG C 59 23.23 -0.88 -35.90
N LEU C 60 22.96 -2.16 -35.67
CA LEU C 60 21.60 -2.66 -35.82
C LEU C 60 20.75 -2.37 -34.60
N GLY C 61 21.28 -1.75 -33.56
CA GLY C 61 20.47 -1.39 -32.42
C GLY C 61 20.65 -2.24 -31.19
N ALA C 62 21.57 -3.19 -31.21
CA ALA C 62 21.87 -3.97 -30.02
C ALA C 62 22.76 -3.18 -29.07
N ARG C 63 22.86 -3.68 -27.85
CA ARG C 63 23.78 -3.16 -26.85
C ARG C 63 24.78 -4.24 -26.47
N LEU C 64 26.00 -3.79 -26.16
CA LEU C 64 27.07 -4.66 -25.74
C LEU C 64 27.24 -4.54 -24.24
N ILE C 65 27.40 -5.68 -23.57
CA ILE C 65 27.69 -5.76 -22.14
C ILE C 65 28.98 -6.53 -21.98
N GLU C 66 30.00 -5.89 -21.43
CA GLU C 66 31.27 -6.55 -21.16
C GLU C 66 31.17 -7.39 -19.90
N ALA C 67 31.60 -8.64 -20.00
CA ALA C 67 31.63 -9.54 -18.86
C ALA C 67 32.60 -10.67 -19.19
N SER C 68 32.98 -11.41 -18.16
CA SER C 68 33.90 -12.52 -18.28
C SER C 68 33.32 -13.68 -17.48
N PHE C 69 33.47 -14.90 -17.98
CA PHE C 69 32.92 -16.04 -17.27
C PHE C 69 33.67 -16.31 -15.98
N SER C 70 34.91 -15.85 -15.87
CA SER C 70 35.70 -16.03 -14.68
C SER C 70 35.52 -14.90 -13.67
N ASP C 71 34.48 -14.10 -13.82
CA ASP C 71 34.23 -12.95 -12.96
C ASP C 71 32.75 -13.01 -12.61
N HIS C 72 32.43 -13.76 -11.56
CA HIS C 72 31.03 -14.01 -11.22
C HIS C 72 30.23 -12.72 -11.16
N GLN C 73 30.82 -11.66 -10.59
CA GLN C 73 30.08 -10.41 -10.44
C GLN C 73 29.76 -9.75 -11.78
N SER C 74 30.65 -9.83 -12.77
CA SER C 74 30.31 -9.27 -14.06
C SER C 74 29.19 -10.05 -14.76
N LEU C 75 29.08 -11.35 -14.51
CA LEU C 75 27.96 -12.11 -15.06
C LEU C 75 26.66 -11.69 -14.37
N VAL C 76 26.67 -11.64 -13.04
CA VAL C 76 25.50 -11.19 -12.30
C VAL C 76 25.06 -9.85 -12.82
N SER C 77 26.02 -8.94 -12.99
CA SER C 77 25.69 -7.58 -13.36
C SER C 77 25.10 -7.53 -14.76
N ALA C 78 25.63 -8.34 -15.68
CA ALA C 78 25.08 -8.44 -17.01
C ALA C 78 23.65 -8.97 -17.00
N VAL C 79 23.40 -10.06 -16.27
CA VAL C 79 22.06 -10.64 -16.35
C VAL C 79 21.03 -9.80 -15.62
N LYS C 80 21.44 -8.94 -14.70
CA LYS C 80 20.47 -8.06 -14.06
C LYS C 80 19.87 -7.09 -15.05
N GLN C 81 20.52 -6.82 -16.16
CA GLN C 81 20.01 -5.80 -17.06
C GLN C 81 18.97 -6.32 -18.04
N VAL C 82 18.57 -7.59 -17.95
CA VAL C 82 17.68 -8.15 -18.97
C VAL C 82 16.62 -9.01 -18.29
N ASP C 83 15.67 -9.45 -19.09
CA ASP C 83 14.62 -10.35 -18.62
C ASP C 83 14.82 -11.79 -19.06
N ILE C 84 15.55 -12.03 -20.15
CA ILE C 84 15.67 -13.36 -20.73
C ILE C 84 17.10 -13.54 -21.23
N VAL C 85 17.63 -14.75 -21.06
CA VAL C 85 18.98 -15.08 -21.48
C VAL C 85 18.94 -16.27 -22.42
N VAL C 86 19.64 -16.16 -23.54
CA VAL C 86 19.86 -17.24 -24.49
C VAL C 86 21.36 -17.43 -24.64
N ALA C 87 21.82 -18.68 -24.59
CA ALA C 87 23.20 -19.03 -24.84
C ALA C 87 23.25 -19.99 -26.02
N ALA C 88 24.26 -19.82 -26.88
CA ALA C 88 24.50 -20.70 -28.04
C ALA C 88 26.02 -20.78 -28.25
N MET C 89 26.65 -21.78 -27.63
CA MET C 89 28.09 -21.79 -27.43
C MET C 89 28.84 -22.71 -28.38
N SER C 90 28.69 -24.01 -28.21
CA SER C 90 29.76 -24.99 -28.52
C SER C 90 31.04 -24.39 -29.14
N SER C 98 33.18 -25.94 -23.36
CA SER C 98 32.50 -24.67 -23.32
C SER C 98 30.97 -24.78 -23.30
N ILE C 99 30.42 -26.00 -23.34
CA ILE C 99 29.03 -26.16 -22.95
C ILE C 99 28.88 -25.96 -21.45
N LEU C 100 29.81 -26.51 -20.68
CA LEU C 100 29.74 -26.44 -19.23
C LEU C 100 30.08 -25.07 -18.66
N VAL C 101 30.59 -24.13 -19.46
CA VAL C 101 30.71 -22.77 -18.92
C VAL C 101 29.34 -22.22 -18.59
N GLN C 102 28.28 -22.80 -19.15
CA GLN C 102 26.95 -22.33 -18.82
C GLN C 102 26.61 -22.53 -17.34
N LEU C 103 27.30 -23.43 -16.64
CA LEU C 103 27.06 -23.58 -15.22
C LEU C 103 27.36 -22.27 -14.48
N LYS C 104 28.40 -21.56 -14.89
CA LYS C 104 28.66 -20.27 -14.28
C LYS C 104 27.57 -19.28 -14.60
N LEU C 105 26.97 -19.40 -15.77
CA LEU C 105 25.85 -18.56 -16.12
C LEU C 105 24.67 -18.86 -15.22
N VAL C 106 24.43 -20.14 -14.94
CA VAL C 106 23.31 -20.51 -14.08
C VAL C 106 23.52 -19.94 -12.69
N GLU C 107 24.75 -20.02 -12.17
CA GLU C 107 25.02 -19.43 -10.86
C GLU C 107 24.71 -17.94 -10.86
N ALA C 108 25.16 -17.23 -11.90
CA ALA C 108 24.85 -15.81 -11.99
C ALA C 108 23.34 -15.56 -12.06
N ILE C 109 22.64 -16.28 -12.93
CA ILE C 109 21.20 -16.07 -13.05
C ILE C 109 20.51 -16.31 -11.72
N LYS C 110 21.01 -17.29 -10.96
CA LYS C 110 20.37 -17.65 -9.71
C LYS C 110 20.50 -16.53 -8.68
N GLU C 111 21.70 -15.98 -8.52
CA GLU C 111 21.89 -14.85 -7.62
C GLU C 111 21.16 -13.60 -8.10
N ALA C 112 21.22 -13.28 -9.39
CA ALA C 112 20.54 -12.08 -9.86
C ALA C 112 19.06 -12.10 -9.53
N GLY C 113 18.40 -13.23 -9.75
CA GLY C 113 17.03 -13.42 -9.33
C GLY C 113 15.97 -12.87 -10.24
N ASN C 114 16.32 -12.10 -11.27
CA ASN C 114 15.35 -11.36 -12.05
C ASN C 114 15.06 -11.99 -13.41
N ILE C 115 15.63 -13.13 -13.72
CA ILE C 115 15.48 -13.66 -15.07
C ILE C 115 14.18 -14.43 -15.17
N LYS C 116 13.40 -14.14 -16.21
CA LYS C 116 12.16 -14.84 -16.45
C LYS C 116 12.35 -16.12 -17.26
N ARG C 117 13.38 -16.21 -18.09
CA ARG C 117 13.60 -17.45 -18.81
C ARG C 117 15.03 -17.54 -19.29
N PHE C 118 15.56 -18.75 -19.24
CA PHE C 118 16.88 -19.06 -19.75
C PHE C 118 16.72 -20.16 -20.78
N LEU C 119 17.13 -19.89 -22.02
CA LEU C 119 17.24 -20.92 -23.06
C LEU C 119 18.69 -21.32 -23.19
N PRO C 120 19.08 -22.46 -22.72
CA PRO C 120 20.48 -22.89 -22.80
C PRO C 120 20.85 -23.32 -24.21
N SER C 121 22.09 -23.71 -24.38
CA SER C 121 22.67 -23.93 -25.70
C SER C 121 22.33 -25.34 -26.15
N GLU C 122 21.18 -25.46 -26.82
CA GLU C 122 20.74 -26.77 -27.25
C GLU C 122 20.83 -26.87 -28.77
N PHE C 123 19.70 -26.70 -29.48
CA PHE C 123 19.70 -26.53 -30.93
C PHE C 123 20.33 -27.71 -31.67
N GLY C 124 20.14 -28.92 -31.19
CA GLY C 124 20.63 -30.09 -31.88
C GLY C 124 19.80 -31.28 -31.52
N MET C 125 20.34 -32.49 -31.58
CA MET C 125 19.58 -33.64 -31.10
C MET C 125 19.22 -33.41 -29.65
N ASP C 126 17.99 -33.77 -29.28
CA ASP C 126 17.59 -33.69 -27.89
C ASP C 126 18.45 -34.61 -27.04
N PRO C 127 19.36 -34.07 -26.23
CA PRO C 127 20.25 -34.94 -25.47
C PRO C 127 19.52 -35.83 -24.48
N SER C 128 18.30 -35.47 -24.07
CA SER C 128 17.55 -36.32 -23.14
C SER C 128 17.08 -37.62 -23.77
N ARG C 129 17.20 -37.77 -25.08
CA ARG C 129 16.74 -38.99 -25.75
C ARG C 129 17.87 -39.94 -26.10
N MET C 130 19.07 -39.75 -25.55
CA MET C 130 20.18 -40.63 -25.88
C MET C 130 20.55 -41.51 -24.68
N GLY C 131 21.50 -42.40 -24.87
CA GLY C 131 21.68 -43.51 -23.93
C GLY C 131 21.81 -44.82 -24.67
N ARG C 138 28.99 -38.95 -27.61
CA ARG C 138 28.33 -39.15 -26.33
C ARG C 138 28.41 -38.04 -25.25
N GLU C 139 29.59 -37.45 -25.05
CA GLU C 139 29.70 -36.52 -23.93
C GLU C 139 29.09 -35.16 -24.21
N THR C 140 28.76 -34.87 -25.47
CA THR C 140 27.92 -33.71 -25.75
C THR C 140 26.60 -33.81 -25.01
N PHE C 141 25.97 -34.98 -25.05
CA PHE C 141 24.69 -35.14 -24.37
C PHE C 141 24.84 -35.06 -22.86
N ASP C 142 25.89 -35.65 -22.32
CA ASP C 142 26.10 -35.58 -20.89
C ASP C 142 26.16 -34.13 -20.42
N GLN C 143 26.90 -33.30 -21.16
CA GLN C 143 27.15 -31.94 -20.69
C GLN C 143 25.91 -31.07 -20.80
N LYS C 144 25.10 -31.26 -21.84
CA LYS C 144 23.86 -30.49 -21.90
C LYS C 144 22.90 -30.93 -20.81
N LEU C 145 22.87 -32.23 -20.49
CA LEU C 145 22.02 -32.70 -19.41
C LEU C 145 22.51 -32.19 -18.05
N GLU C 146 23.83 -32.08 -17.89
CA GLU C 146 24.36 -31.47 -16.67
C GLU C 146 23.93 -30.01 -16.56
N VAL C 147 23.89 -29.30 -17.68
CA VAL C 147 23.42 -27.91 -17.64
C VAL C 147 21.93 -27.87 -17.33
N ARG C 148 21.16 -28.81 -17.90
CA ARG C 148 19.73 -28.83 -17.64
C ARG C 148 19.44 -29.08 -16.16
N ASN C 149 20.13 -30.04 -15.54
CA ASN C 149 19.90 -30.30 -14.12
C ASN C 149 20.15 -29.06 -13.28
N ALA C 150 21.23 -28.33 -13.57
CA ALA C 150 21.50 -27.11 -12.82
C ALA C 150 20.41 -26.06 -13.05
N ILE C 151 20.00 -25.87 -14.32
CA ILE C 151 18.90 -24.94 -14.57
C ILE C 151 17.71 -25.28 -13.68
N GLU C 152 17.35 -26.56 -13.62
CA GLU C 152 16.14 -26.97 -12.93
C GLU C 152 16.32 -27.00 -11.40
N ALA C 153 17.47 -27.45 -10.92
CA ALA C 153 17.77 -27.34 -9.49
C ALA C 153 17.66 -25.90 -8.99
N ALA C 154 18.07 -24.93 -9.81
CA ALA C 154 17.98 -23.55 -9.38
C ALA C 154 16.60 -22.96 -9.58
N GLY C 155 15.66 -23.74 -10.11
CA GLY C 155 14.32 -23.24 -10.35
C GLY C 155 14.24 -22.16 -11.38
N ILE C 156 15.16 -22.13 -12.35
CA ILE C 156 15.15 -21.12 -13.39
C ILE C 156 14.22 -21.61 -14.50
N PRO C 157 13.15 -20.89 -14.81
CA PRO C 157 12.31 -21.28 -15.94
C PRO C 157 13.12 -21.30 -17.23
N HIS C 158 12.78 -22.24 -18.12
CA HIS C 158 13.64 -22.60 -19.23
C HIS C 158 12.80 -22.95 -20.45
N THR C 159 13.45 -22.94 -21.60
CA THR C 159 12.92 -23.54 -22.81
C THR C 159 14.08 -24.19 -23.54
N TYR C 160 13.88 -25.43 -23.98
CA TYR C 160 14.90 -26.18 -24.69
C TYR C 160 14.48 -26.32 -26.15
N VAL C 161 15.29 -25.79 -27.06
CA VAL C 161 15.01 -25.80 -28.50
C VAL C 161 15.86 -26.89 -29.14
N VAL C 162 15.23 -27.90 -29.72
CA VAL C 162 15.91 -29.14 -30.10
C VAL C 162 15.36 -29.68 -31.41
N GLY C 163 16.08 -30.66 -31.96
CA GLY C 163 15.55 -31.60 -32.91
C GLY C 163 15.75 -31.34 -34.38
N ALA C 164 16.85 -30.71 -34.77
CA ALA C 164 17.03 -30.33 -36.17
C ALA C 164 18.47 -30.49 -36.62
N CYS C 165 18.63 -30.79 -37.91
CA CYS C 165 19.92 -30.68 -38.60
C CYS C 165 20.06 -29.27 -39.14
N PHE C 166 21.20 -28.63 -38.87
CA PHE C 166 21.56 -27.38 -39.55
C PHE C 166 21.72 -27.63 -41.05
N ALA C 167 20.97 -26.89 -41.87
CA ALA C 167 21.10 -27.05 -43.33
C ALA C 167 22.54 -26.86 -43.76
N ALA C 168 23.30 -25.99 -43.09
CA ALA C 168 24.64 -25.69 -43.56
C ALA C 168 25.58 -26.86 -43.37
N TYR C 169 25.37 -27.66 -42.33
CA TYR C 169 26.25 -28.77 -42.06
C TYR C 169 25.76 -30.09 -42.65
N PHE C 170 24.49 -30.20 -43.03
CA PHE C 170 23.95 -31.47 -43.47
C PHE C 170 23.16 -31.44 -44.77
N ALA C 171 22.70 -30.28 -45.21
CA ALA C 171 21.91 -30.15 -46.43
C ALA C 171 22.70 -29.60 -47.60
N GLY C 172 23.40 -28.48 -47.41
CA GLY C 172 24.21 -27.89 -48.46
C GLY C 172 25.23 -28.83 -49.05
N ASN C 173 25.63 -29.85 -48.31
CA ASN C 173 26.57 -30.85 -48.79
C ASN C 173 25.90 -32.19 -49.03
N LEU C 174 24.57 -32.24 -49.08
CA LEU C 174 23.85 -33.50 -49.28
C LEU C 174 24.31 -34.56 -48.28
N SER C 175 24.70 -34.12 -47.09
CA SER C 175 25.07 -34.98 -45.98
C SER C 175 26.38 -35.72 -46.21
N GLN C 176 27.18 -35.26 -47.15
CA GLN C 176 28.53 -35.78 -47.27
C GLN C 176 29.43 -35.15 -46.20
N MET C 177 30.54 -35.80 -45.94
CA MET C 177 31.43 -35.31 -44.91
C MET C 177 32.63 -34.63 -45.55
N GLY C 178 33.29 -33.79 -44.76
CA GLY C 178 34.47 -33.10 -45.20
C GLY C 178 34.24 -31.98 -46.18
N THR C 179 32.99 -31.66 -46.48
CA THR C 179 32.70 -30.56 -47.37
C THR C 179 31.42 -29.89 -46.92
N LEU C 180 31.22 -28.67 -47.38
CA LEU C 180 30.02 -27.91 -47.11
C LEU C 180 29.24 -27.54 -48.37
N ILE C 181 29.69 -27.96 -49.54
CA ILE C 181 28.90 -27.66 -50.73
C ILE C 181 28.51 -28.96 -51.43
N PRO C 182 27.64 -28.90 -52.43
CA PRO C 182 27.20 -30.14 -53.07
C PRO C 182 28.30 -30.75 -53.91
N PRO C 183 28.35 -32.08 -54.00
CA PRO C 183 29.40 -32.73 -54.78
C PRO C 183 29.10 -32.69 -56.26
N LYS C 184 30.13 -32.94 -57.06
CA LYS C 184 30.05 -32.77 -58.50
C LYS C 184 29.48 -33.98 -59.22
N LYS C 185 29.91 -35.19 -58.86
CA LYS C 185 29.49 -36.41 -59.56
C LYS C 185 28.95 -37.48 -58.61
N LYS C 186 29.71 -37.80 -57.57
CA LYS C 186 29.44 -38.94 -56.72
C LYS C 186 28.81 -38.50 -55.41
N VAL C 187 28.04 -39.40 -54.79
CA VAL C 187 27.45 -39.12 -53.49
C VAL C 187 27.32 -40.43 -52.73
N ASN C 188 27.71 -40.42 -51.45
CA ASN C 188 27.48 -41.57 -50.58
C ASN C 188 26.07 -41.53 -50.01
N ILE C 189 25.36 -42.65 -50.10
CA ILE C 189 24.05 -42.82 -49.48
C ILE C 189 24.23 -43.73 -48.27
N TYR C 190 23.64 -43.35 -47.15
CA TYR C 190 23.77 -44.09 -45.91
C TYR C 190 22.58 -45.02 -45.75
N GLY C 191 22.84 -46.31 -45.61
CA GLY C 191 21.75 -47.28 -45.64
C GLY C 191 21.07 -47.26 -47.00
N ASP C 192 19.76 -47.41 -47.00
CA ASP C 192 19.01 -47.16 -48.21
C ASP C 192 18.71 -45.68 -48.41
N GLY C 193 19.27 -44.83 -47.56
CA GLY C 193 18.96 -43.42 -47.59
C GLY C 193 17.47 -43.16 -47.44
N ASN C 194 16.76 -44.04 -46.76
CA ASN C 194 15.34 -43.83 -46.57
C ASN C 194 15.00 -43.62 -45.10
N VAL C 195 15.94 -43.06 -44.35
CA VAL C 195 15.72 -42.69 -42.96
C VAL C 195 15.38 -41.22 -42.90
N LYS C 196 14.29 -40.88 -42.23
CA LYS C 196 13.82 -39.51 -42.17
C LYS C 196 14.70 -38.64 -41.26
N VAL C 197 15.15 -37.51 -41.81
CA VAL C 197 16.00 -36.55 -41.11
C VAL C 197 15.30 -35.20 -41.19
N VAL C 198 15.60 -34.32 -40.24
CA VAL C 198 15.00 -32.98 -40.21
C VAL C 198 16.08 -31.98 -40.57
N TYR C 199 15.93 -31.32 -41.72
CA TYR C 199 16.90 -30.37 -42.23
C TYR C 199 16.32 -28.97 -42.09
N VAL C 200 17.01 -28.08 -41.37
CA VAL C 200 16.48 -26.76 -41.10
C VAL C 200 17.55 -25.70 -41.30
N ASP C 201 17.19 -24.66 -42.05
CA ASP C 201 17.98 -23.45 -42.18
C ASP C 201 18.24 -22.86 -40.81
N GLU C 202 19.51 -22.64 -40.49
CA GLU C 202 19.85 -22.07 -39.20
C GLU C 202 19.11 -20.77 -38.93
N ASP C 203 18.85 -19.97 -39.97
CA ASP C 203 18.10 -18.72 -39.77
C ASP C 203 16.74 -19.00 -39.17
N ASP C 204 16.07 -20.07 -39.64
CA ASP C 204 14.74 -20.40 -39.13
C ASP C 204 14.82 -20.88 -37.70
N ILE C 205 15.81 -21.70 -37.37
CA ILE C 205 16.02 -22.07 -35.97
C ILE C 205 16.18 -20.83 -35.11
N ALA C 206 16.87 -19.83 -35.63
CA ALA C 206 17.04 -18.58 -34.89
C ALA C 206 15.72 -17.83 -34.76
N GLU C 207 14.97 -17.71 -35.85
CA GLU C 207 13.70 -17.02 -35.77
C GLU C 207 12.74 -17.75 -34.83
N TYR C 208 12.67 -19.08 -34.92
CA TYR C 208 11.84 -19.82 -33.99
C TYR C 208 12.26 -19.56 -32.55
N THR C 209 13.56 -19.48 -32.29
CA THR C 209 14.05 -19.19 -30.94
C THR C 209 13.61 -17.81 -30.48
N ALA C 210 13.73 -16.82 -31.34
CA ALA C 210 13.40 -15.46 -30.95
C ALA C 210 11.92 -15.31 -30.68
N LYS C 211 11.07 -16.15 -31.30
CA LYS C 211 9.64 -16.08 -31.07
C LYS C 211 9.22 -16.88 -29.86
N THR C 212 9.97 -17.90 -29.50
CA THR C 212 9.54 -18.78 -28.42
C THR C 212 9.93 -18.25 -27.05
N LEU C 213 10.94 -17.37 -26.97
CA LEU C 213 11.57 -17.12 -25.68
C LEU C 213 10.70 -16.31 -24.73
N ASP C 214 9.66 -15.66 -25.21
CA ASP C 214 8.73 -14.98 -24.33
C ASP C 214 7.30 -15.42 -24.60
N ASP C 215 7.12 -16.65 -25.07
CA ASP C 215 5.81 -17.18 -25.38
C ASP C 215 5.31 -18.00 -24.20
N PRO C 216 4.23 -17.59 -23.55
CA PRO C 216 3.73 -18.37 -22.40
C PRO C 216 3.54 -19.84 -22.70
N ARG C 217 3.19 -20.21 -23.93
CA ARG C 217 2.90 -21.61 -24.21
C ARG C 217 4.12 -22.50 -24.09
N THR C 218 5.33 -21.96 -24.09
CA THR C 218 6.51 -22.81 -24.12
C THR C 218 7.41 -22.65 -22.90
N ILE C 219 6.98 -21.90 -21.89
CA ILE C 219 7.77 -21.80 -20.67
C ILE C 219 7.88 -23.18 -20.02
N ASN C 220 9.11 -23.58 -19.70
CA ASN C 220 9.45 -24.87 -19.11
C ASN C 220 9.13 -26.03 -20.04
N LYS C 221 9.14 -25.80 -21.33
CA LYS C 221 8.85 -26.86 -22.29
C LYS C 221 10.05 -27.05 -23.21
N THR C 222 10.12 -28.24 -23.78
CA THR C 222 10.97 -28.49 -24.93
C THR C 222 10.20 -28.14 -26.19
N VAL C 223 10.82 -27.33 -27.05
CA VAL C 223 10.22 -26.96 -28.34
C VAL C 223 10.98 -27.68 -29.43
N TYR C 224 10.27 -28.53 -30.16
CA TYR C 224 10.86 -29.28 -31.26
C TYR C 224 10.75 -28.49 -32.54
N VAL C 225 11.88 -28.28 -33.20
CA VAL C 225 11.95 -27.62 -34.49
C VAL C 225 11.88 -28.72 -35.55
N ARG C 226 10.69 -28.96 -36.08
CA ARG C 226 10.50 -30.03 -37.07
C ARG C 226 9.57 -29.53 -38.14
N PRO C 227 10.00 -28.59 -38.97
CA PRO C 227 9.12 -28.07 -40.01
C PRO C 227 8.76 -29.17 -40.98
N THR C 228 7.46 -29.32 -41.23
CA THR C 228 6.94 -30.56 -41.78
C THR C 228 7.52 -30.86 -43.16
N GLU C 229 7.64 -29.86 -44.02
CA GLU C 229 8.10 -30.16 -45.36
C GLU C 229 9.60 -30.39 -45.43
N ASN C 230 10.32 -30.19 -44.33
CA ASN C 230 11.75 -30.44 -44.28
C ASN C 230 12.06 -31.75 -43.59
N VAL C 231 11.09 -32.63 -43.45
CA VAL C 231 11.31 -33.96 -42.89
C VAL C 231 11.54 -34.86 -44.09
N LEU C 232 12.80 -35.16 -44.37
CA LEU C 232 13.24 -35.67 -45.65
C LEU C 232 14.26 -36.76 -45.42
N THR C 233 14.29 -37.74 -46.30
CA THR C 233 15.37 -38.71 -46.24
C THR C 233 16.56 -38.18 -47.03
N GLN C 234 17.72 -38.78 -46.81
CA GLN C 234 18.90 -38.35 -47.56
C GLN C 234 18.64 -38.49 -49.05
N MET C 235 17.92 -39.53 -49.45
CA MET C 235 17.64 -39.72 -50.87
C MET C 235 16.65 -38.68 -51.37
N GLU C 236 15.65 -38.31 -50.55
CA GLU C 236 14.78 -37.22 -50.99
C GLU C 236 15.56 -35.93 -51.15
N LEU C 237 16.47 -35.66 -50.22
CA LEU C 237 17.32 -34.48 -50.36
C LEU C 237 18.16 -34.56 -51.62
N VAL C 238 18.78 -35.71 -51.85
CA VAL C 238 19.59 -35.86 -53.06
C VAL C 238 18.75 -35.65 -54.30
N GLN C 239 17.52 -36.14 -54.28
CA GLN C 239 16.68 -36.01 -55.47
C GLN C 239 16.19 -34.57 -55.62
N ILE C 240 16.12 -33.80 -54.53
CA ILE C 240 15.81 -32.38 -54.67
C ILE C 240 16.89 -31.69 -55.47
N TRP C 241 18.15 -32.11 -55.29
CA TRP C 241 19.25 -31.45 -55.98
C TRP C 241 19.40 -31.96 -57.41
N GLU C 242 19.17 -33.25 -57.63
CA GLU C 242 19.20 -33.75 -59.00
C GLU C 242 18.15 -33.06 -59.85
N LYS C 243 16.97 -32.79 -59.28
CA LYS C 243 15.96 -32.06 -60.02
C LYS C 243 16.41 -30.64 -60.31
N LEU C 244 17.20 -30.03 -59.43
CA LEU C 244 17.67 -28.67 -59.67
C LEU C 244 18.79 -28.62 -60.70
N THR C 245 19.68 -29.61 -60.71
CA THR C 245 20.78 -29.64 -61.66
C THR C 245 20.46 -30.39 -62.94
N GLY C 246 19.42 -31.22 -62.95
CA GLY C 246 19.13 -32.07 -64.09
C GLY C 246 20.06 -33.25 -64.28
N LYS C 247 21.06 -33.41 -63.43
CA LYS C 247 22.00 -34.50 -63.55
C LYS C 247 21.80 -35.43 -62.37
N GLU C 248 21.74 -36.72 -62.65
CA GLU C 248 21.69 -37.69 -61.59
C GLU C 248 23.11 -37.99 -61.13
N LEU C 249 23.27 -38.16 -59.83
CA LEU C 249 24.58 -38.36 -59.25
C LEU C 249 24.88 -39.84 -59.15
N GLU C 250 26.17 -40.16 -59.11
CA GLU C 250 26.64 -41.53 -58.96
C GLU C 250 26.58 -41.91 -57.48
N LYS C 251 25.61 -42.74 -57.12
CA LYS C 251 25.35 -43.07 -55.73
C LYS C 251 26.09 -44.34 -55.31
N THR C 252 26.49 -44.36 -54.04
CA THR C 252 27.21 -45.48 -53.44
C THR C 252 26.63 -45.69 -52.05
N ASN C 253 25.96 -46.81 -51.84
CA ASN C 253 25.30 -47.05 -50.57
C ASN C 253 26.29 -47.58 -49.54
N ILE C 254 26.15 -47.10 -48.30
CA ILE C 254 27.05 -47.44 -47.20
C ILE C 254 26.21 -48.06 -46.09
N SER C 255 26.64 -49.22 -45.61
CA SER C 255 25.84 -49.99 -44.69
C SER C 255 26.22 -49.67 -43.25
N ALA C 256 25.32 -50.00 -42.33
CA ALA C 256 25.57 -49.73 -40.92
C ALA C 256 26.89 -50.33 -40.49
N ASN C 257 27.18 -51.55 -40.91
CA ASN C 257 28.41 -52.19 -40.50
C ASN C 257 29.61 -51.45 -41.07
N ASP C 258 29.64 -51.24 -42.39
CA ASP C 258 30.77 -50.52 -42.98
C ASP C 258 30.94 -49.17 -42.32
N PHE C 259 29.83 -48.46 -42.09
CA PHE C 259 29.90 -47.14 -41.47
C PHE C 259 30.57 -47.23 -40.11
N LEU C 260 30.12 -48.17 -39.28
CA LEU C 260 30.59 -48.25 -37.90
C LEU C 260 32.05 -48.64 -37.81
N ALA C 261 32.73 -48.75 -38.94
CA ALA C 261 34.19 -48.75 -38.94
C ALA C 261 34.70 -47.32 -38.69
N ASP C 262 34.53 -46.85 -37.45
CA ASP C 262 35.12 -45.61 -36.96
C ASP C 262 36.48 -45.85 -36.35
N ILE C 263 37.11 -46.98 -36.66
CA ILE C 263 38.32 -47.49 -36.01
C ILE C 263 38.12 -47.52 -34.50
N PRO C 269 39.55 -38.26 -30.72
CA PRO C 269 39.36 -38.04 -32.15
C PRO C 269 37.95 -37.59 -32.47
N HIS C 270 37.65 -37.19 -33.70
CA HIS C 270 36.27 -36.92 -34.07
C HIS C 270 35.53 -38.20 -34.45
N GLN C 271 35.81 -39.29 -33.74
CA GLN C 271 34.93 -40.44 -33.79
C GLN C 271 33.57 -40.12 -33.22
N ALA C 272 33.42 -38.98 -32.57
CA ALA C 272 32.17 -38.60 -31.94
C ALA C 272 31.21 -37.93 -32.91
N GLY C 273 31.73 -37.14 -33.84
CA GLY C 273 30.91 -36.62 -34.91
C GLY C 273 30.24 -37.78 -35.60
N LEU C 274 31.02 -38.63 -36.25
CA LEU C 274 30.50 -39.93 -36.65
C LEU C 274 29.85 -40.57 -35.44
N GLY C 275 28.68 -41.13 -35.61
CA GLY C 275 27.99 -41.67 -34.48
C GLY C 275 27.03 -40.71 -33.83
N HIS C 276 27.28 -39.41 -33.92
CA HIS C 276 26.17 -38.49 -33.97
C HIS C 276 25.49 -38.64 -35.31
N PHE C 277 26.29 -38.69 -36.36
CA PHE C 277 25.82 -38.96 -37.70
C PHE C 277 25.07 -40.28 -37.75
N TYR C 278 25.64 -41.32 -37.15
CA TYR C 278 25.00 -42.62 -37.17
C TYR C 278 23.60 -42.57 -36.58
N HIS C 279 23.44 -41.90 -35.44
CA HIS C 279 22.14 -41.83 -34.79
C HIS C 279 21.12 -41.10 -35.65
N ILE C 280 21.57 -40.08 -36.38
CA ILE C 280 20.66 -39.30 -37.21
C ILE C 280 20.28 -40.06 -38.46
N PHE C 281 21.26 -40.63 -39.17
CA PHE C 281 21.04 -41.15 -40.51
C PHE C 281 20.78 -42.65 -40.54
N TYR C 282 21.22 -43.40 -39.54
CA TYR C 282 20.93 -44.81 -39.50
C TYR C 282 19.81 -45.16 -38.55
N GLU C 283 19.77 -44.57 -37.37
CA GLU C 283 18.72 -44.90 -36.41
C GLU C 283 17.53 -43.96 -36.48
N GLY C 284 17.62 -42.85 -37.20
CA GLY C 284 16.51 -41.93 -37.27
C GLY C 284 16.16 -41.26 -35.97
N CYS C 285 17.17 -40.88 -35.18
CA CYS C 285 16.88 -40.34 -33.86
C CYS C 285 16.11 -39.03 -33.92
N LEU C 286 16.18 -38.31 -35.04
CA LEU C 286 15.46 -37.05 -35.17
C LEU C 286 13.98 -37.24 -35.46
N THR C 287 13.58 -38.40 -35.97
CA THR C 287 12.21 -38.59 -36.42
C THR C 287 11.48 -39.78 -35.81
N ASP C 288 12.13 -40.56 -34.95
CA ASP C 288 11.55 -41.80 -34.43
C ASP C 288 10.62 -41.57 -33.24
N HIS C 289 9.96 -40.43 -33.19
CA HIS C 289 9.06 -40.12 -32.10
C HIS C 289 8.20 -38.98 -32.60
N GLU C 290 6.92 -39.01 -32.25
CA GLU C 290 5.99 -37.97 -32.64
C GLU C 290 6.17 -36.76 -31.74
N VAL C 291 5.72 -35.59 -32.21
CA VAL C 291 5.73 -34.39 -31.41
C VAL C 291 4.42 -33.66 -31.62
N GLY C 292 3.85 -33.15 -30.54
CA GLY C 292 2.55 -32.52 -30.64
C GLY C 292 2.65 -31.16 -31.29
N ASP C 293 1.51 -30.70 -31.80
CA ASP C 293 1.47 -29.36 -32.37
C ASP C 293 1.71 -28.29 -31.33
N ASP C 294 1.45 -28.57 -30.06
CA ASP C 294 1.66 -27.57 -29.03
C ASP C 294 3.12 -27.45 -28.63
N GLU C 295 3.97 -28.34 -29.15
CA GLU C 295 5.39 -28.33 -28.84
C GLU C 295 6.26 -28.34 -30.11
N GLU C 296 5.68 -28.05 -31.28
CA GLU C 296 6.45 -28.06 -32.52
C GLU C 296 6.45 -26.66 -33.11
N ALA C 297 7.65 -26.17 -33.43
CA ALA C 297 7.82 -24.74 -33.71
C ALA C 297 7.05 -24.29 -34.96
N SER C 298 7.02 -25.10 -36.01
CA SER C 298 6.35 -24.63 -37.21
C SER C 298 4.85 -24.53 -36.98
N LYS C 299 4.32 -25.31 -36.04
CA LYS C 299 2.90 -25.21 -35.69
C LYS C 299 2.67 -24.12 -34.66
N LEU C 300 3.60 -23.96 -33.72
CA LEU C 300 3.51 -22.83 -32.80
C LEU C 300 3.61 -21.49 -33.52
N TYR C 301 4.49 -21.38 -34.51
CA TYR C 301 4.79 -20.11 -35.16
C TYR C 301 4.60 -20.33 -36.66
N PRO C 302 3.34 -20.37 -37.11
CA PRO C 302 3.06 -20.72 -38.49
C PRO C 302 3.36 -19.60 -39.46
N ASP C 303 3.50 -18.38 -38.96
CA ASP C 303 3.86 -17.25 -39.79
C ASP C 303 5.34 -17.24 -40.19
N VAL C 304 6.13 -18.20 -39.74
CA VAL C 304 7.52 -18.31 -40.12
C VAL C 304 7.57 -19.12 -41.41
N LYS C 305 7.85 -18.44 -42.51
CA LYS C 305 7.90 -19.13 -43.79
C LYS C 305 9.27 -19.77 -43.90
N TYR C 306 9.42 -20.94 -43.28
CA TYR C 306 10.74 -21.52 -43.20
C TYR C 306 11.25 -21.88 -44.58
N THR C 307 12.56 -21.94 -44.72
CA THR C 307 13.17 -22.24 -46.00
C THR C 307 13.00 -23.72 -46.33
N ARG C 308 12.32 -24.03 -47.43
CA ARG C 308 12.34 -25.41 -47.89
C ARG C 308 13.69 -25.72 -48.50
N MET C 309 14.01 -27.00 -48.58
CA MET C 309 15.36 -27.37 -48.97
C MET C 309 15.64 -27.19 -50.44
N ASP C 310 14.61 -27.16 -51.28
CA ASP C 310 14.89 -26.83 -52.67
C ASP C 310 15.26 -25.36 -52.81
N GLU C 311 14.69 -24.50 -51.98
CA GLU C 311 15.13 -23.11 -51.97
C GLU C 311 16.52 -22.99 -51.37
N TYR C 312 16.76 -23.66 -50.25
CA TYR C 312 18.05 -23.54 -49.59
C TYR C 312 19.18 -23.90 -50.55
N LEU C 313 18.99 -24.94 -51.36
CA LEU C 313 20.05 -25.44 -52.21
C LEU C 313 20.29 -24.59 -53.45
N LYS C 314 19.34 -23.74 -53.85
CA LYS C 314 19.48 -22.99 -55.10
C LYS C 314 20.76 -22.14 -55.14
N ILE C 315 21.18 -21.62 -54.00
CA ILE C 315 22.36 -20.78 -53.96
C ILE C 315 23.59 -21.48 -54.52
N PHE C 316 23.62 -22.82 -54.49
CA PHE C 316 24.80 -23.54 -54.92
C PHE C 316 24.83 -23.83 -56.42
N LEU C 317 23.73 -23.62 -57.13
CA LEU C 317 23.68 -23.90 -58.54
C LEU C 317 24.70 -23.08 -59.31
N GLU D 8 -27.03 24.16 -15.29
CA GLU D 8 -27.72 22.98 -14.75
C GLU D 8 -26.73 21.96 -14.16
N LYS D 9 -25.44 22.30 -14.21
CA LYS D 9 -24.43 21.52 -13.52
C LYS D 9 -24.48 21.80 -12.03
N THR D 10 -24.37 20.76 -11.23
CA THR D 10 -24.26 20.94 -9.80
C THR D 10 -22.94 21.62 -9.46
N ARG D 11 -23.00 22.63 -8.61
CA ARG D 11 -21.79 23.35 -8.19
C ARG D 11 -21.29 22.71 -6.90
N VAL D 12 -20.07 22.22 -6.90
CA VAL D 12 -19.50 21.49 -5.78
C VAL D 12 -18.28 22.22 -5.26
N LEU D 13 -18.18 22.36 -3.94
CA LEU D 13 -16.98 22.87 -3.28
C LEU D 13 -16.31 21.74 -2.50
N VAL D 14 -15.03 21.55 -2.74
CA VAL D 14 -14.24 20.51 -2.10
C VAL D 14 -13.36 21.14 -1.05
N VAL D 15 -13.44 20.63 0.17
CA VAL D 15 -12.65 21.09 1.30
C VAL D 15 -11.65 19.99 1.63
N GLY D 16 -10.39 20.35 1.73
CA GLY D 16 -9.33 19.37 1.78
C GLY D 16 -8.84 18.91 0.43
N GLY D 17 -8.81 19.79 -0.56
CA GLY D 17 -8.61 19.38 -1.93
C GLY D 17 -7.18 19.00 -2.28
N THR D 18 -6.22 19.25 -1.41
CA THR D 18 -4.87 18.80 -1.66
C THR D 18 -4.52 17.55 -0.86
N GLY D 19 -5.49 16.97 -0.18
CA GLY D 19 -5.26 15.74 0.53
C GLY D 19 -5.25 14.55 -0.38
N THR D 20 -4.93 13.40 0.21
CA THR D 20 -4.91 12.14 -0.52
C THR D 20 -6.25 11.85 -1.16
N MET D 21 -7.32 11.93 -0.37
CA MET D 21 -8.67 11.74 -0.89
C MET D 21 -9.20 13.02 -1.54
N GLY D 22 -8.90 14.18 -0.94
CA GLY D 22 -9.39 15.43 -1.49
C GLY D 22 -9.04 15.62 -2.94
N ARG D 23 -7.77 15.36 -3.31
CA ARG D 23 -7.36 15.61 -4.68
C ARG D 23 -8.11 14.72 -5.65
N ARG D 24 -8.40 13.49 -5.24
CA ARG D 24 -9.13 12.57 -6.12
C ARG D 24 -10.58 12.97 -6.24
N ILE D 25 -11.17 13.47 -5.16
CA ILE D 25 -12.54 13.95 -5.25
C ILE D 25 -12.61 15.17 -6.16
N VAL D 26 -11.61 16.05 -6.09
CA VAL D 26 -11.58 17.20 -7.00
C VAL D 26 -11.61 16.73 -8.46
N ARG D 27 -10.73 15.81 -8.82
CA ARG D 27 -10.71 15.37 -10.21
C ARG D 27 -11.98 14.62 -10.59
N ALA D 28 -12.52 13.81 -9.68
CA ALA D 28 -13.72 13.05 -10.01
C ALA D 28 -14.91 13.96 -10.24
N CYS D 29 -15.02 15.04 -9.47
CA CYS D 29 -16.09 15.99 -9.65
C CYS D 29 -16.01 16.66 -11.01
N LEU D 30 -14.80 17.05 -11.42
CA LEU D 30 -14.60 17.58 -12.76
C LEU D 30 -14.98 16.55 -13.82
N ALA D 31 -14.46 15.32 -13.69
CA ALA D 31 -14.77 14.28 -14.68
C ALA D 31 -16.27 14.00 -14.75
N GLU D 32 -16.99 14.22 -13.65
CA GLU D 32 -18.42 13.99 -13.65
C GLU D 32 -19.18 15.17 -14.24
N GLY D 33 -18.49 16.23 -14.62
CA GLY D 33 -19.12 17.40 -15.20
C GLY D 33 -19.58 18.45 -14.22
N HIS D 34 -19.28 18.32 -12.94
CA HIS D 34 -19.69 19.34 -11.99
C HIS D 34 -18.85 20.59 -12.14
N GLU D 35 -19.43 21.72 -11.77
CA GLU D 35 -18.64 22.93 -11.61
C GLU D 35 -17.98 22.88 -10.25
N THR D 36 -16.66 22.80 -10.24
CA THR D 36 -15.90 22.33 -9.10
C THR D 36 -15.08 23.48 -8.51
N TYR D 37 -15.32 23.77 -7.24
CA TYR D 37 -14.62 24.79 -6.50
C TYR D 37 -13.75 24.14 -5.42
N VAL D 38 -12.53 24.63 -5.25
CA VAL D 38 -11.64 24.08 -4.25
C VAL D 38 -11.27 25.17 -3.26
N LEU D 39 -11.44 24.86 -1.99
CA LEU D 39 -11.10 25.79 -0.93
C LEU D 39 -9.59 25.98 -0.87
N GLN D 40 -9.16 27.24 -0.87
CA GLN D 40 -7.76 27.64 -0.85
C GLN D 40 -7.45 28.30 0.49
N GLN D 41 -6.85 27.57 1.38
CA GLN D 41 -6.50 28.12 2.67
C GLN D 41 -5.18 28.85 2.61
N PRO D 42 -4.95 29.79 3.51
CA PRO D 42 -3.72 30.56 3.46
C PRO D 42 -2.51 29.75 3.88
N GLU D 43 -1.38 30.10 3.28
CA GLU D 43 -0.04 30.00 3.88
C GLU D 43 0.28 28.80 4.77
N THR D 44 0.98 29.12 5.88
CA THR D 44 1.86 28.20 6.63
C THR D 44 2.92 27.60 5.71
N ARG D 45 3.33 28.37 4.70
CA ARG D 45 3.71 27.78 3.42
C ARG D 45 5.20 27.70 3.16
N VAL D 46 5.57 28.12 1.95
CA VAL D 46 6.62 27.50 1.18
C VAL D 46 6.31 26.00 1.22
N ASP D 47 5.10 25.67 0.79
CA ASP D 47 4.66 24.30 0.50
C ASP D 47 4.44 24.24 -1.00
N ILE D 48 5.52 23.96 -1.72
CA ILE D 48 5.46 23.93 -3.18
C ILE D 48 4.50 22.84 -3.64
N GLU D 49 4.41 21.76 -2.87
CA GLU D 49 3.52 20.64 -3.21
C GLU D 49 2.08 21.08 -3.25
N LYS D 50 1.60 21.65 -2.15
CA LYS D 50 0.22 22.08 -2.08
C LYS D 50 -0.07 23.11 -3.15
N VAL D 51 0.80 24.09 -3.32
CA VAL D 51 0.47 25.21 -4.18
C VAL D 51 0.34 24.74 -5.62
N GLN D 52 1.25 23.89 -6.07
CA GLN D 52 1.18 23.43 -7.44
C GLN D 52 -0.02 22.51 -7.68
N LEU D 53 -0.38 21.69 -6.71
CA LEU D 53 -1.60 20.90 -6.82
C LEU D 53 -2.81 21.80 -7.05
N LEU D 54 -3.04 22.74 -6.14
CA LEU D 54 -4.17 23.66 -6.22
C LEU D 54 -4.25 24.31 -7.59
N TYR D 55 -3.18 24.97 -8.00
CA TYR D 55 -3.21 25.65 -9.28
C TYR D 55 -3.29 24.69 -10.44
N SER D 56 -2.84 23.44 -10.29
CA SER D 56 -3.06 22.49 -11.35
C SER D 56 -4.54 22.20 -11.55
N TYR D 57 -5.36 22.34 -10.51
CA TYR D 57 -6.79 22.15 -10.73
C TYR D 57 -7.34 23.21 -11.65
N LYS D 58 -6.80 24.42 -11.60
CA LYS D 58 -7.26 25.49 -12.47
C LYS D 58 -7.12 25.13 -13.94
N ARG D 59 -6.07 24.40 -14.30
CA ARG D 59 -5.95 24.00 -15.69
C ARG D 59 -7.02 23.01 -16.08
N LEU D 60 -7.55 22.26 -15.12
CA LEU D 60 -8.57 21.28 -15.44
C LEU D 60 -9.97 21.86 -15.41
N GLY D 61 -10.12 23.14 -15.13
CA GLY D 61 -11.43 23.76 -15.11
C GLY D 61 -11.99 24.08 -13.74
N ALA D 62 -11.29 23.76 -12.66
CA ALA D 62 -11.79 24.07 -11.34
C ALA D 62 -11.53 25.53 -10.98
N ARG D 63 -12.27 26.01 -10.00
CA ARG D 63 -12.06 27.33 -9.45
C ARG D 63 -11.57 27.23 -8.02
N LEU D 64 -10.79 28.22 -7.62
CA LEU D 64 -10.25 28.29 -6.27
C LEU D 64 -11.00 29.39 -5.54
N ILE D 65 -11.33 29.13 -4.29
CA ILE D 65 -11.94 30.14 -3.43
C ILE D 65 -11.08 30.26 -2.19
N GLU D 66 -10.52 31.45 -1.96
CA GLU D 66 -9.74 31.71 -0.77
C GLU D 66 -10.63 31.81 0.45
N ALA D 67 -10.28 31.08 1.50
CA ALA D 67 -11.05 31.13 2.73
C ALA D 67 -10.21 30.57 3.86
N SER D 68 -10.58 30.95 5.07
CA SER D 68 -9.89 30.52 6.27
C SER D 68 -10.90 29.95 7.25
N PHE D 69 -10.52 28.88 7.93
CA PHE D 69 -11.40 28.30 8.92
C PHE D 69 -11.55 29.18 10.14
N SER D 70 -10.64 30.12 10.36
CA SER D 70 -10.75 31.04 11.47
C SER D 70 -11.41 32.35 11.06
N ASP D 71 -12.06 32.39 9.90
CA ASP D 71 -12.72 33.60 9.39
C ASP D 71 -14.10 33.19 8.89
N HIS D 72 -15.07 33.22 9.80
CA HIS D 72 -16.40 32.70 9.53
C HIS D 72 -17.01 33.31 8.28
N GLN D 73 -16.84 34.61 8.09
CA GLN D 73 -17.38 35.29 6.92
C GLN D 73 -16.80 34.70 5.63
N SER D 74 -15.51 34.35 5.65
CA SER D 74 -14.95 33.81 4.42
C SER D 74 -15.53 32.44 4.12
N LEU D 75 -15.87 31.66 5.15
CA LEU D 75 -16.51 30.37 4.92
C LEU D 75 -17.91 30.54 4.38
N VAL D 76 -18.70 31.40 5.02
CA VAL D 76 -20.06 31.65 4.54
C VAL D 76 -20.03 32.09 3.10
N SER D 77 -19.11 32.99 2.75
CA SER D 77 -19.04 33.48 1.38
C SER D 77 -18.69 32.37 0.41
N ALA D 78 -17.79 31.47 0.78
CA ALA D 78 -17.46 30.41 -0.15
C ALA D 78 -18.62 29.43 -0.34
N VAL D 79 -19.32 29.06 0.73
CA VAL D 79 -20.37 28.06 0.53
C VAL D 79 -21.58 28.66 -0.20
N LYS D 80 -21.77 29.97 -0.19
CA LYS D 80 -22.84 30.57 -0.98
C LYS D 80 -22.63 30.35 -2.47
N GLN D 81 -21.39 30.12 -2.89
CA GLN D 81 -21.17 30.03 -4.31
C GLN D 81 -21.52 28.68 -4.90
N VAL D 82 -21.91 27.69 -4.09
CA VAL D 82 -22.08 26.33 -4.57
C VAL D 82 -23.39 25.76 -4.07
N ASP D 83 -23.68 24.55 -4.54
CA ASP D 83 -24.85 23.76 -4.16
C ASP D 83 -24.51 22.61 -3.22
N ILE D 84 -23.28 22.09 -3.27
CA ILE D 84 -22.91 20.91 -2.51
C ILE D 84 -21.49 21.09 -1.99
N VAL D 85 -21.27 20.65 -0.75
CA VAL D 85 -19.97 20.72 -0.09
C VAL D 85 -19.54 19.31 0.29
N VAL D 86 -18.31 18.95 -0.04
CA VAL D 86 -17.68 17.70 0.35
C VAL D 86 -16.38 18.02 1.09
N ALA D 87 -16.20 17.43 2.26
CA ALA D 87 -14.96 17.59 3.01
C ALA D 87 -14.20 16.27 3.07
N ALA D 88 -12.88 16.34 2.95
CA ALA D 88 -12.02 15.17 3.11
C ALA D 88 -10.71 15.63 3.75
N MET D 89 -10.65 15.55 5.08
CA MET D 89 -9.70 16.33 5.86
C MET D 89 -8.57 15.53 6.50
N SER D 90 -8.87 14.42 7.19
CA SER D 90 -7.96 13.93 8.25
C SER D 90 -6.49 14.31 8.08
N SER D 98 -8.95 18.73 13.80
CA SER D 98 -8.82 18.64 12.35
C SER D 98 -10.04 18.02 11.66
N ILE D 99 -10.58 16.94 12.21
CA ILE D 99 -11.93 16.57 11.86
C ILE D 99 -12.91 17.62 12.35
N LEU D 100 -12.62 18.21 13.51
CA LEU D 100 -13.56 19.13 14.15
C LEU D 100 -13.51 20.54 13.58
N VAL D 101 -12.62 20.87 12.63
CA VAL D 101 -12.81 22.16 11.96
C VAL D 101 -14.10 22.14 11.15
N GLN D 102 -14.63 20.97 10.83
CA GLN D 102 -15.85 20.90 10.07
C GLN D 102 -17.03 21.50 10.82
N LEU D 103 -16.94 21.56 12.15
CA LEU D 103 -17.97 22.24 12.93
C LEU D 103 -18.11 23.70 12.49
N LYS D 104 -16.99 24.37 12.24
CA LYS D 104 -17.06 25.73 11.71
C LYS D 104 -17.62 25.73 10.31
N LEU D 105 -17.40 24.65 9.57
CA LEU D 105 -17.95 24.57 8.23
C LEU D 105 -19.46 24.38 8.29
N VAL D 106 -19.93 23.59 9.27
CA VAL D 106 -21.36 23.39 9.44
C VAL D 106 -22.06 24.67 9.86
N GLU D 107 -21.45 25.43 10.78
CA GLU D 107 -21.99 26.74 11.11
C GLU D 107 -22.14 27.61 9.86
N ALA D 108 -21.10 27.63 9.01
CA ALA D 108 -21.17 28.47 7.82
C ALA D 108 -22.24 27.98 6.86
N ILE D 109 -22.33 26.66 6.64
CA ILE D 109 -23.36 26.14 5.75
C ILE D 109 -24.74 26.49 6.26
N LYS D 110 -24.93 26.38 7.58
CA LYS D 110 -26.22 26.67 8.19
C LYS D 110 -26.64 28.11 7.94
N GLU D 111 -25.69 29.05 8.04
CA GLU D 111 -26.00 30.46 7.84
C GLU D 111 -26.24 30.78 6.36
N ALA D 112 -25.37 30.25 5.48
CA ALA D 112 -25.57 30.43 4.04
C ALA D 112 -26.96 30.03 3.60
N GLY D 113 -27.43 28.87 4.06
CA GLY D 113 -28.79 28.43 3.81
C GLY D 113 -29.04 27.79 2.46
N ASN D 114 -28.11 27.89 1.53
CA ASN D 114 -28.33 27.46 0.17
C ASN D 114 -27.76 26.09 -0.15
N ILE D 115 -27.10 25.44 0.80
CA ILE D 115 -26.45 24.17 0.50
C ILE D 115 -27.49 23.05 0.46
N LYS D 116 -27.50 22.31 -0.64
CA LYS D 116 -28.41 21.18 -0.81
C LYS D 116 -27.88 19.89 -0.26
N ARG D 117 -26.58 19.77 0.02
CA ARG D 117 -26.06 18.56 0.62
C ARG D 117 -24.62 18.74 1.08
N PHE D 118 -24.32 18.20 2.24
CA PHE D 118 -22.98 18.20 2.79
C PHE D 118 -22.55 16.76 2.96
N LEU D 119 -21.41 16.41 2.41
CA LEU D 119 -20.78 15.11 2.61
C LEU D 119 -19.56 15.34 3.49
N PRO D 120 -19.62 15.02 4.75
CA PRO D 120 -18.47 15.26 5.63
C PRO D 120 -17.35 14.25 5.42
N SER D 121 -16.25 14.45 6.16
CA SER D 121 -15.02 13.68 5.97
C SER D 121 -15.17 12.31 6.64
N GLU D 122 -15.70 11.36 5.88
CA GLU D 122 -15.97 10.03 6.38
C GLU D 122 -14.98 9.08 5.74
N PHE D 123 -15.37 8.28 4.74
CA PHE D 123 -14.46 7.49 3.91
C PHE D 123 -13.60 6.52 4.72
N GLY D 124 -14.07 6.08 5.87
CA GLY D 124 -13.38 5.03 6.61
C GLY D 124 -14.38 4.05 7.18
N MET D 125 -14.06 3.42 8.31
CA MET D 125 -15.06 2.64 9.03
C MET D 125 -16.22 3.54 9.42
N ASP D 126 -17.44 2.97 9.40
CA ASP D 126 -18.58 3.72 9.89
C ASP D 126 -18.35 4.03 11.37
N PRO D 127 -18.18 5.29 11.76
CA PRO D 127 -17.94 5.60 13.17
C PRO D 127 -19.13 5.32 14.05
N SER D 128 -20.33 5.16 13.50
CA SER D 128 -21.52 4.92 14.31
C SER D 128 -21.68 3.46 14.70
N ARG D 129 -20.68 2.62 14.44
CA ARG D 129 -20.75 1.20 14.76
C ARG D 129 -19.67 0.77 15.74
N MET D 130 -18.98 1.70 16.40
CA MET D 130 -17.81 1.35 17.20
C MET D 130 -18.07 1.60 18.68
N GLY D 131 -18.39 0.54 19.42
CA GLY D 131 -18.51 0.62 20.87
C GLY D 131 -17.39 -0.13 21.58
N ARG D 138 -10.10 5.82 17.77
CA ARG D 138 -10.70 5.87 19.09
C ARG D 138 -11.48 7.19 19.31
N GLU D 139 -10.77 8.32 19.45
CA GLU D 139 -11.44 9.60 19.38
C GLU D 139 -11.85 9.94 17.95
N THR D 140 -11.21 9.31 16.97
CA THR D 140 -11.59 9.50 15.57
C THR D 140 -13.08 9.29 15.38
N PHE D 141 -13.62 8.24 15.99
CA PHE D 141 -15.04 7.97 15.83
C PHE D 141 -15.88 8.98 16.57
N ASP D 142 -15.43 9.41 17.74
CA ASP D 142 -16.18 10.38 18.51
C ASP D 142 -16.28 11.71 17.77
N GLN D 143 -15.21 12.11 17.09
CA GLN D 143 -15.22 13.40 16.42
C GLN D 143 -16.05 13.37 15.15
N LYS D 144 -15.96 12.30 14.35
CA LYS D 144 -16.85 12.20 13.21
C LYS D 144 -18.31 12.21 13.64
N LEU D 145 -18.62 11.50 14.74
CA LEU D 145 -19.99 11.52 15.25
C LEU D 145 -20.37 12.91 15.75
N GLU D 146 -19.44 13.60 16.40
CA GLU D 146 -19.73 14.96 16.81
C GLU D 146 -20.12 15.81 15.61
N VAL D 147 -19.48 15.57 14.47
CA VAL D 147 -19.78 16.32 13.25
C VAL D 147 -21.11 15.88 12.66
N ARG D 148 -21.41 14.59 12.72
CA ARG D 148 -22.73 14.13 12.27
C ARG D 148 -23.84 14.80 13.10
N ASN D 149 -23.66 14.88 14.41
CA ASN D 149 -24.69 15.49 15.26
C ASN D 149 -24.95 16.92 14.85
N ALA D 150 -23.89 17.73 14.72
CA ALA D 150 -24.06 19.13 14.34
C ALA D 150 -24.66 19.26 12.94
N ILE D 151 -24.30 18.36 12.01
CA ILE D 151 -24.92 18.40 10.69
C ILE D 151 -26.42 18.25 10.81
N GLU D 152 -26.85 17.28 11.61
CA GLU D 152 -28.26 16.92 11.65
C GLU D 152 -29.06 17.90 12.49
N ALA D 153 -28.49 18.38 13.60
CA ALA D 153 -29.12 19.47 14.34
C ALA D 153 -29.38 20.68 13.43
N ALA D 154 -28.45 20.98 12.52
CA ALA D 154 -28.66 22.12 11.65
C ALA D 154 -29.63 21.82 10.52
N GLY D 155 -30.11 20.59 10.41
CA GLY D 155 -30.98 20.24 9.32
C GLY D 155 -30.32 20.18 7.96
N ILE D 156 -29.00 20.11 7.90
CA ILE D 156 -28.28 20.08 6.62
C ILE D 156 -28.40 18.69 6.00
N PRO D 157 -29.00 18.56 4.82
CA PRO D 157 -28.99 17.26 4.14
C PRO D 157 -27.57 16.74 3.97
N HIS D 158 -27.43 15.42 4.00
CA HIS D 158 -26.12 14.80 4.12
C HIS D 158 -26.09 13.48 3.39
N THR D 159 -24.86 13.00 3.18
CA THR D 159 -24.58 11.62 2.81
C THR D 159 -23.27 11.27 3.50
N TYR D 160 -23.20 10.07 4.07
CA TYR D 160 -22.01 9.54 4.74
C TYR D 160 -21.49 8.37 3.91
N VAL D 161 -20.30 8.53 3.33
CA VAL D 161 -19.66 7.51 2.51
C VAL D 161 -18.65 6.77 3.38
N VAL D 162 -18.88 5.46 3.58
CA VAL D 162 -18.13 4.69 4.57
C VAL D 162 -17.85 3.30 4.03
N GLY D 163 -17.09 2.53 4.82
CA GLY D 163 -17.04 1.09 4.69
C GLY D 163 -15.86 0.48 3.97
N ALA D 164 -14.79 1.24 3.71
CA ALA D 164 -13.72 0.74 2.87
C ALA D 164 -12.35 0.97 3.48
N CYS D 165 -11.43 0.07 3.14
CA CYS D 165 -10.00 0.29 3.27
C CYS D 165 -9.46 0.92 1.99
N PHE D 166 -8.78 2.05 2.13
CA PHE D 166 -7.96 2.58 1.04
C PHE D 166 -6.95 1.53 0.61
N ALA D 167 -6.98 1.16 -0.67
CA ALA D 167 -6.03 0.16 -1.17
C ALA D 167 -4.58 0.61 -1.02
N ALA D 168 -4.33 1.91 -1.05
CA ALA D 168 -2.95 2.36 -0.97
C ALA D 168 -2.37 2.12 0.41
N TYR D 169 -3.19 2.15 1.45
CA TYR D 169 -2.70 1.93 2.79
C TYR D 169 -2.78 0.48 3.25
N PHE D 170 -3.60 -0.36 2.61
CA PHE D 170 -3.83 -1.73 3.08
C PHE D 170 -3.68 -2.82 2.04
N ALA D 171 -3.76 -2.52 0.75
CA ALA D 171 -3.62 -3.56 -0.27
C ALA D 171 -2.23 -3.62 -0.89
N GLY D 172 -1.61 -2.47 -1.13
CA GLY D 172 -0.29 -2.44 -1.74
C GLY D 172 0.79 -3.07 -0.89
N ASN D 173 0.65 -3.01 0.42
CA ASN D 173 1.54 -3.64 1.37
C ASN D 173 1.07 -5.02 1.81
N LEU D 174 0.08 -5.59 1.13
CA LEU D 174 -0.50 -6.85 1.59
C LEU D 174 -0.98 -6.73 3.03
N SER D 175 -1.42 -5.53 3.40
CA SER D 175 -1.84 -5.18 4.74
C SER D 175 -0.70 -5.22 5.75
N GLN D 176 0.54 -5.28 5.31
CA GLN D 176 1.66 -5.13 6.23
C GLN D 176 1.74 -3.71 6.75
N MET D 177 2.28 -3.57 7.95
CA MET D 177 2.46 -2.24 8.49
C MET D 177 3.90 -1.79 8.28
N GLY D 178 4.08 -0.48 8.30
CA GLY D 178 5.40 0.08 8.11
C GLY D 178 5.87 0.13 6.68
N THR D 179 5.01 -0.20 5.72
CA THR D 179 5.41 -0.15 4.34
C THR D 179 4.17 0.01 3.49
N LEU D 180 4.38 0.50 2.28
CA LEU D 180 3.32 0.69 1.32
C LEU D 180 3.48 -0.17 0.06
N ILE D 181 4.48 -1.03 -0.01
CA ILE D 181 4.62 -1.88 -1.19
C ILE D 181 4.68 -3.34 -0.78
N PRO D 182 4.49 -4.27 -1.69
CA PRO D 182 4.48 -5.67 -1.30
C PRO D 182 5.84 -6.09 -0.78
N PRO D 183 5.87 -6.92 0.26
CA PRO D 183 7.15 -7.39 0.79
C PRO D 183 7.76 -8.46 -0.10
N LYS D 184 9.07 -8.62 0.05
CA LYS D 184 9.80 -9.48 -0.87
C LYS D 184 9.79 -10.96 -0.47
N LYS D 185 9.90 -11.26 0.82
CA LYS D 185 10.10 -12.64 1.27
C LYS D 185 9.05 -13.10 2.26
N LYS D 186 8.75 -12.28 3.26
CA LYS D 186 7.96 -12.68 4.39
C LYS D 186 6.76 -11.77 4.49
N VAL D 187 5.61 -12.31 4.87
CA VAL D 187 4.43 -11.52 5.15
C VAL D 187 3.87 -11.95 6.49
N ASN D 188 3.41 -10.98 7.28
CA ASN D 188 2.75 -11.26 8.54
C ASN D 188 1.25 -11.39 8.32
N ILE D 189 0.67 -12.43 8.84
CA ILE D 189 -0.78 -12.61 8.80
C ILE D 189 -1.31 -12.27 10.17
N TYR D 190 -2.55 -11.80 10.20
CA TYR D 190 -3.23 -11.42 11.44
C TYR D 190 -4.33 -12.41 11.70
N GLY D 191 -4.26 -13.10 12.83
CA GLY D 191 -5.09 -14.25 13.06
C GLY D 191 -4.88 -15.27 11.96
N ASP D 192 -5.93 -16.05 11.72
CA ASP D 192 -5.98 -16.95 10.59
C ASP D 192 -5.78 -16.25 9.26
N GLY D 193 -5.95 -14.93 9.21
CA GLY D 193 -6.03 -14.24 7.95
C GLY D 193 -7.25 -14.62 7.13
N ASN D 194 -8.34 -15.04 7.79
CA ASN D 194 -9.59 -15.41 7.11
C ASN D 194 -10.74 -14.52 7.56
N VAL D 195 -10.44 -13.33 8.01
CA VAL D 195 -11.45 -12.31 8.29
C VAL D 195 -11.63 -11.46 7.04
N LYS D 196 -12.88 -11.25 6.64
CA LYS D 196 -13.16 -10.51 5.40
C LYS D 196 -12.90 -9.01 5.58
N VAL D 197 -12.22 -8.41 4.59
CA VAL D 197 -11.90 -7.00 4.58
C VAL D 197 -12.31 -6.42 3.25
N VAL D 198 -12.55 -5.12 3.21
CA VAL D 198 -13.02 -4.44 2.00
C VAL D 198 -11.91 -3.52 1.49
N TYR D 199 -11.30 -3.89 0.36
CA TYR D 199 -10.16 -3.17 -0.20
C TYR D 199 -10.60 -2.45 -1.46
N VAL D 200 -10.51 -1.13 -1.47
CA VAL D 200 -11.00 -0.34 -2.60
C VAL D 200 -9.96 0.68 -3.01
N ASP D 201 -9.72 0.79 -4.31
CA ASP D 201 -8.89 1.83 -4.88
C ASP D 201 -9.46 3.19 -4.52
N GLU D 202 -8.61 4.08 -4.01
CA GLU D 202 -9.07 5.41 -3.63
C GLU D 202 -9.70 6.17 -4.80
N ASP D 203 -9.29 5.86 -6.04
CA ASP D 203 -9.93 6.52 -7.17
C ASP D 203 -11.38 6.11 -7.28
N ASP D 204 -11.73 4.89 -6.85
CA ASP D 204 -13.09 4.42 -6.97
C ASP D 204 -13.98 5.02 -5.90
N ILE D 205 -13.44 5.16 -4.68
CA ILE D 205 -14.14 5.88 -3.63
C ILE D 205 -14.49 7.28 -4.08
N ALA D 206 -13.49 7.98 -4.66
CA ALA D 206 -13.71 9.33 -5.15
C ALA D 206 -14.79 9.35 -6.23
N GLU D 207 -14.71 8.45 -7.20
CA GLU D 207 -15.72 8.44 -8.25
C GLU D 207 -17.11 8.09 -7.69
N TYR D 208 -17.20 7.09 -6.82
CA TYR D 208 -18.47 6.82 -6.18
C TYR D 208 -18.99 8.08 -5.50
N THR D 209 -18.12 8.78 -4.77
CA THR D 209 -18.50 10.01 -4.08
C THR D 209 -19.02 11.05 -5.07
N ALA D 210 -18.37 11.17 -6.22
CA ALA D 210 -18.76 12.16 -7.21
C ALA D 210 -20.12 11.84 -7.83
N LYS D 211 -20.48 10.55 -7.88
CA LYS D 211 -21.75 10.15 -8.45
C LYS D 211 -22.87 10.25 -7.43
N THR D 212 -22.56 10.07 -6.16
CA THR D 212 -23.60 10.02 -5.16
C THR D 212 -24.04 11.39 -4.68
N LEU D 213 -23.19 12.42 -4.80
CA LEU D 213 -23.45 13.65 -4.04
C LEU D 213 -24.67 14.42 -4.54
N ASP D 214 -25.15 14.15 -5.76
CA ASP D 214 -26.41 14.76 -6.18
C ASP D 214 -27.41 13.70 -6.62
N ASP D 215 -27.31 12.50 -6.06
CA ASP D 215 -28.20 11.41 -6.40
C ASP D 215 -29.35 11.35 -5.40
N PRO D 216 -30.60 11.54 -5.83
CA PRO D 216 -31.73 11.52 -4.88
C PRO D 216 -31.82 10.27 -4.05
N ARG D 217 -31.35 9.13 -4.54
CA ARG D 217 -31.50 7.91 -3.76
C ARG D 217 -30.71 7.94 -2.47
N THR D 218 -29.67 8.78 -2.37
CA THR D 218 -28.74 8.69 -1.26
C THR D 218 -28.77 9.91 -0.36
N ILE D 219 -29.72 10.81 -0.58
CA ILE D 219 -29.86 11.95 0.31
C ILE D 219 -30.21 11.46 1.72
N ASN D 220 -29.50 12.01 2.71
CA ASN D 220 -29.64 11.65 4.13
C ASN D 220 -29.47 10.16 4.39
N LYS D 221 -28.71 9.50 3.53
CA LYS D 221 -28.39 8.10 3.72
C LYS D 221 -26.90 7.94 3.98
N THR D 222 -26.55 6.78 4.50
CA THR D 222 -25.18 6.31 4.55
C THR D 222 -24.97 5.42 3.33
N VAL D 223 -23.92 5.68 2.57
CA VAL D 223 -23.57 4.87 1.40
C VAL D 223 -22.37 4.02 1.78
N TYR D 224 -22.52 2.71 1.64
CA TYR D 224 -21.42 1.80 1.89
C TYR D 224 -20.72 1.51 0.57
N VAL D 225 -19.40 1.67 0.57
CA VAL D 225 -18.57 1.37 -0.58
C VAL D 225 -18.01 -0.02 -0.34
N ARG D 226 -18.64 -1.02 -0.93
CA ARG D 226 -18.29 -2.42 -0.67
C ARG D 226 -18.42 -3.22 -1.96
N PRO D 227 -17.55 -2.95 -2.93
CA PRO D 227 -17.62 -3.64 -4.22
C PRO D 227 -17.41 -5.13 -4.03
N THR D 228 -18.28 -5.92 -4.64
CA THR D 228 -18.40 -7.32 -4.27
C THR D 228 -17.07 -8.07 -4.41
N GLU D 229 -16.45 -7.97 -5.57
CA GLU D 229 -15.25 -8.75 -5.81
C GLU D 229 -14.05 -8.30 -5.00
N ASN D 230 -14.16 -7.18 -4.27
CA ASN D 230 -13.07 -6.69 -3.44
C ASN D 230 -13.28 -6.98 -1.96
N VAL D 231 -14.23 -7.85 -1.63
CA VAL D 231 -14.39 -8.31 -0.26
C VAL D 231 -13.50 -9.54 -0.15
N LEU D 232 -12.37 -9.40 0.53
CA LEU D 232 -11.33 -10.41 0.53
C LEU D 232 -10.76 -10.52 1.93
N THR D 233 -10.26 -11.71 2.26
CA THR D 233 -9.45 -11.88 3.45
C THR D 233 -8.00 -11.54 3.13
N GLN D 234 -7.21 -11.31 4.18
CA GLN D 234 -5.81 -10.97 3.94
C GLN D 234 -5.10 -12.10 3.24
N MET D 235 -5.45 -13.35 3.55
CA MET D 235 -4.84 -14.47 2.86
C MET D 235 -5.25 -14.48 1.39
N GLU D 236 -6.54 -14.24 1.12
CA GLU D 236 -6.98 -14.10 -0.27
C GLU D 236 -6.22 -13.00 -0.99
N LEU D 237 -5.99 -11.87 -0.32
CA LEU D 237 -5.22 -10.82 -0.95
C LEU D 237 -3.77 -11.24 -1.16
N VAL D 238 -3.18 -11.92 -0.17
CA VAL D 238 -1.81 -12.41 -0.32
C VAL D 238 -1.74 -13.40 -1.47
N GLN D 239 -2.75 -14.23 -1.62
CA GLN D 239 -2.70 -15.25 -2.65
C GLN D 239 -2.88 -14.65 -4.03
N ILE D 240 -3.52 -13.48 -4.12
CA ILE D 240 -3.57 -12.78 -5.40
C ILE D 240 -2.19 -12.36 -5.81
N TRP D 241 -1.41 -11.82 -4.87
CA TRP D 241 -0.07 -11.36 -5.20
C TRP D 241 0.85 -12.53 -5.53
N GLU D 242 0.77 -13.62 -4.75
CA GLU D 242 1.55 -14.81 -5.07
C GLU D 242 1.24 -15.34 -6.46
N LYS D 243 -0.02 -15.30 -6.85
CA LYS D 243 -0.34 -15.77 -8.18
C LYS D 243 0.21 -14.82 -9.22
N LEU D 244 0.33 -13.54 -8.88
CA LEU D 244 0.89 -12.59 -9.85
C LEU D 244 2.39 -12.81 -10.02
N THR D 245 3.09 -13.16 -8.94
CA THR D 245 4.54 -13.29 -8.97
C THR D 245 5.02 -14.72 -9.24
N GLY D 246 4.21 -15.72 -8.92
CA GLY D 246 4.63 -17.09 -9.00
C GLY D 246 5.46 -17.56 -7.83
N LYS D 247 5.55 -16.76 -6.77
CA LYS D 247 6.40 -17.06 -5.64
C LYS D 247 5.57 -17.03 -4.37
N GLU D 248 5.49 -18.17 -3.69
CA GLU D 248 4.90 -18.18 -2.37
C GLU D 248 5.75 -17.37 -1.41
N LEU D 249 5.10 -16.56 -0.59
CA LEU D 249 5.74 -15.89 0.53
C LEU D 249 5.67 -16.76 1.78
N GLU D 250 6.63 -16.54 2.68
CA GLU D 250 6.57 -17.17 4.00
C GLU D 250 5.65 -16.36 4.91
N LYS D 251 4.75 -17.04 5.59
CA LYS D 251 3.73 -16.38 6.39
C LYS D 251 3.96 -16.67 7.87
N THR D 252 3.92 -15.63 8.69
CA THR D 252 4.03 -15.75 10.15
C THR D 252 2.73 -15.25 10.77
N ASN D 253 1.86 -16.15 11.20
CA ASN D 253 0.57 -15.72 11.74
C ASN D 253 0.77 -14.86 12.99
N ILE D 254 -0.33 -14.36 13.52
CA ILE D 254 -0.36 -13.60 14.77
C ILE D 254 -1.72 -13.77 15.42
N SER D 255 -1.74 -14.27 16.64
CA SER D 255 -3.01 -14.38 17.37
C SER D 255 -3.48 -12.99 17.78
N ALA D 256 -4.77 -12.90 18.11
CA ALA D 256 -5.30 -11.66 18.64
C ALA D 256 -4.37 -11.11 19.72
N ASN D 257 -4.19 -11.87 20.80
CA ASN D 257 -3.53 -11.33 21.97
C ASN D 257 -2.08 -10.96 21.69
N ASP D 258 -1.42 -11.64 20.77
CA ASP D 258 -0.02 -11.28 20.52
C ASP D 258 0.08 -9.94 19.80
N PHE D 259 -0.86 -9.64 18.89
CA PHE D 259 -0.93 -8.30 18.30
C PHE D 259 -1.17 -7.26 19.39
N LEU D 260 -2.13 -7.50 20.27
CA LEU D 260 -2.30 -6.68 21.46
C LEU D 260 -1.03 -6.73 22.30
N ALA D 261 -0.42 -5.56 22.52
CA ALA D 261 0.71 -5.43 23.41
C ALA D 261 1.13 -3.98 23.36
N ASP D 262 0.16 -3.15 22.99
CA ASP D 262 0.31 -1.80 22.47
C ASP D 262 0.91 -0.79 23.43
N ILE D 263 1.98 -1.16 24.12
CA ILE D 263 2.40 -0.41 25.30
C ILE D 263 1.16 -0.18 26.16
N GLN D 271 -1.18 3.52 19.71
CA GLN D 271 -1.66 4.26 18.55
C GLN D 271 -3.15 4.06 18.37
N ALA D 272 -3.82 5.12 17.90
CA ALA D 272 -5.15 4.97 17.34
C ALA D 272 -5.13 4.04 16.13
N GLY D 273 -4.11 4.18 15.27
CA GLY D 273 -3.93 3.29 14.14
C GLY D 273 -4.04 1.83 14.51
N LEU D 274 -3.11 1.34 15.32
CA LEU D 274 -3.27 0.04 15.94
C LEU D 274 -4.62 -0.01 16.62
N GLY D 275 -5.32 -1.13 16.46
CA GLY D 275 -6.59 -1.17 17.15
C GLY D 275 -7.71 -0.83 16.20
N HIS D 276 -7.68 0.38 15.62
CA HIS D 276 -8.39 0.57 14.36
C HIS D 276 -8.13 -0.63 13.47
N PHE D 277 -6.84 -0.89 13.23
CA PHE D 277 -6.41 -2.08 12.52
C PHE D 277 -7.02 -3.33 13.11
N TYR D 278 -6.91 -3.47 14.43
CA TYR D 278 -7.47 -4.64 15.10
C TYR D 278 -8.93 -4.82 14.75
N HIS D 279 -9.72 -3.76 14.83
CA HIS D 279 -11.15 -3.89 14.55
C HIS D 279 -11.39 -4.39 13.15
N ILE D 280 -10.58 -3.95 12.20
CA ILE D 280 -10.74 -4.33 10.81
C ILE D 280 -10.32 -5.78 10.61
N PHE D 281 -9.11 -6.11 11.01
CA PHE D 281 -8.50 -7.38 10.61
C PHE D 281 -8.75 -8.51 11.60
N TYR D 282 -9.07 -8.19 12.85
CA TYR D 282 -9.40 -9.25 13.79
C TYR D 282 -10.90 -9.39 13.98
N GLU D 283 -11.62 -8.29 14.22
CA GLU D 283 -13.05 -8.38 14.43
C GLU D 283 -13.85 -8.32 13.14
N GLY D 284 -13.22 -7.96 12.02
CA GLY D 284 -13.93 -7.82 10.76
C GLY D 284 -15.05 -6.80 10.83
N CYS D 285 -14.77 -5.63 11.38
CA CYS D 285 -15.84 -4.66 11.54
C CYS D 285 -16.32 -4.10 10.21
N LEU D 286 -15.55 -4.24 9.14
CA LEU D 286 -16.02 -3.75 7.85
C LEU D 286 -16.96 -4.73 7.15
N THR D 287 -17.09 -5.97 7.64
CA THR D 287 -17.87 -6.96 6.93
C THR D 287 -18.84 -7.74 7.80
N ASP D 288 -18.88 -7.51 9.11
CA ASP D 288 -19.75 -8.27 10.01
C ASP D 288 -21.19 -7.75 9.97
N HIS D 289 -21.60 -7.21 8.83
CA HIS D 289 -22.96 -6.71 8.72
C HIS D 289 -23.30 -6.66 7.23
N GLU D 290 -24.56 -6.93 6.93
CA GLU D 290 -25.05 -6.86 5.57
C GLU D 290 -25.41 -5.42 5.22
N VAL D 291 -25.23 -5.08 3.94
CA VAL D 291 -25.69 -3.81 3.42
C VAL D 291 -26.51 -4.10 2.18
N GLY D 292 -27.59 -3.33 1.99
CA GLY D 292 -28.48 -3.58 0.88
C GLY D 292 -28.05 -2.90 -0.39
N ASP D 293 -28.56 -3.41 -1.51
CA ASP D 293 -28.19 -2.87 -2.81
C ASP D 293 -28.57 -1.40 -2.94
N ASP D 294 -29.63 -0.97 -2.28
CA ASP D 294 -30.00 0.44 -2.40
C ASP D 294 -29.08 1.35 -1.60
N GLU D 295 -28.18 0.78 -0.80
CA GLU D 295 -27.24 1.56 -0.02
C GLU D 295 -25.78 1.15 -0.27
N GLU D 296 -25.49 0.52 -1.40
CA GLU D 296 -24.14 0.01 -1.65
C GLU D 296 -23.63 0.53 -2.98
N ALA D 297 -22.44 1.14 -2.96
CA ALA D 297 -22.03 2.02 -4.05
C ALA D 297 -21.89 1.27 -5.37
N SER D 298 -21.32 0.07 -5.36
CA SER D 298 -21.15 -0.61 -6.65
C SER D 298 -22.48 -1.05 -7.26
N LYS D 299 -23.49 -1.31 -6.43
CA LYS D 299 -24.82 -1.58 -6.96
C LYS D 299 -25.53 -0.30 -7.36
N LEU D 300 -25.34 0.77 -6.59
CA LEU D 300 -25.93 2.06 -6.95
C LEU D 300 -25.34 2.62 -8.24
N TYR D 301 -24.05 2.40 -8.45
CA TYR D 301 -23.32 2.97 -9.59
C TYR D 301 -22.60 1.84 -10.28
N PRO D 302 -23.34 0.97 -10.97
CA PRO D 302 -22.73 -0.22 -11.58
C PRO D 302 -21.89 0.10 -12.80
N ASP D 303 -21.96 1.31 -13.31
CA ASP D 303 -21.11 1.73 -14.42
C ASP D 303 -19.68 2.03 -13.99
N VAL D 304 -19.43 2.17 -12.70
CA VAL D 304 -18.06 2.28 -12.18
C VAL D 304 -17.41 0.90 -12.26
N LYS D 305 -16.44 0.74 -13.14
CA LYS D 305 -15.70 -0.52 -13.24
C LYS D 305 -14.54 -0.43 -12.26
N TYR D 306 -14.86 -0.67 -11.00
CA TYR D 306 -13.89 -0.52 -9.93
C TYR D 306 -12.71 -1.45 -10.16
N THR D 307 -11.56 -1.05 -9.62
CA THR D 307 -10.32 -1.77 -9.83
C THR D 307 -10.31 -3.01 -8.94
N ARG D 308 -10.20 -4.19 -9.55
CA ARG D 308 -10.03 -5.39 -8.72
C ARG D 308 -8.61 -5.41 -8.18
N MET D 309 -8.42 -6.13 -7.09
CA MET D 309 -7.13 -6.05 -6.43
C MET D 309 -6.04 -6.75 -7.22
N ASP D 310 -6.37 -7.71 -8.06
CA ASP D 310 -5.33 -8.26 -8.92
C ASP D 310 -4.84 -7.20 -9.88
N GLU D 311 -5.72 -6.32 -10.35
CA GLU D 311 -5.28 -5.23 -11.21
C GLU D 311 -4.55 -4.15 -10.43
N TYR D 312 -5.03 -3.82 -9.24
CA TYR D 312 -4.35 -2.81 -8.45
C TYR D 312 -2.90 -3.19 -8.20
N LEU D 313 -2.63 -4.47 -7.97
CA LEU D 313 -1.30 -4.87 -7.53
C LEU D 313 -0.29 -4.96 -8.67
N LYS D 314 -0.73 -5.07 -9.92
CA LYS D 314 0.23 -5.31 -10.98
C LYS D 314 1.27 -4.20 -11.08
N ILE D 315 0.90 -2.96 -10.78
CA ILE D 315 1.84 -1.85 -10.90
C ILE D 315 3.12 -2.15 -10.11
N PHE D 316 3.04 -3.06 -9.14
CA PHE D 316 4.17 -3.31 -8.25
C PHE D 316 5.07 -4.46 -8.73
N LEU D 317 4.66 -5.21 -9.72
CA LEU D 317 5.43 -6.36 -10.13
C LEU D 317 6.82 -5.96 -10.61
N GLU E 8 19.59 1.60 -28.64
CA GLU E 8 20.30 2.82 -29.04
C GLU E 8 19.88 4.07 -28.24
N LYS E 9 19.00 3.88 -27.27
CA LYS E 9 18.64 4.96 -26.37
C LYS E 9 19.67 5.08 -25.25
N THR E 10 19.92 6.30 -24.82
CA THR E 10 20.71 6.50 -23.61
C THR E 10 19.91 6.06 -22.41
N ARG E 11 20.54 5.32 -21.51
CA ARG E 11 19.91 4.88 -20.28
C ARG E 11 20.31 5.81 -19.15
N VAL E 12 19.33 6.45 -18.52
CA VAL E 12 19.55 7.50 -17.55
C VAL E 12 19.02 7.05 -16.20
N LEU E 13 19.84 7.18 -15.17
CA LEU E 13 19.40 7.01 -13.79
C LEU E 13 19.20 8.38 -13.17
N VAL E 14 18.00 8.62 -12.66
CA VAL E 14 17.69 9.83 -11.92
C VAL E 14 17.71 9.51 -10.43
N VAL E 15 18.57 10.22 -9.72
CA VAL E 15 18.70 10.16 -8.27
C VAL E 15 17.98 11.38 -7.72
N GLY E 16 17.04 11.17 -6.80
CA GLY E 16 16.22 12.25 -6.33
C GLY E 16 14.94 12.41 -7.12
N GLY E 17 14.40 11.31 -7.64
CA GLY E 17 13.32 11.38 -8.60
C GLY E 17 11.96 11.80 -8.06
N THR E 18 11.77 11.89 -6.75
CA THR E 18 10.51 12.38 -6.23
C THR E 18 10.60 13.83 -5.78
N GLY E 19 11.70 14.47 -6.05
CA GLY E 19 11.86 15.86 -5.70
C GLY E 19 11.21 16.81 -6.67
N THR E 20 11.25 18.08 -6.27
CA THR E 20 10.72 19.15 -7.10
C THR E 20 11.33 19.14 -8.48
N MET E 21 12.65 19.22 -8.56
CA MET E 21 13.26 19.16 -9.88
C MET E 21 13.36 17.73 -10.36
N GLY E 22 13.66 16.81 -9.45
CA GLY E 22 13.79 15.40 -9.80
C GLY E 22 12.61 14.87 -10.58
N ARG E 23 11.39 15.13 -10.09
CA ARG E 23 10.23 14.57 -10.79
C ARG E 23 10.09 15.12 -12.20
N ARG E 24 10.47 16.38 -12.41
CA ARG E 24 10.43 16.94 -13.75
C ARG E 24 11.51 16.38 -14.64
N ILE E 25 12.65 16.01 -14.06
CA ILE E 25 13.71 15.42 -14.87
C ILE E 25 13.35 14.01 -15.29
N VAL E 26 12.72 13.24 -14.39
CA VAL E 26 12.20 11.93 -14.77
C VAL E 26 11.30 12.05 -16.00
N ARG E 27 10.36 12.98 -15.97
CA ARG E 27 9.41 13.07 -17.06
C ARG E 27 10.04 13.62 -18.32
N ALA E 28 11.00 14.54 -18.19
CA ALA E 28 11.62 15.06 -19.39
C ALA E 28 12.52 14.02 -20.01
N CYS E 29 13.14 13.16 -19.21
CA CYS E 29 13.94 12.09 -19.80
C CYS E 29 13.07 11.12 -20.58
N LEU E 30 11.90 10.80 -20.03
CA LEU E 30 10.92 9.99 -20.77
C LEU E 30 10.47 10.71 -22.03
N ALA E 31 10.05 11.96 -21.87
CA ALA E 31 9.56 12.72 -23.01
C ALA E 31 10.61 12.81 -24.09
N GLU E 32 11.88 12.83 -23.71
CA GLU E 32 12.95 12.96 -24.68
C GLU E 32 13.35 11.61 -25.27
N GLY E 33 12.76 10.52 -24.82
CA GLY E 33 13.02 9.21 -25.40
C GLY E 33 14.11 8.41 -24.74
N HIS E 34 14.64 8.86 -23.61
CA HIS E 34 15.66 8.10 -22.92
C HIS E 34 15.01 6.93 -22.21
N GLU E 35 15.73 5.82 -22.14
CA GLU E 35 15.33 4.73 -21.27
C GLU E 35 15.64 5.14 -19.85
N THR E 36 14.62 5.30 -19.04
CA THR E 36 14.72 6.06 -17.80
C THR E 36 14.57 5.17 -16.58
N TYR E 37 15.50 5.32 -15.65
CA TYR E 37 15.54 4.61 -14.38
C TYR E 37 15.48 5.61 -13.25
N VAL E 38 14.79 5.24 -12.19
CA VAL E 38 14.65 6.09 -11.01
C VAL E 38 15.11 5.29 -9.81
N LEU E 39 15.94 5.91 -8.98
CA LEU E 39 16.39 5.28 -7.76
C LEU E 39 15.28 5.25 -6.71
N GLN E 40 15.02 4.08 -6.16
CA GLN E 40 14.00 3.87 -5.17
C GLN E 40 14.70 3.59 -3.84
N GLN E 41 14.73 4.58 -2.98
CA GLN E 41 15.39 4.52 -1.69
C GLN E 41 14.46 3.87 -0.68
N PRO E 42 15.03 3.15 0.29
CA PRO E 42 14.17 2.38 1.21
C PRO E 42 13.24 3.26 2.03
N GLU E 43 13.72 4.39 2.54
CA GLU E 43 12.92 5.18 3.47
C GLU E 43 11.64 5.69 2.83
N THR E 44 11.59 5.77 1.50
CA THR E 44 10.37 6.18 0.80
C THR E 44 9.22 5.17 0.93
N ARG E 45 9.47 3.98 1.49
CA ARG E 45 8.41 2.97 1.58
C ARG E 45 7.23 3.43 2.41
N VAL E 46 7.37 4.49 3.22
CA VAL E 46 6.38 4.91 4.19
C VAL E 46 5.78 6.26 3.84
N ASP E 47 6.11 6.81 2.67
CA ASP E 47 5.66 8.13 2.24
C ASP E 47 4.68 7.90 1.11
N ILE E 48 3.40 8.11 1.39
CA ILE E 48 2.35 7.80 0.43
C ILE E 48 2.55 8.61 -0.84
N GLU E 49 3.03 9.84 -0.71
CA GLU E 49 3.25 10.69 -1.86
C GLU E 49 4.40 10.18 -2.73
N LYS E 50 5.55 9.92 -2.10
CA LYS E 50 6.69 9.41 -2.85
C LYS E 50 6.33 8.12 -3.56
N VAL E 51 5.71 7.17 -2.84
CA VAL E 51 5.44 5.84 -3.40
C VAL E 51 4.59 5.95 -4.66
N GLN E 52 3.54 6.76 -4.61
CA GLN E 52 2.66 6.81 -5.77
C GLN E 52 3.29 7.56 -6.94
N LEU E 53 4.14 8.56 -6.67
CA LEU E 53 4.91 9.19 -7.73
C LEU E 53 5.84 8.17 -8.40
N LEU E 54 6.60 7.44 -7.58
CA LEU E 54 7.54 6.47 -8.10
C LEU E 54 6.87 5.47 -9.02
N TYR E 55 5.76 4.89 -8.58
CA TYR E 55 5.12 3.87 -9.41
C TYR E 55 4.33 4.48 -10.55
N SER E 56 3.90 5.73 -10.42
CA SER E 56 3.31 6.41 -11.56
C SER E 56 4.30 6.53 -12.71
N TYR E 57 5.60 6.63 -12.41
CA TYR E 57 6.58 6.64 -13.50
C TYR E 57 6.61 5.32 -14.24
N LYS E 58 6.39 4.21 -13.53
CA LYS E 58 6.42 2.90 -14.16
C LYS E 58 5.39 2.82 -15.26
N ARG E 59 4.23 3.45 -15.06
CA ARG E 59 3.22 3.46 -16.10
C ARG E 59 3.70 4.23 -17.32
N LEU E 60 4.53 5.24 -17.12
CA LEU E 60 5.05 6.01 -18.24
C LEU E 60 6.22 5.34 -18.93
N GLY E 61 6.61 4.13 -18.53
CA GLY E 61 7.70 3.43 -19.15
C GLY E 61 9.01 3.44 -18.38
N ALA E 62 9.04 4.00 -17.18
CA ALA E 62 10.29 4.03 -16.44
C ALA E 62 10.45 2.74 -15.62
N ARG E 63 11.69 2.48 -15.22
CA ARG E 63 11.98 1.39 -14.33
C ARG E 63 12.51 1.90 -12.99
N LEU E 64 12.30 1.12 -11.96
CA LEU E 64 12.74 1.46 -10.61
C LEU E 64 13.91 0.57 -10.24
N ILE E 65 14.91 1.16 -9.61
CA ILE E 65 16.06 0.41 -9.08
C ILE E 65 16.14 0.67 -7.59
N GLU E 66 16.12 -0.38 -6.81
CA GLU E 66 16.23 -0.25 -5.35
C GLU E 66 17.69 -0.18 -4.95
N ALA E 67 18.02 0.82 -4.14
CA ALA E 67 19.37 1.02 -3.64
C ALA E 67 19.28 1.97 -2.47
N SER E 68 20.32 1.95 -1.65
CA SER E 68 20.39 2.78 -0.46
C SER E 68 21.74 3.47 -0.40
N PHE E 69 21.78 4.72 0.06
CA PHE E 69 23.06 5.40 0.17
C PHE E 69 23.93 4.83 1.29
N SER E 70 23.34 4.15 2.26
CA SER E 70 24.13 3.48 3.27
C SER E 70 24.59 2.09 2.84
N ASP E 71 24.31 1.69 1.60
CA ASP E 71 24.72 0.38 1.10
C ASP E 71 25.53 0.60 -0.17
N HIS E 72 26.83 0.78 0.00
CA HIS E 72 27.71 1.13 -1.11
C HIS E 72 27.56 0.17 -2.29
N GLN E 73 27.48 -1.15 -2.02
CA GLN E 73 27.36 -2.07 -3.14
C GLN E 73 26.02 -1.94 -3.85
N SER E 74 24.95 -1.60 -3.13
CA SER E 74 23.68 -1.39 -3.81
C SER E 74 23.79 -0.22 -4.79
N LEU E 75 24.56 0.80 -4.42
CA LEU E 75 24.77 1.93 -5.33
C LEU E 75 25.61 1.52 -6.53
N VAL E 76 26.71 0.79 -6.30
CA VAL E 76 27.50 0.28 -7.41
C VAL E 76 26.63 -0.55 -8.36
N SER E 77 25.76 -1.37 -7.81
CA SER E 77 24.97 -2.25 -8.65
C SER E 77 23.92 -1.47 -9.43
N ALA E 78 23.44 -0.35 -8.87
CA ALA E 78 22.46 0.46 -9.59
C ALA E 78 23.08 1.22 -10.74
N VAL E 79 24.25 1.84 -10.54
CA VAL E 79 24.80 2.65 -11.62
C VAL E 79 25.39 1.79 -12.71
N LYS E 80 25.69 0.53 -12.42
CA LYS E 80 26.14 -0.38 -13.46
C LYS E 80 25.04 -0.72 -14.46
N GLN E 81 23.80 -0.31 -14.22
CA GLN E 81 22.71 -0.62 -15.13
C GLN E 81 22.42 0.49 -16.13
N VAL E 82 23.08 1.63 -16.04
CA VAL E 82 22.75 2.78 -16.89
C VAL E 82 24.03 3.34 -17.50
N ASP E 83 23.86 4.33 -18.34
CA ASP E 83 24.99 5.01 -18.95
C ASP E 83 25.26 6.38 -18.37
N ILE E 84 24.22 7.05 -17.87
CA ILE E 84 24.29 8.42 -17.40
C ILE E 84 23.50 8.54 -16.12
N VAL E 85 23.99 9.33 -15.18
CA VAL E 85 23.34 9.53 -13.90
C VAL E 85 23.06 11.02 -13.74
N VAL E 86 21.86 11.35 -13.31
CA VAL E 86 21.46 12.72 -13.01
C VAL E 86 20.96 12.77 -11.57
N ALA E 87 21.52 13.68 -10.78
CA ALA E 87 21.11 13.87 -9.38
C ALA E 87 20.41 15.20 -9.19
N ALA E 88 19.32 15.19 -8.43
CA ALA E 88 18.56 16.41 -8.09
C ALA E 88 18.14 16.26 -6.64
N MET E 89 19.01 16.70 -5.72
CA MET E 89 19.00 16.21 -4.35
C MET E 89 18.33 17.15 -3.35
N SER E 90 18.71 18.42 -3.28
CA SER E 90 18.44 19.16 -2.02
C SER E 90 17.13 18.82 -1.31
N SER E 98 23.34 16.56 2.70
CA SER E 98 22.38 16.09 1.69
C SER E 98 22.90 16.27 0.27
N ILE E 99 23.48 17.43 -0.02
CA ILE E 99 24.31 17.55 -1.21
C ILE E 99 25.50 16.60 -1.10
N LEU E 100 25.98 16.37 0.12
CA LEU E 100 27.21 15.60 0.30
C LEU E 100 27.01 14.11 0.13
N VAL E 101 25.77 13.62 0.20
CA VAL E 101 25.55 12.21 -0.10
C VAL E 101 25.95 11.86 -1.53
N GLN E 102 25.91 12.84 -2.44
CA GLN E 102 26.43 12.60 -3.78
C GLN E 102 27.86 12.11 -3.76
N LEU E 103 28.61 12.41 -2.70
CA LEU E 103 29.97 11.90 -2.61
C LEU E 103 29.99 10.39 -2.65
N LYS E 104 29.04 9.75 -1.98
CA LYS E 104 28.90 8.30 -2.06
C LYS E 104 28.50 7.85 -3.45
N LEU E 105 27.68 8.65 -4.14
CA LEU E 105 27.36 8.40 -5.53
C LEU E 105 28.60 8.51 -6.41
N VAL E 106 29.54 9.38 -6.05
CA VAL E 106 30.77 9.49 -6.84
C VAL E 106 31.63 8.25 -6.65
N GLU E 107 31.80 7.75 -5.42
CA GLU E 107 32.55 6.51 -5.21
C GLU E 107 31.98 5.38 -6.06
N ALA E 108 30.66 5.20 -5.99
CA ALA E 108 30.00 4.13 -6.72
C ALA E 108 30.25 4.25 -8.22
N ILE E 109 30.08 5.45 -8.76
CA ILE E 109 30.32 5.63 -10.19
C ILE E 109 31.77 5.30 -10.52
N LYS E 110 32.70 5.74 -9.69
CA LYS E 110 34.11 5.46 -9.99
C LYS E 110 34.39 3.98 -9.92
N GLU E 111 33.84 3.29 -8.92
CA GLU E 111 34.06 1.85 -8.87
C GLU E 111 33.41 1.14 -10.06
N ALA E 112 32.25 1.60 -10.51
CA ALA E 112 31.55 0.91 -11.57
C ALA E 112 32.23 1.10 -12.92
N GLY E 113 32.69 2.31 -13.23
CA GLY E 113 33.51 2.56 -14.40
C GLY E 113 32.80 2.61 -15.73
N ASN E 114 31.50 2.35 -15.78
CA ASN E 114 30.78 2.31 -17.03
C ASN E 114 30.06 3.61 -17.34
N ILE E 115 30.09 4.58 -16.44
CA ILE E 115 29.21 5.72 -16.57
C ILE E 115 29.80 6.72 -17.54
N LYS E 116 29.00 7.14 -18.52
CA LYS E 116 29.48 8.04 -19.55
C LYS E 116 29.38 9.49 -19.13
N ARG E 117 28.48 9.83 -18.23
CA ARG E 117 28.38 11.21 -17.78
C ARG E 117 27.57 11.26 -16.50
N PHE E 118 27.87 12.28 -15.70
CA PHE E 118 27.23 12.52 -14.42
C PHE E 118 26.87 14.00 -14.37
N LEU E 119 25.59 14.29 -14.19
CA LEU E 119 25.13 15.64 -13.92
C LEU E 119 24.77 15.71 -12.45
N PRO E 120 25.58 16.35 -11.62
CA PRO E 120 25.26 16.50 -10.20
C PRO E 120 24.16 17.52 -9.97
N SER E 121 23.75 17.58 -8.70
CA SER E 121 22.67 18.45 -8.27
C SER E 121 23.11 19.90 -8.21
N GLU E 122 22.93 20.63 -9.31
CA GLU E 122 23.36 22.01 -9.42
C GLU E 122 22.10 22.87 -9.54
N PHE E 123 21.72 23.33 -10.72
CA PHE E 123 20.42 23.93 -11.00
C PHE E 123 20.16 25.20 -10.17
N GLY E 124 21.21 25.94 -9.83
CA GLY E 124 21.05 27.22 -9.15
C GLY E 124 22.19 28.13 -9.47
N MET E 125 22.60 28.93 -8.50
CA MET E 125 23.77 29.77 -8.71
C MET E 125 24.98 28.90 -9.02
N ASP E 126 25.89 29.42 -9.83
CA ASP E 126 27.18 28.77 -10.07
C ASP E 126 28.03 28.84 -8.83
N PRO E 127 28.31 27.72 -8.15
CA PRO E 127 29.09 27.77 -6.92
C PRO E 127 30.56 28.06 -7.13
N SER E 128 31.02 28.12 -8.38
CA SER E 128 32.44 28.31 -8.67
C SER E 128 32.86 29.78 -8.66
N ARG E 129 31.90 30.69 -8.58
CA ARG E 129 32.12 32.12 -8.32
C ARG E 129 31.82 32.47 -6.87
N MET E 130 32.11 31.54 -5.95
CA MET E 130 31.93 31.73 -4.53
C MET E 130 30.49 32.09 -4.22
N ARG E 138 26.30 30.15 0.85
CA ARG E 138 27.21 30.11 1.98
C ARG E 138 28.11 28.88 1.87
N GLU E 139 27.68 27.81 2.56
CA GLU E 139 28.30 26.51 2.50
C GLU E 139 27.64 25.60 1.46
N THR E 140 26.39 25.89 1.09
CA THR E 140 25.80 25.31 -0.10
C THR E 140 26.77 25.33 -1.26
N PHE E 141 27.53 26.42 -1.39
CA PHE E 141 28.52 26.50 -2.46
C PHE E 141 29.69 25.59 -2.17
N ASP E 142 30.22 25.63 -0.94
CA ASP E 142 31.28 24.72 -0.56
C ASP E 142 30.88 23.26 -0.79
N GLN E 143 29.64 22.90 -0.47
CA GLN E 143 29.25 21.51 -0.65
C GLN E 143 29.24 21.13 -2.12
N LYS E 144 28.59 21.93 -2.96
CA LYS E 144 28.56 21.61 -4.38
C LYS E 144 29.97 21.60 -4.97
N LEU E 145 30.82 22.54 -4.57
CA LEU E 145 32.21 22.50 -5.04
C LEU E 145 32.92 21.24 -4.55
N GLU E 146 32.60 20.78 -3.35
CA GLU E 146 33.18 19.54 -2.86
C GLU E 146 32.76 18.37 -3.74
N VAL E 147 31.53 18.37 -4.25
CA VAL E 147 31.10 17.34 -5.18
C VAL E 147 31.75 17.51 -6.54
N ARG E 148 31.88 18.74 -7.04
CA ARG E 148 32.60 18.94 -8.30
C ARG E 148 34.04 18.44 -8.20
N ASN E 149 34.72 18.74 -7.09
CA ASN E 149 36.10 18.30 -6.92
C ASN E 149 36.21 16.79 -6.95
N ALA E 150 35.30 16.08 -6.28
CA ALA E 150 35.32 14.63 -6.31
C ALA E 150 35.03 14.09 -7.70
N ILE E 151 34.15 14.76 -8.43
CA ILE E 151 33.82 14.35 -9.80
C ILE E 151 35.04 14.49 -10.69
N GLU E 152 35.69 15.65 -10.67
CA GLU E 152 36.86 15.88 -11.51
C GLU E 152 38.07 15.06 -11.07
N ALA E 153 38.23 14.80 -9.78
CA ALA E 153 39.34 13.97 -9.33
C ALA E 153 39.19 12.54 -9.82
N ALA E 154 37.97 12.01 -9.80
CA ALA E 154 37.72 10.66 -10.30
C ALA E 154 37.74 10.56 -11.81
N GLY E 155 37.83 11.68 -12.52
CA GLY E 155 37.82 11.63 -13.96
C GLY E 155 36.49 11.24 -14.56
N ILE E 156 35.39 11.55 -13.88
CA ILE E 156 34.05 11.24 -14.38
C ILE E 156 33.58 12.39 -15.26
N PRO E 157 33.28 12.15 -16.53
CA PRO E 157 32.74 13.21 -17.37
C PRO E 157 31.42 13.75 -16.81
N HIS E 158 31.25 15.07 -16.90
CA HIS E 158 30.15 15.75 -16.23
C HIS E 158 29.55 16.80 -17.15
N THR E 159 28.41 17.32 -16.72
CA THR E 159 27.83 18.56 -17.21
C THR E 159 27.23 19.26 -16.01
N TYR E 160 27.53 20.55 -15.85
CA TYR E 160 27.00 21.36 -14.76
C TYR E 160 25.95 22.29 -15.34
N VAL E 161 24.71 22.16 -14.86
CA VAL E 161 23.59 22.95 -15.34
C VAL E 161 23.27 23.98 -14.28
N VAL E 162 23.43 25.25 -14.61
CA VAL E 162 23.43 26.30 -13.61
C VAL E 162 22.76 27.55 -14.19
N GLY E 163 22.48 28.50 -13.31
CA GLY E 163 22.28 29.87 -13.69
C GLY E 163 20.88 30.41 -13.63
N ALA E 164 19.91 29.72 -13.06
CA ALA E 164 18.56 30.22 -13.14
C ALA E 164 17.84 30.14 -11.80
N CYS E 165 16.95 31.09 -11.56
CA CYS E 165 15.98 31.01 -10.47
C CYS E 165 14.79 30.18 -10.89
N PHE E 166 14.43 29.21 -10.05
CA PHE E 166 13.18 28.46 -10.24
C PHE E 166 12.02 29.43 -10.22
N ALA E 167 11.17 29.37 -11.24
CA ALA E 167 10.05 30.29 -11.33
C ALA E 167 9.10 30.14 -10.13
N ALA E 168 8.86 28.91 -9.69
CA ALA E 168 7.95 28.72 -8.56
C ALA E 168 8.48 29.39 -7.31
N TYR E 169 9.80 29.44 -7.15
CA TYR E 169 10.34 29.97 -5.91
C TYR E 169 10.63 31.45 -5.95
N PHE E 170 10.73 32.06 -7.13
CA PHE E 170 11.13 33.46 -7.25
C PHE E 170 10.26 34.32 -8.12
N ALA E 171 9.49 33.75 -9.05
CA ALA E 171 8.67 34.55 -9.94
C ALA E 171 7.20 34.53 -9.55
N GLY E 172 6.66 33.37 -9.22
CA GLY E 172 5.28 33.27 -8.81
C GLY E 172 4.96 34.08 -7.58
N ASN E 173 5.94 34.32 -6.72
CA ASN E 173 5.77 35.17 -5.55
C ASN E 173 6.29 36.57 -5.77
N LEU E 174 6.61 36.93 -7.01
CA LEU E 174 7.28 38.19 -7.30
C LEU E 174 8.51 38.37 -6.42
N SER E 175 9.16 37.28 -6.07
CA SER E 175 10.41 37.30 -5.33
C SER E 175 10.23 37.78 -3.90
N GLN E 176 9.01 37.75 -3.42
CA GLN E 176 8.75 37.92 -2.00
C GLN E 176 9.08 36.64 -1.26
N MET E 177 9.23 36.77 0.04
CA MET E 177 9.62 35.64 0.89
C MET E 177 8.44 35.14 1.69
N GLY E 178 8.47 33.85 2.00
CA GLY E 178 7.43 33.28 2.82
C GLY E 178 6.12 33.02 2.10
N THR E 179 6.11 33.07 0.78
CA THR E 179 4.91 32.80 0.01
C THR E 179 5.33 32.35 -1.37
N LEU E 180 4.41 31.66 -2.05
CA LEU E 180 4.62 31.18 -3.40
C LEU E 180 3.59 31.71 -4.38
N ILE E 181 2.71 32.62 -3.97
CA ILE E 181 1.75 33.20 -4.91
C ILE E 181 1.89 34.71 -4.86
N PRO E 182 1.32 35.44 -5.81
CA PRO E 182 1.54 36.88 -5.85
C PRO E 182 0.85 37.57 -4.68
N PRO E 183 1.45 38.63 -4.15
CA PRO E 183 0.81 39.38 -3.08
C PRO E 183 -0.30 40.26 -3.65
N LYS E 184 -1.21 40.63 -2.76
CA LYS E 184 -2.40 41.34 -3.20
C LYS E 184 -2.25 42.85 -3.25
N LYS E 185 -1.47 43.44 -2.35
CA LYS E 185 -1.40 44.91 -2.36
C LYS E 185 0.01 45.47 -2.26
N LYS E 186 0.91 44.77 -1.55
CA LYS E 186 2.23 45.30 -1.25
C LYS E 186 3.33 44.36 -1.75
N VAL E 187 4.45 44.94 -2.15
CA VAL E 187 5.62 44.16 -2.55
C VAL E 187 6.89 44.89 -2.08
N ASN E 188 7.84 44.12 -1.57
CA ASN E 188 9.18 44.63 -1.32
C ASN E 188 10.00 44.58 -2.60
N ILE E 189 10.68 45.67 -2.91
CA ILE E 189 11.60 45.76 -4.03
C ILE E 189 13.00 45.83 -3.48
N TYR E 190 13.91 45.02 -4.02
CA TYR E 190 15.26 44.89 -3.49
C TYR E 190 16.16 45.92 -4.17
N GLY E 191 16.62 46.89 -3.38
CA GLY E 191 17.31 48.04 -3.93
C GLY E 191 16.37 48.82 -4.80
N ASP E 192 16.82 49.16 -6.00
CA ASP E 192 15.94 49.81 -6.95
C ASP E 192 15.23 48.82 -7.84
N GLY E 193 15.42 47.52 -7.62
CA GLY E 193 14.77 46.54 -8.47
C GLY E 193 15.23 46.62 -9.90
N ASN E 194 16.45 47.10 -10.14
CA ASN E 194 16.98 47.23 -11.48
C ASN E 194 18.18 46.31 -11.73
N VAL E 195 18.28 45.22 -10.97
CA VAL E 195 19.30 44.21 -11.18
C VAL E 195 18.72 43.03 -11.96
N LYS E 196 19.41 42.63 -13.03
CA LYS E 196 18.94 41.58 -13.90
C LYS E 196 18.99 40.23 -13.21
N VAL E 197 17.89 39.50 -13.27
CA VAL E 197 17.77 38.17 -12.69
C VAL E 197 17.27 37.24 -13.78
N VAL E 198 17.41 35.94 -13.58
CA VAL E 198 17.00 34.95 -14.58
C VAL E 198 15.87 34.10 -14.01
N TYR E 199 14.65 34.27 -14.55
CA TYR E 199 13.47 33.54 -14.09
C TYR E 199 13.12 32.47 -15.11
N VAL E 200 13.22 31.20 -14.70
CA VAL E 200 13.01 30.07 -15.60
C VAL E 200 12.02 29.09 -14.99
N ASP E 201 11.09 28.63 -15.82
CA ASP E 201 10.18 27.56 -15.45
C ASP E 201 10.94 26.27 -15.22
N GLU E 202 10.73 25.67 -14.05
CA GLU E 202 11.38 24.42 -13.69
C GLU E 202 11.18 23.34 -14.74
N ASP E 203 10.03 23.31 -15.40
CA ASP E 203 9.83 22.37 -16.49
C ASP E 203 10.89 22.57 -17.59
N ASP E 204 11.20 23.83 -17.92
CA ASP E 204 12.18 24.08 -18.98
C ASP E 204 13.60 23.76 -18.51
N ILE E 205 13.93 24.08 -17.27
CA ILE E 205 15.21 23.61 -16.74
C ILE E 205 15.31 22.12 -16.93
N ALA E 206 14.22 21.40 -16.63
CA ALA E 206 14.25 19.96 -16.72
C ALA E 206 14.44 19.50 -18.15
N GLU E 207 13.69 20.07 -19.08
CA GLU E 207 13.82 19.67 -20.48
C GLU E 207 15.20 20.02 -21.02
N TYR E 208 15.73 21.20 -20.68
CA TYR E 208 17.10 21.50 -21.05
C TYR E 208 18.05 20.45 -20.52
N THR E 209 17.85 20.00 -19.29
CA THR E 209 18.71 18.99 -18.72
C THR E 209 18.62 17.70 -19.52
N ALA E 210 17.41 17.31 -19.93
CA ALA E 210 17.24 16.07 -20.65
C ALA E 210 17.87 16.13 -22.04
N LYS E 211 17.96 17.31 -22.62
CA LYS E 211 18.55 17.41 -23.94
C LYS E 211 20.07 17.48 -23.87
N THR E 212 20.63 18.01 -22.81
CA THR E 212 22.07 18.22 -22.72
C THR E 212 22.83 17.01 -22.21
N LEU E 213 22.17 16.10 -21.48
CA LEU E 213 22.90 15.09 -20.74
C LEU E 213 23.63 14.10 -21.65
N ASP E 214 23.23 13.96 -22.91
CA ASP E 214 23.99 13.19 -23.89
C ASP E 214 24.38 14.01 -25.11
N ASP E 215 24.38 15.32 -25.00
CA ASP E 215 24.87 16.19 -26.07
C ASP E 215 26.39 16.16 -26.09
N PRO E 216 27.03 15.78 -27.19
CA PRO E 216 28.51 15.84 -27.21
C PRO E 216 29.03 17.23 -27.03
N ARG E 217 28.26 18.26 -27.40
CA ARG E 217 28.75 19.63 -27.28
C ARG E 217 28.95 20.07 -25.84
N THR E 218 28.33 19.40 -24.86
CA THR E 218 28.33 19.90 -23.50
C THR E 218 29.01 18.94 -22.54
N ILE E 219 29.76 17.98 -23.06
CA ILE E 219 30.50 17.09 -22.19
C ILE E 219 31.62 17.89 -21.51
N ASN E 220 31.69 17.77 -20.19
CA ASN E 220 32.69 18.46 -19.36
C ASN E 220 32.55 19.97 -19.45
N LYS E 221 31.34 20.45 -19.67
CA LYS E 221 31.07 21.87 -19.77
C LYS E 221 30.05 22.26 -18.74
N THR E 222 30.03 23.55 -18.45
CA THR E 222 28.97 24.16 -17.69
C THR E 222 27.95 24.71 -18.67
N VAL E 223 26.68 24.48 -18.41
CA VAL E 223 25.64 24.96 -19.29
C VAL E 223 24.79 25.95 -18.50
N TYR E 224 24.75 27.19 -18.98
CA TYR E 224 23.99 28.23 -18.33
C TYR E 224 22.59 28.27 -18.93
N VAL E 225 21.59 28.12 -18.07
CA VAL E 225 20.20 28.24 -18.48
C VAL E 225 19.84 29.72 -18.37
N ARG E 226 19.89 30.45 -19.48
CA ARG E 226 19.62 31.88 -19.49
C ARG E 226 18.80 32.24 -20.72
N PRO E 227 17.54 31.82 -20.75
CA PRO E 227 16.68 32.14 -21.90
C PRO E 227 16.53 33.65 -22.04
N THR E 228 16.74 34.13 -23.25
CA THR E 228 16.99 35.55 -23.44
C THR E 228 15.85 36.41 -22.94
N GLU E 229 14.62 36.03 -23.23
CA GLU E 229 13.49 36.85 -22.83
C GLU E 229 13.16 36.76 -21.35
N ASN E 230 13.71 35.81 -20.59
CA ASN E 230 13.43 35.70 -19.17
C ASN E 230 14.54 36.29 -18.32
N VAL E 231 15.38 37.14 -18.90
CA VAL E 231 16.35 37.95 -18.17
C VAL E 231 15.64 39.25 -17.81
N LEU E 232 15.27 39.39 -16.55
CA LEU E 232 14.36 40.43 -16.12
C LEU E 232 14.84 40.99 -14.81
N THR E 233 14.66 42.27 -14.61
CA THR E 233 14.83 42.80 -13.26
C THR E 233 13.60 42.46 -12.42
N GLN E 234 13.72 42.69 -11.12
CA GLN E 234 12.56 42.43 -10.29
C GLN E 234 11.42 43.37 -10.64
N MET E 235 11.72 44.65 -10.89
CA MET E 235 10.67 45.59 -11.29
C MET E 235 10.01 45.16 -12.59
N GLU E 236 10.79 44.71 -13.56
CA GLU E 236 10.20 44.23 -14.80
C GLU E 236 9.24 43.07 -14.52
N LEU E 237 9.57 42.19 -13.57
CA LEU E 237 8.68 41.09 -13.23
C LEU E 237 7.44 41.62 -12.53
N VAL E 238 7.62 42.50 -11.56
CA VAL E 238 6.47 43.11 -10.91
C VAL E 238 5.59 43.80 -11.94
N GLN E 239 6.19 44.35 -13.00
CA GLN E 239 5.43 45.12 -13.96
C GLN E 239 4.66 44.23 -14.93
N ILE E 240 5.21 43.07 -15.27
CA ILE E 240 4.44 42.07 -16.01
C ILE E 240 3.17 41.75 -15.24
N TRP E 241 3.30 41.46 -13.95
CA TRP E 241 2.14 41.16 -13.12
C TRP E 241 1.17 42.33 -13.11
N GLU E 242 1.66 43.56 -12.95
CA GLU E 242 0.75 44.70 -12.87
C GLU E 242 0.00 44.92 -14.17
N LYS E 243 0.63 44.61 -15.30
CA LYS E 243 -0.08 44.70 -16.56
C LYS E 243 -1.14 43.60 -16.66
N LEU E 244 -0.85 42.43 -16.11
CA LEU E 244 -1.84 41.35 -16.17
C LEU E 244 -3.04 41.65 -15.29
N THR E 245 -2.82 42.21 -14.10
CA THR E 245 -3.91 42.49 -13.18
C THR E 245 -4.54 43.86 -13.39
N GLY E 246 -3.81 44.80 -14.00
CA GLY E 246 -4.29 46.16 -14.07
C GLY E 246 -4.31 46.83 -12.72
N LYS E 247 -3.54 46.33 -11.77
CA LYS E 247 -3.50 46.85 -10.43
C LYS E 247 -2.05 47.13 -10.09
N GLU E 248 -1.76 48.33 -9.62
CA GLU E 248 -0.40 48.67 -9.26
C GLU E 248 -0.16 48.36 -7.79
N LEU E 249 1.04 47.86 -7.51
CA LEU E 249 1.37 47.43 -6.16
C LEU E 249 2.04 48.54 -5.39
N GLU E 250 1.75 48.60 -4.10
CA GLU E 250 2.40 49.53 -3.19
C GLU E 250 3.81 49.03 -2.87
N LYS E 251 4.83 49.74 -3.35
CA LYS E 251 6.20 49.26 -3.33
C LYS E 251 6.98 49.83 -2.15
N THR E 252 7.84 49.00 -1.57
CA THR E 252 8.79 49.43 -0.54
C THR E 252 10.18 48.99 -0.95
N ASN E 253 11.11 49.93 -1.03
CA ASN E 253 12.48 49.64 -1.44
C ASN E 253 13.34 49.31 -0.23
N ILE E 254 14.03 48.17 -0.31
CA ILE E 254 14.92 47.72 0.76
C ILE E 254 16.34 47.86 0.27
N SER E 255 17.13 48.65 0.99
CA SER E 255 18.49 48.96 0.57
C SER E 255 19.41 47.80 0.90
N ALA E 256 20.55 47.78 0.20
CA ALA E 256 21.51 46.70 0.40
C ALA E 256 21.90 46.57 1.86
N ASN E 257 22.09 47.70 2.55
CA ASN E 257 22.46 47.63 3.96
C ASN E 257 21.27 47.25 4.84
N ASP E 258 20.08 47.75 4.53
CA ASP E 258 18.88 47.25 5.20
C ASP E 258 18.85 45.74 5.14
N PHE E 259 18.93 45.19 3.92
CA PHE E 259 18.85 43.76 3.74
C PHE E 259 19.88 43.03 4.61
N LEU E 260 21.10 43.55 4.69
CA LEU E 260 22.12 42.88 5.49
C LEU E 260 21.93 43.08 6.99
N ALA E 261 20.67 43.10 7.45
CA ALA E 261 20.35 42.77 8.83
C ALA E 261 19.75 41.37 8.79
N ASP E 262 20.64 40.39 8.69
CA ASP E 262 20.27 38.97 8.64
C ASP E 262 20.15 38.38 10.05
N ILE E 263 19.40 39.06 10.91
CA ILE E 263 19.44 38.87 12.36
C ILE E 263 20.85 38.48 12.76
N GLN E 271 18.89 32.12 7.25
CA GLN E 271 20.02 33.04 7.22
C GLN E 271 20.94 32.77 6.01
N ALA E 272 21.04 31.50 5.63
CA ALA E 272 21.79 31.17 4.42
C ALA E 272 21.00 31.50 3.16
N GLY E 273 19.69 31.32 3.19
CA GLY E 273 18.87 31.65 2.04
C GLY E 273 19.04 33.12 1.70
N LEU E 274 18.76 33.99 2.66
CA LEU E 274 19.23 35.35 2.52
C LEU E 274 20.73 35.30 2.30
N GLY E 275 21.25 36.24 1.54
CA GLY E 275 22.66 36.04 1.27
C GLY E 275 22.83 35.37 -0.07
N HIS E 276 22.28 34.16 -0.23
CA HIS E 276 22.02 33.71 -1.60
C HIS E 276 21.17 34.74 -2.32
N PHE E 277 20.05 35.10 -1.69
CA PHE E 277 19.18 36.14 -2.23
C PHE E 277 19.94 37.42 -2.49
N TYR E 278 20.81 37.80 -1.56
CA TYR E 278 21.62 39.00 -1.73
C TYR E 278 22.45 38.94 -3.01
N HIS E 279 23.18 37.83 -3.20
CA HIS E 279 24.03 37.68 -4.39
C HIS E 279 23.21 37.78 -5.67
N ILE E 280 22.00 37.23 -5.67
CA ILE E 280 21.16 37.26 -6.87
C ILE E 280 20.63 38.66 -7.11
N PHE E 281 19.98 39.23 -6.10
CA PHE E 281 19.15 40.40 -6.34
C PHE E 281 19.85 41.73 -6.10
N TYR E 282 20.91 41.77 -5.31
CA TYR E 282 21.64 43.01 -5.14
C TYR E 282 22.94 43.04 -5.93
N GLU E 283 23.64 41.93 -6.03
CA GLU E 283 24.89 41.86 -6.76
C GLU E 283 24.74 41.35 -8.19
N GLY E 284 23.58 40.82 -8.55
CA GLY E 284 23.36 40.39 -9.93
C GLY E 284 24.21 39.23 -10.39
N CYS E 285 24.51 38.29 -9.51
CA CYS E 285 25.43 37.22 -9.85
C CYS E 285 24.91 36.29 -10.93
N LEU E 286 23.61 36.34 -11.27
CA LEU E 286 23.11 35.50 -12.35
C LEU E 286 23.29 36.12 -13.73
N THR E 287 23.63 37.40 -13.81
CA THR E 287 23.67 38.06 -15.09
C THR E 287 24.93 38.90 -15.35
N ASP E 288 25.86 38.98 -14.40
CA ASP E 288 26.91 39.98 -14.57
C ASP E 288 28.02 39.52 -15.50
N HIS E 289 28.16 38.23 -15.75
CA HIS E 289 29.10 37.72 -16.73
C HIS E 289 28.33 37.16 -17.91
N GLU E 290 28.77 37.45 -19.12
CA GLU E 290 28.04 37.04 -20.29
C GLU E 290 28.48 35.65 -20.73
N VAL E 291 27.60 34.97 -21.46
CA VAL E 291 27.78 33.57 -21.82
C VAL E 291 27.65 33.43 -23.32
N GLY E 292 28.52 32.60 -23.90
CA GLY E 292 28.46 32.34 -25.32
C GLY E 292 27.29 31.45 -25.70
N ASP E 293 26.95 31.49 -26.97
CA ASP E 293 25.84 30.69 -27.45
C ASP E 293 26.12 29.21 -27.32
N ASP E 294 27.38 28.83 -27.24
CA ASP E 294 27.75 27.43 -27.15
C ASP E 294 27.73 26.91 -25.72
N GLU E 295 27.34 27.75 -24.76
CA GLU E 295 27.19 27.28 -23.39
C GLU E 295 25.89 27.75 -22.76
N GLU E 296 24.99 28.31 -23.53
CA GLU E 296 23.69 28.77 -23.04
C GLU E 296 22.60 27.85 -23.57
N ALA E 297 21.79 27.32 -22.66
CA ALA E 297 20.81 26.29 -22.98
C ALA E 297 19.87 26.71 -24.10
N SER E 298 19.30 27.91 -24.03
CA SER E 298 18.29 28.27 -25.01
C SER E 298 18.86 28.41 -26.41
N LYS E 299 20.17 28.64 -26.55
CA LYS E 299 20.83 28.68 -27.86
C LYS E 299 21.20 27.27 -28.34
N LEU E 300 21.64 26.43 -27.40
CA LEU E 300 21.95 25.04 -27.70
C LEU E 300 20.70 24.28 -28.12
N TYR E 301 19.56 24.61 -27.55
CA TYR E 301 18.32 23.85 -27.74
C TYR E 301 17.23 24.86 -28.08
N PRO E 302 17.35 25.48 -29.25
CA PRO E 302 16.41 26.55 -29.62
C PRO E 302 15.01 26.06 -29.84
N ASP E 303 14.82 24.76 -30.01
CA ASP E 303 13.50 24.21 -30.22
C ASP E 303 12.70 24.07 -28.93
N VAL E 304 13.31 24.32 -27.77
CA VAL E 304 12.58 24.37 -26.50
C VAL E 304 11.94 25.74 -26.38
N LYS E 305 10.61 25.79 -26.46
CA LYS E 305 9.91 27.06 -26.40
C LYS E 305 9.67 27.33 -24.93
N TYR E 306 10.65 27.97 -24.30
CA TYR E 306 10.57 28.15 -22.87
C TYR E 306 9.40 29.03 -22.53
N THR E 307 8.87 28.84 -21.33
CA THR E 307 7.74 29.65 -20.87
C THR E 307 8.22 31.05 -20.53
N ARG E 308 7.64 32.06 -21.16
CA ARG E 308 7.94 33.41 -20.73
C ARG E 308 7.23 33.70 -19.42
N MET E 309 7.67 34.74 -18.75
CA MET E 309 7.09 34.99 -17.44
C MET E 309 5.69 35.59 -17.52
N ASP E 310 5.32 36.25 -18.62
CA ASP E 310 3.92 36.66 -18.69
C ASP E 310 3.02 35.45 -18.80
N GLU E 311 3.46 34.40 -19.50
CA GLU E 311 2.68 33.18 -19.53
C GLU E 311 2.66 32.49 -18.17
N TYR E 312 3.83 32.35 -17.54
CA TYR E 312 3.92 31.63 -16.28
C TYR E 312 2.94 32.20 -15.25
N LEU E 313 2.91 33.53 -15.13
CA LEU E 313 2.15 34.19 -14.08
C LEU E 313 0.65 34.13 -14.31
N LYS E 314 0.20 33.85 -15.52
CA LYS E 314 -1.24 33.85 -15.77
C LYS E 314 -1.98 32.86 -14.89
N ILE E 315 -1.36 31.74 -14.53
CA ILE E 315 -2.07 30.73 -13.76
C ILE E 315 -2.61 31.32 -12.47
N PHE E 316 -1.98 32.36 -11.94
CA PHE E 316 -2.36 32.92 -10.65
C PHE E 316 -3.46 33.98 -10.74
N LEU E 317 -3.94 34.30 -11.94
CA LEU E 317 -4.93 35.35 -12.08
C LEU E 317 -6.33 34.94 -11.58
N GLU F 8 15.20 -25.01 60.80
CA GLU F 8 16.53 -24.85 60.19
C GLU F 8 16.48 -24.70 58.65
N LYS F 9 15.53 -25.38 58.01
CA LYS F 9 15.34 -25.21 56.57
C LYS F 9 14.97 -23.76 56.23
N THR F 10 15.29 -23.35 55.00
CA THR F 10 14.89 -22.04 54.49
C THR F 10 13.48 -22.09 53.93
N ARG F 11 12.66 -21.11 54.29
CA ARG F 11 11.26 -21.08 53.87
C ARG F 11 11.10 -20.22 52.63
N VAL F 12 10.66 -20.83 51.54
CA VAL F 12 10.63 -20.17 50.23
C VAL F 12 9.17 -20.05 49.77
N LEU F 13 8.81 -18.87 49.29
CA LEU F 13 7.56 -18.65 48.59
C LEU F 13 7.83 -18.61 47.09
N VAL F 14 7.11 -19.42 46.33
CA VAL F 14 7.23 -19.44 44.88
C VAL F 14 6.00 -18.77 44.29
N VAL F 15 6.23 -17.68 43.57
CA VAL F 15 5.19 -16.92 42.91
C VAL F 15 5.22 -17.28 41.43
N GLY F 16 4.14 -17.83 40.94
CA GLY F 16 4.10 -18.41 39.62
C GLY F 16 4.29 -19.90 39.59
N GLY F 17 4.01 -20.59 40.68
CA GLY F 17 4.27 -22.02 40.85
C GLY F 17 3.54 -22.98 39.91
N THR F 18 2.61 -22.54 39.08
CA THR F 18 1.95 -23.42 38.12
C THR F 18 2.41 -23.20 36.68
N GLY F 19 3.24 -22.19 36.44
CA GLY F 19 3.83 -21.97 35.13
C GLY F 19 4.85 -23.02 34.77
N THR F 20 5.36 -22.89 33.54
CA THR F 20 6.36 -23.83 33.03
C THR F 20 7.56 -23.90 33.94
N MET F 21 8.19 -22.77 34.20
CA MET F 21 9.35 -22.79 35.06
C MET F 21 8.95 -22.92 36.52
N GLY F 22 7.81 -22.34 36.88
CA GLY F 22 7.44 -22.26 38.28
C GLY F 22 7.20 -23.62 38.90
N ARG F 23 6.54 -24.51 38.17
CA ARG F 23 6.33 -25.83 38.72
C ARG F 23 7.66 -26.54 38.99
N ARG F 24 8.65 -26.33 38.13
CA ARG F 24 9.96 -26.93 38.32
C ARG F 24 10.67 -26.36 39.54
N ILE F 25 10.57 -25.04 39.74
CA ILE F 25 11.18 -24.42 40.89
C ILE F 25 10.54 -24.94 42.16
N VAL F 26 9.20 -25.04 42.17
CA VAL F 26 8.53 -25.63 43.31
C VAL F 26 9.13 -26.98 43.65
N ARG F 27 9.28 -27.86 42.65
CA ARG F 27 9.74 -29.20 42.94
C ARG F 27 11.24 -29.24 43.24
N ALA F 28 12.01 -28.30 42.68
CA ALA F 28 13.41 -28.19 43.05
C ALA F 28 13.57 -27.75 44.50
N CYS F 29 12.78 -26.78 44.93
CA CYS F 29 12.88 -26.35 46.32
C CYS F 29 12.55 -27.47 47.29
N LEU F 30 11.49 -28.22 47.00
CA LEU F 30 11.20 -29.43 47.77
C LEU F 30 12.40 -30.39 47.74
N ALA F 31 12.85 -30.76 46.54
CA ALA F 31 13.99 -31.65 46.41
C ALA F 31 15.21 -31.16 47.18
N GLU F 32 15.33 -29.86 47.38
CA GLU F 32 16.51 -29.32 48.03
C GLU F 32 16.34 -29.23 49.53
N GLY F 33 15.18 -29.58 50.07
CA GLY F 33 14.98 -29.56 51.50
C GLY F 33 14.36 -28.30 52.05
N HIS F 34 14.08 -27.32 51.22
CA HIS F 34 13.44 -26.10 51.70
C HIS F 34 11.99 -26.37 52.05
N GLU F 35 11.50 -25.63 53.03
CA GLU F 35 10.08 -25.61 53.33
C GLU F 35 9.44 -24.68 52.31
N THR F 36 8.66 -25.24 51.40
CA THR F 36 8.24 -24.58 50.17
C THR F 36 6.77 -24.18 50.25
N TYR F 37 6.48 -22.92 49.92
CA TYR F 37 5.14 -22.36 49.95
C TYR F 37 4.82 -21.88 48.55
N VAL F 38 3.56 -22.00 48.16
CA VAL F 38 3.16 -21.68 46.80
C VAL F 38 1.97 -20.75 46.87
N LEU F 39 2.07 -19.64 46.14
CA LEU F 39 0.99 -18.66 46.14
C LEU F 39 -0.21 -19.18 45.37
N GLN F 40 -1.38 -19.14 46.00
CA GLN F 40 -2.63 -19.60 45.42
C GLN F 40 -3.52 -18.38 45.20
N GLN F 41 -3.56 -17.92 43.97
CA GLN F 41 -4.37 -16.80 43.55
C GLN F 41 -5.79 -17.26 43.27
N PRO F 42 -6.78 -16.38 43.42
CA PRO F 42 -8.17 -16.82 43.27
C PRO F 42 -8.50 -17.18 41.83
N GLU F 43 -7.86 -16.53 40.86
CA GLU F 43 -8.07 -16.85 39.45
C GLU F 43 -7.83 -18.32 39.18
N THR F 44 -7.22 -19.01 40.14
CA THR F 44 -6.88 -20.42 39.99
C THR F 44 -8.11 -21.32 40.01
N ARG F 45 -9.17 -20.92 40.73
CA ARG F 45 -10.19 -21.87 41.19
C ARG F 45 -11.01 -22.49 40.08
N VAL F 46 -10.98 -21.93 38.86
CA VAL F 46 -11.81 -22.39 37.75
C VAL F 46 -11.02 -23.22 36.73
N ASP F 47 -9.72 -23.39 36.94
CA ASP F 47 -8.80 -23.97 35.95
C ASP F 47 -8.36 -25.34 36.43
N ILE F 48 -8.95 -26.38 35.85
CA ILE F 48 -8.73 -27.74 36.33
C ILE F 48 -7.25 -28.07 36.46
N GLU F 49 -6.44 -27.70 35.47
CA GLU F 49 -5.04 -28.11 35.52
C GLU F 49 -4.25 -27.33 36.56
N LYS F 50 -4.43 -26.01 36.64
CA LYS F 50 -3.79 -25.23 37.70
C LYS F 50 -4.13 -25.79 39.07
N VAL F 51 -5.42 -25.94 39.35
CA VAL F 51 -5.87 -26.38 40.67
C VAL F 51 -5.22 -27.71 41.03
N GLN F 52 -5.22 -28.66 40.10
CA GLN F 52 -4.66 -29.96 40.44
C GLN F 52 -3.14 -29.91 40.54
N LEU F 53 -2.48 -29.05 39.77
CA LEU F 53 -1.07 -28.84 40.00
C LEU F 53 -0.84 -28.30 41.40
N LEU F 54 -1.63 -27.31 41.80
CA LEU F 54 -1.45 -26.69 43.11
C LEU F 54 -1.55 -27.71 44.23
N TYR F 55 -2.60 -28.53 44.23
CA TYR F 55 -2.81 -29.45 45.33
C TYR F 55 -1.89 -30.66 45.25
N SER F 56 -1.39 -31.00 44.06
CA SER F 56 -0.35 -32.03 44.01
C SER F 56 0.90 -31.61 44.77
N TYR F 57 1.17 -30.30 44.86
CA TYR F 57 2.32 -29.85 45.65
C TYR F 57 2.13 -30.17 47.11
N LYS F 58 0.91 -30.17 47.61
CA LYS F 58 0.71 -30.47 49.03
C LYS F 58 1.07 -31.91 49.36
N ARG F 59 0.86 -32.85 48.43
CA ARG F 59 1.22 -34.25 48.72
C ARG F 59 2.73 -34.39 48.90
N LEU F 60 3.51 -33.62 48.16
CA LEU F 60 4.96 -33.63 48.32
C LEU F 60 5.43 -32.80 49.50
N GLY F 61 4.54 -32.15 50.24
CA GLY F 61 4.96 -31.43 51.43
C GLY F 61 4.89 -29.91 51.35
N ALA F 62 4.56 -29.34 50.20
CA ALA F 62 4.46 -27.90 50.08
C ALA F 62 3.18 -27.38 50.73
N ARG F 63 3.17 -26.09 50.99
CA ARG F 63 2.02 -25.41 51.59
C ARG F 63 1.52 -24.32 50.67
N LEU F 64 0.22 -24.08 50.71
CA LEU F 64 -0.42 -23.08 49.88
C LEU F 64 -0.77 -21.86 50.72
N ILE F 65 -0.54 -20.68 50.15
CA ILE F 65 -0.89 -19.42 50.79
C ILE F 65 -1.79 -18.68 49.85
N GLU F 66 -3.01 -18.42 50.26
CA GLU F 66 -3.94 -17.70 49.43
C GLU F 66 -3.62 -16.21 49.44
N ALA F 67 -3.58 -15.60 48.27
CA ALA F 67 -3.40 -14.16 48.20
C ALA F 67 -3.71 -13.74 46.78
N SER F 68 -4.01 -12.45 46.62
CA SER F 68 -4.35 -11.90 45.33
C SER F 68 -3.52 -10.66 45.07
N PHE F 69 -3.10 -10.50 43.82
CA PHE F 69 -2.32 -9.32 43.45
C PHE F 69 -3.14 -8.04 43.37
N SER F 70 -4.46 -8.12 43.42
CA SER F 70 -5.25 -6.91 43.57
C SER F 70 -5.70 -6.70 45.01
N ASP F 71 -5.00 -7.31 45.97
CA ASP F 71 -5.25 -7.06 47.38
C ASP F 71 -3.89 -6.96 48.08
N HIS F 72 -3.41 -5.73 48.25
CA HIS F 72 -2.07 -5.48 48.75
C HIS F 72 -1.83 -6.12 50.11
N GLN F 73 -2.83 -6.14 50.98
CA GLN F 73 -2.59 -6.70 52.30
C GLN F 73 -2.44 -8.22 52.25
N SER F 74 -3.15 -8.89 51.35
CA SER F 74 -2.97 -10.33 51.24
C SER F 74 -1.54 -10.66 50.82
N LEU F 75 -0.97 -9.82 49.95
CA LEU F 75 0.44 -9.97 49.57
C LEU F 75 1.35 -9.79 50.76
N VAL F 76 1.17 -8.69 51.50
CA VAL F 76 2.02 -8.43 52.64
C VAL F 76 1.91 -9.57 53.63
N SER F 77 0.70 -10.03 53.87
CA SER F 77 0.49 -11.15 54.78
C SER F 77 1.14 -12.43 54.24
N ALA F 78 1.22 -12.60 52.93
CA ALA F 78 1.82 -13.82 52.39
C ALA F 78 3.33 -13.84 52.61
N VAL F 79 4.03 -12.75 52.26
CA VAL F 79 5.49 -12.78 52.34
C VAL F 79 5.97 -12.73 53.79
N LYS F 80 5.14 -12.30 54.73
CA LYS F 80 5.53 -12.37 56.12
C LYS F 80 5.66 -13.79 56.64
N GLN F 81 5.07 -14.76 55.95
CA GLN F 81 5.13 -16.15 56.37
C GLN F 81 6.36 -16.88 55.87
N VAL F 82 7.24 -16.23 55.12
CA VAL F 82 8.37 -16.91 54.52
C VAL F 82 9.63 -16.07 54.76
N ASP F 83 10.76 -16.62 54.34
CA ASP F 83 12.04 -15.92 54.42
C ASP F 83 12.59 -15.52 53.06
N ILE F 84 12.24 -16.24 51.99
CA ILE F 84 12.76 -15.98 50.66
C ILE F 84 11.62 -16.13 49.65
N VAL F 85 11.59 -15.25 48.65
CA VAL F 85 10.57 -15.24 47.61
C VAL F 85 11.23 -15.43 46.25
N VAL F 86 10.71 -16.37 45.47
CA VAL F 86 11.14 -16.60 44.10
C VAL F 86 9.96 -16.38 43.17
N ALA F 87 10.15 -15.58 42.14
CA ALA F 87 9.09 -15.32 41.18
C ALA F 87 9.44 -15.91 39.84
N ALA F 88 8.44 -16.44 39.16
CA ALA F 88 8.60 -17.03 37.82
C ALA F 88 7.35 -16.74 36.99
N MET F 89 7.38 -15.65 36.21
CA MET F 89 6.27 -15.16 35.39
C MET F 89 6.69 -15.10 33.94
N SER F 90 5.73 -15.29 33.01
CA SER F 90 5.85 -14.76 31.63
C SER F 90 5.79 -15.86 30.55
N HIS F 97 4.24 -7.71 30.43
CA HIS F 97 3.66 -6.71 31.32
C HIS F 97 3.12 -7.34 32.60
N SER F 98 2.95 -8.65 32.60
CA SER F 98 2.78 -9.35 33.86
C SER F 98 4.09 -9.51 34.60
N ILE F 99 5.21 -9.26 33.94
CA ILE F 99 6.45 -9.08 34.65
C ILE F 99 6.29 -8.01 35.72
N LEU F 100 5.53 -6.97 35.41
CA LEU F 100 5.41 -5.84 36.32
C LEU F 100 4.43 -6.06 37.46
N VAL F 101 3.68 -7.17 37.46
CA VAL F 101 3.09 -7.66 38.68
C VAL F 101 4.14 -7.88 39.75
N GLN F 102 5.41 -8.00 39.39
CA GLN F 102 6.43 -8.11 40.40
C GLN F 102 6.68 -6.79 41.10
N LEU F 103 6.24 -5.67 40.53
CA LEU F 103 6.35 -4.41 41.26
C LEU F 103 5.48 -4.44 42.50
N LYS F 104 4.26 -4.98 42.38
CA LYS F 104 3.40 -5.14 43.54
C LYS F 104 4.07 -6.04 44.59
N LEU F 105 4.70 -7.11 44.14
CA LEU F 105 5.40 -8.00 45.04
C LEU F 105 6.54 -7.28 45.74
N VAL F 106 7.28 -6.45 45.00
CA VAL F 106 8.37 -5.70 45.62
C VAL F 106 7.84 -4.76 46.69
N GLU F 107 6.68 -4.14 46.45
CA GLU F 107 6.08 -3.28 47.46
C GLU F 107 5.79 -4.07 48.73
N ALA F 108 5.22 -5.26 48.58
CA ALA F 108 4.84 -6.05 49.74
C ALA F 108 6.06 -6.49 50.52
N ILE F 109 7.10 -6.93 49.82
CA ILE F 109 8.34 -7.31 50.50
C ILE F 109 8.91 -6.12 51.26
N LYS F 110 8.75 -4.93 50.71
CA LYS F 110 9.31 -3.75 51.34
C LYS F 110 8.59 -3.43 52.64
N GLU F 111 7.25 -3.51 52.65
CA GLU F 111 6.48 -3.28 53.87
C GLU F 111 6.75 -4.34 54.91
N ALA F 112 6.70 -5.62 54.51
CA ALA F 112 6.82 -6.72 55.46
C ALA F 112 8.16 -6.66 56.20
N GLY F 113 9.24 -6.42 55.47
CA GLY F 113 10.52 -6.16 56.08
C GLY F 113 11.30 -7.38 56.51
N ASN F 114 10.75 -8.58 56.34
CA ASN F 114 11.34 -9.78 56.90
C ASN F 114 12.08 -10.64 55.89
N ILE F 115 12.15 -10.22 54.63
CA ILE F 115 12.57 -11.11 53.56
C ILE F 115 14.09 -11.11 53.44
N LYS F 116 14.69 -12.28 53.51
CA LYS F 116 16.14 -12.33 53.43
C LYS F 116 16.65 -12.27 51.99
N ARG F 117 15.85 -12.66 51.02
CA ARG F 117 16.30 -12.56 49.64
C ARG F 117 15.10 -12.69 48.73
N PHE F 118 15.18 -12.06 47.57
CA PHE F 118 14.16 -12.10 46.54
C PHE F 118 14.85 -12.41 45.22
N LEU F 119 14.35 -13.39 44.49
CA LEU F 119 14.81 -13.68 43.15
C LEU F 119 13.71 -13.32 42.16
N PRO F 120 13.89 -12.30 41.35
CA PRO F 120 12.87 -11.93 40.37
C PRO F 120 12.85 -12.93 39.21
N SER F 121 11.87 -12.78 38.34
CA SER F 121 11.71 -13.68 37.21
C SER F 121 12.64 -13.22 36.10
N GLU F 122 13.77 -13.90 35.94
CA GLU F 122 14.69 -13.60 34.87
C GLU F 122 14.99 -14.85 34.06
N PHE F 123 16.01 -15.60 34.46
CA PHE F 123 16.32 -16.91 33.88
C PHE F 123 16.81 -16.81 32.43
N GLY F 124 16.53 -15.71 31.74
CA GLY F 124 16.91 -15.59 30.35
C GLY F 124 18.16 -14.78 30.09
N MET F 125 18.15 -13.96 29.06
CA MET F 125 19.31 -13.13 28.79
C MET F 125 19.36 -11.97 29.77
N ASP F 126 20.56 -11.43 29.96
CA ASP F 126 20.76 -10.42 30.98
C ASP F 126 20.14 -9.10 30.56
N PRO F 127 19.18 -8.55 31.32
CA PRO F 127 18.56 -7.28 30.91
C PRO F 127 19.45 -6.05 31.14
N SER F 128 20.58 -6.17 31.84
CA SER F 128 21.43 -5.01 32.06
C SER F 128 22.39 -4.74 30.89
N ARG F 129 22.29 -5.49 29.81
CA ARG F 129 23.06 -5.19 28.61
C ARG F 129 22.13 -5.13 27.39
N ASP F 142 14.81 -4.13 30.65
CA ASP F 142 13.56 -4.04 29.93
C ASP F 142 12.49 -3.65 30.92
N GLN F 143 11.42 -4.44 30.91
CA GLN F 143 10.55 -4.45 32.08
C GLN F 143 11.28 -5.07 33.27
N LYS F 144 12.18 -6.03 33.02
CA LYS F 144 12.91 -6.64 34.13
C LYS F 144 13.86 -5.64 34.78
N LEU F 145 14.35 -4.64 34.02
CA LEU F 145 15.13 -3.57 34.64
C LEU F 145 14.28 -2.72 35.58
N GLU F 146 13.03 -2.43 35.19
CA GLU F 146 12.12 -1.78 36.10
C GLU F 146 12.06 -2.53 37.43
N VAL F 147 11.99 -3.86 37.37
CA VAL F 147 11.88 -4.66 38.59
C VAL F 147 13.21 -4.67 39.34
N ARG F 148 14.32 -4.70 38.62
CA ARG F 148 15.62 -4.59 39.29
C ARG F 148 15.78 -3.24 39.97
N ASN F 149 15.40 -2.16 39.28
CA ASN F 149 15.50 -0.85 39.91
C ASN F 149 14.65 -0.78 41.16
N ALA F 150 13.43 -1.32 41.12
CA ALA F 150 12.59 -1.30 42.31
C ALA F 150 13.20 -2.15 43.42
N ILE F 151 13.67 -3.35 43.09
CA ILE F 151 14.36 -4.19 44.07
C ILE F 151 15.49 -3.41 44.74
N GLU F 152 16.31 -2.77 43.91
CA GLU F 152 17.50 -2.11 44.42
C GLU F 152 17.16 -0.82 45.16
N ALA F 153 16.24 0.00 44.62
CA ALA F 153 15.75 1.14 45.38
C ALA F 153 15.26 0.74 46.76
N ALA F 154 14.56 -0.38 46.85
CA ALA F 154 13.96 -0.79 48.11
C ALA F 154 14.94 -1.45 49.06
N GLY F 155 16.15 -1.72 48.61
CA GLY F 155 17.15 -2.33 49.47
C GLY F 155 16.91 -3.80 49.72
N ILE F 156 16.17 -4.47 48.87
CA ILE F 156 15.88 -5.89 49.05
C ILE F 156 17.07 -6.70 48.55
N PRO F 157 17.64 -7.58 49.35
CA PRO F 157 18.71 -8.42 48.84
C PRO F 157 18.17 -9.40 47.79
N HIS F 158 18.98 -9.68 46.78
CA HIS F 158 18.49 -10.27 45.55
C HIS F 158 19.55 -11.22 44.99
N THR F 159 19.10 -12.14 44.15
CA THR F 159 19.99 -12.87 43.26
C THR F 159 19.32 -12.89 41.90
N TYR F 160 20.05 -12.55 40.86
CA TYR F 160 19.54 -12.58 39.49
C TYR F 160 20.10 -13.82 38.80
N VAL F 161 19.23 -14.73 38.39
CA VAL F 161 19.63 -15.96 37.70
C VAL F 161 19.37 -15.75 36.22
N VAL F 162 20.41 -15.84 35.39
CA VAL F 162 20.30 -15.45 33.98
C VAL F 162 21.19 -16.34 33.13
N GLY F 163 21.01 -16.21 31.81
CA GLY F 163 22.02 -16.57 30.87
C GLY F 163 21.82 -17.82 30.06
N ALA F 164 20.65 -18.44 30.11
CA ALA F 164 20.42 -19.68 29.39
C ALA F 164 19.19 -19.58 28.50
N CYS F 165 19.25 -20.29 27.38
CA CYS F 165 18.08 -20.61 26.56
C CYS F 165 17.38 -21.84 27.11
N PHE F 166 16.10 -21.69 27.46
CA PHE F 166 15.30 -22.84 27.86
C PHE F 166 15.31 -23.90 26.78
N ALA F 167 15.73 -25.11 27.14
CA ALA F 167 15.88 -26.16 26.15
C ALA F 167 14.58 -26.46 25.44
N ALA F 168 13.45 -26.34 26.12
CA ALA F 168 12.19 -26.70 25.48
C ALA F 168 11.85 -25.74 24.36
N TYR F 169 12.24 -24.48 24.47
CA TYR F 169 11.86 -23.47 23.52
C TYR F 169 12.92 -23.18 22.48
N PHE F 170 14.12 -23.71 22.65
CA PHE F 170 15.23 -23.41 21.74
C PHE F 170 16.05 -24.63 21.32
N ALA F 171 16.04 -25.73 22.06
CA ALA F 171 16.82 -26.89 21.65
C ALA F 171 15.95 -27.98 21.02
N GLY F 172 14.83 -28.30 21.66
CA GLY F 172 13.92 -29.31 21.14
C GLY F 172 13.44 -29.02 19.74
N ASN F 173 13.46 -27.76 19.32
CA ASN F 173 13.04 -27.39 17.99
C ASN F 173 14.21 -27.03 17.09
N LEU F 174 15.44 -27.35 17.50
CA LEU F 174 16.64 -26.90 16.79
C LEU F 174 16.58 -25.41 16.54
N SER F 175 15.93 -24.68 17.44
CA SER F 175 15.85 -23.23 17.42
C SER F 175 15.01 -22.72 16.27
N GLN F 176 14.11 -23.55 15.78
CA GLN F 176 13.14 -23.10 14.80
C GLN F 176 11.99 -22.40 15.51
N MET F 177 11.17 -21.70 14.73
CA MET F 177 10.04 -21.00 15.31
C MET F 177 8.74 -21.68 14.93
N GLY F 178 7.75 -21.49 15.77
CA GLY F 178 6.46 -22.08 15.48
C GLY F 178 6.39 -23.58 15.70
N THR F 179 7.35 -24.18 16.38
CA THR F 179 7.21 -25.58 16.72
C THR F 179 8.06 -25.85 17.95
N LEU F 180 7.73 -26.94 18.64
CA LEU F 180 8.47 -27.35 19.82
C LEU F 180 9.11 -28.71 19.66
N ILE F 181 9.08 -29.30 18.48
CA ILE F 181 9.76 -30.57 18.25
C ILE F 181 10.63 -30.45 17.01
N PRO F 182 11.57 -31.38 16.82
CA PRO F 182 12.52 -31.23 15.72
C PRO F 182 11.85 -31.33 14.36
N PRO F 183 12.34 -30.59 13.38
CA PRO F 183 11.82 -30.74 12.02
C PRO F 183 12.24 -32.05 11.40
N LYS F 184 11.45 -32.52 10.44
CA LYS F 184 11.75 -33.80 9.81
C LYS F 184 12.71 -33.66 8.64
N LYS F 185 12.79 -32.49 8.01
CA LYS F 185 13.52 -32.38 6.75
C LYS F 185 14.29 -31.08 6.55
N LYS F 186 13.69 -29.94 6.85
CA LYS F 186 14.30 -28.65 6.59
C LYS F 186 14.58 -27.92 7.90
N VAL F 187 15.68 -27.18 7.93
CA VAL F 187 16.02 -26.39 9.10
C VAL F 187 16.53 -25.03 8.66
N ASN F 188 16.12 -23.99 9.38
CA ASN F 188 16.66 -22.64 9.18
C ASN F 188 17.87 -22.44 10.06
N ILE F 189 18.96 -21.97 9.46
CA ILE F 189 20.18 -21.62 10.17
C ILE F 189 20.30 -20.10 10.22
N TYR F 190 20.60 -19.57 11.40
CA TYR F 190 20.69 -18.13 11.58
C TYR F 190 22.13 -17.69 11.42
N GLY F 191 22.39 -16.82 10.44
CA GLY F 191 23.77 -16.53 10.08
C GLY F 191 24.47 -17.76 9.57
N ASP F 192 25.74 -17.90 9.94
CA ASP F 192 26.51 -19.12 9.70
C ASP F 192 26.12 -20.25 10.65
N GLY F 193 25.29 -19.97 11.65
CA GLY F 193 25.09 -20.92 12.73
C GLY F 193 26.32 -21.17 13.58
N ASN F 194 27.26 -20.24 13.64
CA ASN F 194 28.48 -20.41 14.44
C ASN F 194 28.58 -19.34 15.52
N VAL F 195 27.44 -18.89 16.03
CA VAL F 195 27.38 -18.03 17.21
C VAL F 195 27.05 -18.91 18.40
N LYS F 196 27.91 -18.92 19.40
CA LYS F 196 27.71 -19.78 20.55
C LYS F 196 26.53 -19.31 21.40
N VAL F 197 25.70 -20.28 21.78
CA VAL F 197 24.47 -20.09 22.52
C VAL F 197 24.55 -21.00 23.75
N VAL F 198 23.60 -20.86 24.66
CA VAL F 198 23.59 -21.65 25.89
C VAL F 198 22.25 -22.35 25.98
N TYR F 199 22.24 -23.67 25.82
CA TYR F 199 21.02 -24.45 25.83
C TYR F 199 20.94 -25.20 27.15
N VAL F 200 19.88 -24.98 27.93
CA VAL F 200 19.83 -25.54 29.27
C VAL F 200 18.46 -26.14 29.55
N ASP F 201 18.46 -27.37 30.01
CA ASP F 201 17.27 -28.04 30.51
C ASP F 201 16.69 -27.23 31.65
N GLU F 202 15.39 -26.95 31.58
CA GLU F 202 14.74 -26.11 32.57
C GLU F 202 14.76 -26.75 33.95
N ASP F 203 14.86 -28.08 34.01
CA ASP F 203 15.03 -28.75 35.29
C ASP F 203 16.33 -28.36 35.96
N ASP F 204 17.39 -28.15 35.17
CA ASP F 204 18.68 -27.78 35.75
C ASP F 204 18.66 -26.33 36.22
N ILE F 205 18.10 -25.43 35.40
CA ILE F 205 17.90 -24.05 35.82
C ILE F 205 17.16 -24.03 37.15
N ALA F 206 16.09 -24.81 37.27
CA ALA F 206 15.34 -24.88 38.52
C ALA F 206 16.22 -25.38 39.66
N GLU F 207 16.99 -26.44 39.43
CA GLU F 207 17.80 -26.96 40.51
C GLU F 207 18.91 -25.99 40.88
N TYR F 208 19.50 -25.32 39.90
CA TYR F 208 20.47 -24.28 40.21
C TYR F 208 19.83 -23.16 41.00
N THR F 209 18.60 -22.83 40.67
CA THR F 209 17.89 -21.78 41.39
C THR F 209 17.61 -22.20 42.83
N ALA F 210 17.21 -23.45 43.03
CA ALA F 210 16.95 -23.92 44.39
C ALA F 210 18.22 -23.95 45.23
N LYS F 211 19.37 -24.21 44.61
CA LYS F 211 20.62 -24.26 45.36
C LYS F 211 21.16 -22.87 45.67
N THR F 212 20.94 -21.89 44.79
CA THR F 212 21.57 -20.60 44.95
C THR F 212 20.78 -19.69 45.87
N LEU F 213 19.50 -19.97 46.11
CA LEU F 213 18.66 -18.98 46.75
C LEU F 213 18.98 -18.75 48.21
N ASP F 214 19.71 -19.66 48.85
CA ASP F 214 20.18 -19.42 50.21
C ASP F 214 21.68 -19.61 50.31
N ASP F 215 22.36 -19.62 49.19
CA ASP F 215 23.80 -19.64 49.16
C ASP F 215 24.32 -18.27 49.55
N PRO F 216 25.14 -18.16 50.59
CA PRO F 216 25.68 -16.84 50.93
C PRO F 216 26.62 -16.30 49.89
N ARG F 217 27.23 -17.15 49.06
CA ARG F 217 28.14 -16.67 48.03
C ARG F 217 27.45 -15.84 46.96
N THR F 218 26.13 -15.92 46.82
CA THR F 218 25.46 -15.31 45.67
C THR F 218 24.49 -14.21 46.07
N ILE F 219 24.52 -13.75 47.31
CA ILE F 219 23.62 -12.69 47.71
C ILE F 219 24.06 -11.40 47.02
N ASN F 220 23.10 -10.72 46.40
CA ASN F 220 23.34 -9.52 45.58
C ASN F 220 24.27 -9.79 44.40
N LYS F 221 24.30 -11.02 43.92
CA LYS F 221 25.11 -11.41 42.77
C LYS F 221 24.23 -11.79 41.58
N THR F 222 24.81 -11.71 40.40
CA THR F 222 24.20 -12.29 39.21
C THR F 222 24.83 -13.66 39.01
N VAL F 223 23.99 -14.68 38.89
CA VAL F 223 24.47 -16.04 38.66
C VAL F 223 24.16 -16.40 37.22
N TYR F 224 25.20 -16.68 36.44
CA TYR F 224 25.05 -17.09 35.06
C TYR F 224 24.95 -18.59 34.98
N VAL F 225 23.91 -19.08 34.31
CA VAL F 225 23.73 -20.51 34.13
C VAL F 225 24.36 -20.85 32.78
N ARG F 226 25.62 -21.27 32.79
CA ARG F 226 26.37 -21.50 31.56
C ARG F 226 27.13 -22.82 31.67
N PRO F 227 26.42 -23.94 31.74
CA PRO F 227 27.08 -25.25 31.83
C PRO F 227 27.98 -25.51 30.64
N THR F 228 29.26 -25.72 30.93
CA THR F 228 30.30 -25.65 29.91
C THR F 228 29.96 -26.47 28.68
N GLU F 229 29.55 -27.72 28.87
CA GLU F 229 29.35 -28.56 27.70
C GLU F 229 28.10 -28.19 26.90
N ASN F 230 27.23 -27.32 27.43
CA ASN F 230 26.03 -26.88 26.74
C ASN F 230 26.20 -25.50 26.10
N VAL F 231 27.43 -25.01 26.00
CA VAL F 231 27.74 -23.82 25.21
C VAL F 231 27.93 -24.29 23.78
N LEU F 232 26.90 -24.12 22.95
CA LEU F 232 26.85 -24.71 21.63
C LEU F 232 26.45 -23.66 20.61
N THR F 233 26.92 -23.82 19.39
CA THR F 233 26.32 -23.05 18.31
C THR F 233 25.11 -23.79 17.77
N GLN F 234 24.25 -23.06 17.07
CA GLN F 234 23.08 -23.68 16.49
C GLN F 234 23.47 -24.82 15.58
N MET F 235 24.50 -24.62 14.76
CA MET F 235 24.98 -25.69 13.91
C MET F 235 25.47 -26.87 14.73
N GLU F 236 26.11 -26.62 15.88
CA GLU F 236 26.57 -27.75 16.69
C GLU F 236 25.40 -28.54 17.25
N LEU F 237 24.35 -27.84 17.66
CA LEU F 237 23.15 -28.51 18.15
C LEU F 237 22.48 -29.31 17.05
N VAL F 238 22.32 -28.68 15.88
CA VAL F 238 21.81 -29.35 14.69
C VAL F 238 22.63 -30.60 14.39
N GLN F 239 23.95 -30.51 14.49
CA GLN F 239 24.75 -31.69 14.16
C GLN F 239 24.66 -32.75 15.23
N ILE F 240 24.37 -32.38 16.47
CA ILE F 240 24.05 -33.39 17.47
C ILE F 240 22.81 -34.17 17.06
N TRP F 241 21.80 -33.46 16.58
CA TRP F 241 20.57 -34.14 16.16
C TRP F 241 20.80 -34.99 14.92
N GLU F 242 21.57 -34.50 13.95
CA GLU F 242 21.85 -35.28 12.77
C GLU F 242 22.61 -36.56 13.11
N LYS F 243 23.50 -36.50 14.09
CA LYS F 243 24.18 -37.72 14.46
C LYS F 243 23.23 -38.71 15.11
N LEU F 244 22.31 -38.23 15.95
CA LEU F 244 21.34 -39.11 16.60
C LEU F 244 20.42 -39.79 15.60
N THR F 245 20.00 -39.07 14.56
CA THR F 245 19.04 -39.59 13.59
C THR F 245 19.71 -40.20 12.36
N GLY F 246 21.00 -40.00 12.15
CA GLY F 246 21.60 -40.46 10.92
C GLY F 246 21.03 -39.79 9.70
N LYS F 247 20.42 -38.63 9.84
CA LYS F 247 19.81 -37.95 8.73
C LYS F 247 20.32 -36.51 8.63
N GLU F 248 20.64 -36.09 7.42
CA GLU F 248 21.09 -34.73 7.18
C GLU F 248 19.90 -33.86 6.84
N LEU F 249 19.79 -32.70 7.49
CA LEU F 249 18.68 -31.79 7.24
C LEU F 249 19.07 -30.77 6.19
N GLU F 250 18.07 -30.36 5.42
CA GLU F 250 18.31 -29.35 4.41
C GLU F 250 18.40 -28.00 5.11
N LYS F 251 19.54 -27.34 4.96
CA LYS F 251 19.86 -26.15 5.73
C LYS F 251 19.70 -24.91 4.85
N THR F 252 19.00 -23.91 5.38
CA THR F 252 18.77 -22.66 4.69
C THR F 252 19.20 -21.52 5.59
N ASN F 253 20.17 -20.73 5.13
CA ASN F 253 20.77 -19.70 5.96
C ASN F 253 20.02 -18.39 5.85
N ILE F 254 19.71 -17.79 6.99
CA ILE F 254 18.99 -16.52 7.04
C ILE F 254 19.98 -15.45 7.46
N SER F 255 20.16 -14.46 6.61
CA SER F 255 21.14 -13.43 6.91
C SER F 255 20.63 -12.52 8.03
N ALA F 256 21.58 -11.84 8.68
CA ALA F 256 21.22 -10.87 9.70
C ALA F 256 20.39 -9.74 9.11
N ASN F 257 20.67 -9.34 7.86
CA ASN F 257 19.90 -8.25 7.26
C ASN F 257 18.44 -8.65 7.10
N ASP F 258 18.19 -9.80 6.48
CA ASP F 258 16.82 -10.32 6.43
C ASP F 258 16.20 -10.23 7.82
N PHE F 259 16.76 -11.03 8.73
CA PHE F 259 16.17 -11.20 10.05
C PHE F 259 15.85 -9.87 10.70
N LEU F 260 16.62 -8.85 10.41
CA LEU F 260 16.37 -7.57 11.08
C LEU F 260 15.03 -6.89 10.66
N ALA F 261 14.10 -7.51 9.94
CA ALA F 261 12.71 -7.04 9.94
C ALA F 261 12.16 -7.16 11.37
N ALA F 272 6.83 -11.64 18.44
CA ALA F 272 7.04 -11.52 19.89
C ALA F 272 8.19 -12.42 20.36
N GLY F 273 9.21 -11.82 20.99
CA GLY F 273 10.41 -12.52 21.33
C GLY F 273 11.54 -12.38 20.32
N LEU F 274 11.22 -12.06 19.07
CA LEU F 274 12.25 -11.77 18.10
C LEU F 274 13.20 -10.70 18.64
N GLY F 275 14.40 -10.68 18.11
CA GLY F 275 15.27 -9.58 18.54
C GLY F 275 15.90 -9.82 19.89
N HIS F 276 15.11 -10.29 20.85
CA HIS F 276 15.70 -11.13 21.88
C HIS F 276 16.39 -12.31 21.22
N PHE F 277 15.66 -12.97 20.32
CA PHE F 277 16.24 -14.01 19.47
C PHE F 277 17.40 -13.47 18.64
N TYR F 278 17.31 -12.21 18.20
CA TYR F 278 18.41 -11.65 17.42
C TYR F 278 19.66 -11.49 18.28
N HIS F 279 19.49 -10.98 19.49
CA HIS F 279 20.64 -10.75 20.36
C HIS F 279 21.35 -12.06 20.67
N ILE F 280 20.58 -13.12 20.83
CA ILE F 280 21.17 -14.40 21.19
C ILE F 280 21.88 -15.00 19.99
N PHE F 281 21.19 -15.12 18.88
CA PHE F 281 21.69 -15.97 17.82
C PHE F 281 22.56 -15.24 16.81
N TYR F 282 22.41 -13.94 16.66
CA TYR F 282 23.28 -13.20 15.76
C TYR F 282 24.36 -12.44 16.51
N GLU F 283 24.04 -11.88 17.66
CA GLU F 283 25.01 -11.12 18.42
C GLU F 283 25.73 -11.94 19.48
N GLY F 284 25.22 -13.11 19.85
CA GLY F 284 25.92 -13.94 20.82
C GLY F 284 25.93 -13.40 22.24
N CYS F 285 24.89 -12.66 22.62
CA CYS F 285 24.88 -12.03 23.93
C CYS F 285 24.99 -13.03 25.08
N LEU F 286 24.64 -14.29 24.87
CA LEU F 286 24.75 -15.24 25.96
C LEU F 286 26.18 -15.71 26.19
N THR F 287 27.09 -15.43 25.27
CA THR F 287 28.43 -15.98 25.34
C THR F 287 29.53 -15.00 24.98
N ASP F 288 29.23 -13.76 24.62
CA ASP F 288 30.32 -12.89 24.20
C ASP F 288 31.21 -12.46 25.36
N HIS F 289 30.73 -12.55 26.61
CA HIS F 289 31.48 -12.12 27.79
C HIS F 289 31.77 -13.31 28.68
N GLU F 290 32.98 -13.37 29.22
CA GLU F 290 33.34 -14.51 30.05
C GLU F 290 32.90 -14.30 31.50
N VAL F 291 32.65 -15.41 32.17
CA VAL F 291 32.09 -15.41 33.52
C VAL F 291 33.03 -16.17 34.43
N GLY F 292 33.27 -15.63 35.62
CA GLY F 292 34.13 -16.29 36.57
C GLY F 292 33.44 -17.46 37.24
N ASP F 293 34.25 -18.40 37.72
CA ASP F 293 33.71 -19.54 38.44
C ASP F 293 32.90 -19.13 39.65
N ASP F 294 33.16 -17.96 40.23
CA ASP F 294 32.41 -17.58 41.42
C ASP F 294 31.05 -17.00 41.09
N GLU F 295 30.64 -17.07 39.84
CA GLU F 295 29.34 -16.54 39.42
C GLU F 295 28.71 -17.40 38.33
N GLU F 296 29.19 -18.61 38.10
CA GLU F 296 28.66 -19.51 37.09
C GLU F 296 28.06 -20.74 37.75
N ALA F 297 26.79 -21.01 37.42
CA ALA F 297 26.03 -22.03 38.14
C ALA F 297 26.75 -23.37 38.19
N SER F 298 27.21 -23.88 37.05
CA SER F 298 27.79 -25.21 37.06
C SER F 298 29.13 -25.28 37.79
N LYS F 299 29.77 -24.16 38.07
CA LYS F 299 30.95 -24.16 38.93
C LYS F 299 30.58 -23.96 40.41
N LEU F 300 29.59 -23.14 40.70
CA LEU F 300 29.11 -22.99 42.07
C LEU F 300 28.50 -24.27 42.60
N TYR F 301 27.82 -25.04 41.75
CA TYR F 301 27.07 -26.22 42.15
C TYR F 301 27.45 -27.37 41.23
N PRO F 302 28.68 -27.87 41.36
CA PRO F 302 29.17 -28.92 40.46
C PRO F 302 28.55 -30.27 40.70
N ASP F 303 27.78 -30.46 41.76
CA ASP F 303 27.05 -31.69 41.98
C ASP F 303 25.78 -31.79 41.16
N VAL F 304 25.38 -30.74 40.45
CA VAL F 304 24.24 -30.81 39.54
C VAL F 304 24.72 -31.46 38.24
N LYS F 305 24.25 -32.67 37.97
CA LYS F 305 24.67 -33.32 36.74
C LYS F 305 23.70 -32.89 35.66
N TYR F 306 24.05 -31.79 35.00
CA TYR F 306 23.13 -31.16 34.07
C TYR F 306 22.99 -32.01 32.82
N THR F 307 21.84 -31.89 32.19
CA THR F 307 21.54 -32.66 30.99
C THR F 307 22.28 -32.07 29.80
N ARG F 308 23.13 -32.87 29.18
CA ARG F 308 23.69 -32.38 27.93
C ARG F 308 22.66 -32.56 26.81
N MET F 309 22.89 -31.83 25.72
CA MET F 309 21.87 -31.74 24.70
C MET F 309 21.76 -33.03 23.90
N ASP F 310 22.83 -33.82 23.82
CA ASP F 310 22.64 -35.10 23.18
C ASP F 310 21.76 -36.02 24.02
N GLU F 311 21.85 -35.94 25.34
CA GLU F 311 20.91 -36.72 26.13
C GLU F 311 19.51 -36.11 26.07
N TYR F 312 19.42 -34.78 26.04
CA TYR F 312 18.13 -34.11 26.00
C TYR F 312 17.35 -34.48 24.75
N LEU F 313 18.00 -34.40 23.59
CA LEU F 313 17.31 -34.62 22.34
C LEU F 313 16.84 -36.06 22.14
N LYS F 314 17.34 -37.01 22.92
CA LYS F 314 17.01 -38.42 22.70
C LYS F 314 15.51 -38.67 22.80
N ILE F 315 14.81 -37.94 23.68
CA ILE F 315 13.39 -38.20 23.85
C ILE F 315 12.61 -37.97 22.58
N PHE F 316 13.15 -37.23 21.62
CA PHE F 316 12.43 -36.94 20.40
C PHE F 316 12.69 -37.95 19.28
N LEU F 317 13.60 -38.88 19.48
CA LEU F 317 13.92 -39.87 18.45
C LEU F 317 12.74 -40.79 18.08
PA NDP G . -32.54 53.09 -16.69
O1A NDP G . -33.20 54.35 -16.16
O2A NDP G . -33.34 52.31 -17.71
O5B NDP G . -32.56 52.16 -15.32
C5B NDP G . -31.61 51.17 -15.30
C4B NDP G . -31.44 50.70 -13.82
O4B NDP G . -31.08 51.69 -13.07
C3B NDP G . -32.78 50.57 -13.17
O3B NDP G . -33.39 49.53 -13.82
C2B NDP G . -32.38 50.36 -11.70
O2B NDP G . -31.76 49.04 -11.51
C1B NDP G . -31.39 51.17 -11.58
N9A NDP G . -31.64 52.42 -10.94
C8A NDP G . -32.01 53.65 -11.36
N7A NDP G . -32.05 54.48 -10.27
C5A NDP G . -31.67 53.76 -9.18
C6A NDP G . -31.53 54.12 -7.84
N6A NDP G . -31.72 55.36 -7.07
N1A NDP G . -31.15 53.20 -6.97
C2A NDP G . -30.88 51.93 -7.36
N3A NDP G . -31.03 51.57 -8.69
C4A NDP G . -31.42 52.49 -9.60
O3 NDP G . -30.99 53.38 -17.25
PN NDP G . -30.29 53.73 -18.74
O1N NDP G . -30.23 52.50 -19.65
O2N NDP G . -30.80 54.91 -19.52
O5D NDP G . -28.71 54.20 -18.34
C5D NDP G . -27.55 53.43 -18.65
C4D NDP G . -26.50 54.40 -19.28
O4D NDP G . -26.98 54.76 -20.43
C3D NDP G . -26.42 55.73 -18.52
O3D NDP G . -25.15 55.93 -18.05
C2D NDP G . -26.79 56.82 -19.55
O2D NDP G . -25.90 58.01 -19.33
C1D NDP G . -26.50 56.26 -20.68
N1N NDP G . -27.30 56.83 -21.78
C2N NDP G . -26.68 57.13 -23.03
C3N NDP G . -27.50 57.64 -24.18
C7N NDP G . -26.77 58.27 -25.36
O7N NDP G . -25.85 59.09 -25.21
N7N NDP G . -27.31 57.80 -26.55
C4N NDP G . -29.05 57.42 -24.26
C5N NDP G . -29.68 57.31 -22.83
C6N NDP G . -28.71 57.17 -21.64
P2B NDP G . -32.60 47.62 -11.68
O1X NDP G . -32.80 47.24 -13.15
O2X NDP G . -31.68 46.59 -11.03
O3X NDP G . -33.90 47.63 -10.86
H51A NDP G . -30.76 51.51 -15.62
H52A NDP G . -31.89 50.42 -15.85
H4B NDP G . -30.89 49.91 -13.71
H3B NDP G . -33.30 51.38 -13.28
HO3A NDP G . -32.96 48.82 -13.71
H2B NDP G . -33.10 50.54 -11.07
H1B NDP G . -30.60 50.73 -11.20
H8A NDP G . -32.23 53.89 -12.23
H61A NDP G . -32.50 55.54 -6.74
H62A NDP G . -31.06 55.90 -6.95
H2A NDP G . -30.61 51.29 -6.74
H51N NDP G . -27.78 52.74 -19.28
H52N NDP G . -27.20 53.04 -17.84
H4D NDP G . -25.63 53.99 -19.37
H3D NDP G . -27.06 55.73 -17.78
HO3N NDP G . -25.16 55.99 -17.20
H2D NDP G . -27.73 57.06 -19.49
HO2N NDP G . -25.10 57.75 -19.27
H1D NDP G . -25.55 56.30 -20.86
H2N NDP G . -25.76 57.05 -23.12
H71N NDP G . -26.99 58.07 -27.30
H72N NDP G . -27.95 57.23 -26.53
H41N NDP G . -29.24 56.60 -24.75
H42N NDP G . -29.45 58.17 -24.73
H5N NDP G . -30.55 57.62 -22.68
H6N NDP G . -29.04 57.30 -20.78
PA NDP H . -10.80 -32.47 27.21
O1A NDP H . -11.56 -31.19 27.18
O2A NDP H . -9.68 -32.45 28.18
O5B NDP H . -10.14 -32.53 25.70
C5B NDP H . -9.30 -33.61 25.50
C4B NDP H . -8.79 -33.77 24.01
O4B NDP H . -9.72 -33.68 23.10
C3B NDP H . -7.97 -32.59 23.60
O3B NDP H . -6.92 -32.69 24.45
C2B NDP H . -7.74 -32.93 22.10
O2B NDP H . -6.89 -34.13 21.90
C1B NDP H . -8.91 -33.36 21.77
N9A NDP H . -9.78 -32.38 21.21
C8A NDP H . -10.69 -31.52 21.69
N7A NDP H . -11.23 -30.89 20.64
C5A NDP H . -10.70 -31.37 19.51
C6A NDP H . -10.92 -31.07 18.18
N6A NDP H . -11.81 -30.11 17.48
N1A NDP H . -10.23 -31.70 17.26
C2A NDP H . -9.30 -32.65 17.57
N3A NDP H . -9.09 -32.96 18.88
C4A NDP H . -9.78 -32.31 19.84
O3 NDP H . -11.78 -33.80 27.48
PN NDP H . -12.36 -34.42 28.91
O1N NDP H . -11.49 -35.49 29.55
O2N NDP H . -12.64 -33.31 29.84
O5D NDP H . -13.74 -35.19 28.46
C5D NDP H . -13.53 -36.38 27.77
C4D NDP H . -14.83 -37.17 28.03
O4D NDP H . -15.06 -36.99 29.28
C3D NDP H . -16.00 -36.48 27.33
O3D NDP H . -16.80 -37.44 26.77
C2D NDP H . -16.74 -35.71 28.46
O2D NDP H . -18.21 -35.63 28.19
C1D NDP H . -16.55 -36.45 29.50
N1N NDP H . -16.62 -35.66 30.73
C2N NDP H . -17.56 -35.92 31.74
C3N NDP H . -17.36 -35.32 33.09
C7N NDP H . -18.32 -35.80 34.17
O7N NDP H . -19.16 -36.60 33.93
N7N NDP H . -18.26 -35.35 35.49
C4N NDP H . -16.77 -33.91 33.22
C5N NDP H . -16.02 -33.48 31.92
C6N NDP H . -15.71 -34.56 30.90
P2B NDP H . -5.25 -34.13 22.16
O1X NDP H . -4.91 -34.37 23.63
O2X NDP H . -4.57 -35.23 21.37
O3X NDP H . -4.76 -32.79 21.58
H51A NDP H . -9.76 -34.42 25.74
H52A NDP H . -8.52 -33.51 26.06
H4B NDP H . -8.30 -34.59 23.90
H3B NDP H . -8.46 -31.76 23.71
HO3A NDP H . -6.34 -33.22 24.13
H2B NDP H . -7.46 -32.17 21.58
H1B NDP H . -8.85 -34.16 21.21
H8A NDP H . -10.90 -31.37 22.59
H61A NDP H . -11.54 -29.32 17.32
H62A NDP H . -12.60 -30.35 17.24
H2A NDP H . -8.84 -33.10 16.90
H51N NDP H . -12.76 -36.85 28.13
H52N NDP H . -13.41 -36.21 26.82
H4D NDP H . -14.76 -38.11 27.80
H3D NDP H . -15.67 -35.86 26.66
HO3N NDP H . -16.84 -37.31 25.93
H2D NDP H . -16.36 -34.84 28.59
HO2N NDP H . -18.48 -36.36 27.86
H1D NDP H . -17.18 -37.19 29.53
H2N NDP H . -18.21 -36.57 31.62
H71N NDP H . -18.82 -35.64 36.08
H72N NDP H . -17.66 -34.77 35.71
H41N NDP H . -16.15 -33.89 33.97
H42N NDP H . -17.50 -33.28 33.39
H5N NDP H . -15.54 -32.68 31.92
H6N NDP H . -14.89 -34.57 30.45
PA NDP I . 30.01 -21.73 -32.42
O1A NDP I . 30.63 -23.07 -32.08
O2A NDP I . 30.63 -21.12 -33.69
O5B NDP I . 30.05 -20.82 -31.00
C5B NDP I . 31.04 -19.84 -31.00
C4B NDP I . 30.84 -18.96 -29.72
O4B NDP I . 30.85 -19.69 -28.64
C3B NDP I . 32.10 -18.11 -29.56
O3B NDP I . 31.97 -16.95 -30.30
C2B NDP I . 32.10 -17.76 -28.08
O2B NDP I . 31.07 -16.72 -27.98
C1B NDP I . 31.59 -18.81 -27.51
N9A NDP I . 32.49 -19.80 -26.94
C8A NDP I . 32.94 -21.02 -27.32
N7A NDP I . 33.71 -21.51 -26.32
C5A NDP I . 33.72 -20.62 -25.31
C6A NDP I . 34.35 -20.64 -24.08
N6A NDP I . 35.23 -21.64 -23.43
N1A NDP I . 34.23 -19.62 -23.25
C2A NDP I . 33.45 -18.54 -23.59
N3A NDP I . 32.82 -18.51 -24.81
C4A NDP I . 32.97 -19.56 -25.68
O3 NDP I . 28.39 -21.80 -32.75
PN NDP I . 27.23 -22.93 -32.96
O1N NDP I . 26.07 -22.11 -33.47
O2N NDP I . 27.60 -23.86 -34.15
O5D NDP I . 26.75 -23.82 -31.62
C5D NDP I . 25.66 -23.46 -30.78
C4D NDP I . 24.70 -24.70 -30.79
O4D NDP I . 24.64 -25.03 -32.03
C3D NDP I . 25.26 -25.98 -30.12
O3D NDP I . 24.48 -26.25 -29.04
C2D NDP I . 25.18 -27.11 -31.17
O2D NDP I . 24.72 -28.40 -30.55
C1D NDP I . 24.31 -26.64 -32.02
N1N NDP I . 24.58 -27.18 -33.34
C2N NDP I . 23.79 -28.20 -33.94
C3N NDP I . 24.07 -28.60 -35.36
C7N NDP I . 23.24 -29.74 -35.92
O7N NDP I . 23.02 -30.72 -35.26
N7N NDP I . 22.78 -29.58 -37.23
C4N NDP I . 25.48 -28.54 -35.99
C5N NDP I . 26.43 -27.67 -35.08
C6N NDP I . 25.70 -26.71 -34.12
P2B NDP I . 31.41 -15.10 -28.23
O1X NDP I . 30.80 -14.72 -29.61
O2X NDP I . 30.77 -14.23 -27.11
O3X NDP I . 32.96 -15.00 -28.20
H51A NDP I . 30.97 -19.28 -31.80
H52A NDP I . 31.93 -20.26 -30.97
H4B NDP I . 30.04 -18.41 -29.77
H3B NDP I . 32.89 -18.60 -29.80
HO3A NDP I . 31.18 -16.66 -30.24
H2B NDP I . 32.97 -17.51 -27.73
H1B NDP I . 30.94 -18.53 -26.84
H8A NDP I . 32.76 -21.44 -28.14
H61A NDP I . 36.08 -21.60 -23.53
H62A NDP I . 34.88 -22.25 -22.94
H2A NDP I . 33.35 -17.83 -23.00
H51N NDP I . 25.21 -22.69 -31.12
H52N NDP I . 25.98 -23.30 -29.87
H4D NDP I . 23.81 -24.49 -30.45
H3D NDP I . 26.18 -25.83 -29.85
HO3N NDP I . 24.94 -26.18 -28.34
H2D NDP I . 26.04 -27.24 -31.61
HO2N NDP I . 25.33 -28.71 -30.04
H1D NDP I . 23.41 -26.82 -31.72
H2N NDP I . 22.99 -28.47 -33.53
H71N NDP I . 22.30 -30.19 -37.60
H72N NDP I . 22.97 -28.86 -37.67
H41N NDP I . 25.42 -28.14 -36.87
H42N NDP I . 25.84 -29.44 -36.05
H5N NDP I . 27.28 -27.47 -35.38
H6N NDP I . 25.90 -25.80 -34.13
PA NDP J . -5.34 14.18 4.52
O1A NDP J . -4.25 13.92 5.53
O2A NDP J . -4.85 13.81 3.14
O5B NDP J . -5.68 15.79 4.66
C5B NDP J . -6.13 16.41 3.52
C4B NDP J . -6.45 17.92 3.79
O4B NDP J . -6.82 18.08 5.03
C3B NDP J . -5.21 18.77 3.86
O3B NDP J . -4.73 19.01 2.61
C2B NDP J . -5.77 20.07 4.48
O2B NDP J . -6.56 20.75 3.44
C1B NDP J . -6.65 19.64 5.32
N9A NDP J . -6.28 19.63 6.70
C8A NDP J . -5.64 18.77 7.54
N7A NDP J . -5.65 19.31 8.78
C5A NDP J . -6.30 20.48 8.74
C6A NDP J . -6.58 21.39 9.74
N6A NDP J . -6.25 21.38 11.19
N1A NDP J . -7.26 22.49 9.44
C2A NDP J . -7.67 22.73 8.15
N3A NDP J . -7.40 21.83 7.15
C4A NDP J . -6.72 20.69 7.45
O3 NDP J . -6.75 13.31 4.75
PN NDP J . -6.96 11.91 3.88
O1N NDP J . -7.19 11.95 2.39
O2N NDP J . -5.67 11.21 4.14
O5D NDP J . -8.30 11.28 4.60
C5D NDP J . -9.46 12.07 4.47
C4D NDP J . -10.65 11.15 4.94
O4D NDP J . -10.39 9.95 4.53
C3D NDP J . -10.69 11.01 6.48
O3D NDP J . -12.01 10.98 6.86
C2D NDP J . -10.01 9.67 6.81
O2D NDP J . -10.58 9.09 8.08
C1D NDP J . -10.35 8.93 5.80
N1N NDP J . -9.38 7.89 5.52
C2N NDP J . -9.65 6.51 5.60
C3N NDP J . -8.60 5.55 5.09
C7N NDP J . -8.91 4.07 4.89
O7N NDP J . -9.93 3.59 5.18
N7N NDP J . -7.90 3.23 4.35
C4N NDP J . -7.11 5.91 5.24
C5N NDP J . -6.85 7.43 5.18
C6N NDP J . -8.09 8.34 5.09
P2B NDP J . -6.00 21.59 2.14
O1X NDP J . -5.89 20.60 0.98
O2X NDP J . -6.89 22.78 1.76
O3X NDP J . -4.64 22.07 2.61
H51A NDP J . -6.94 15.96 3.22
H52A NDP J . -5.45 16.34 2.83
H4B NDP J . -7.10 18.29 3.17
H3B NDP J . -4.54 18.36 4.43
HO3A NDP J . -5.38 19.24 2.10
H2B NDP J . -5.08 20.63 4.89
H1B NDP J . -7.49 20.11 5.19
H8A NDP J . -5.25 17.97 7.29
H61A NDP J . -5.50 21.71 11.47
H62A NDP J . -6.81 21.05 11.76
H2A NDP J . -8.15 23.50 7.96
H51N NDP J . -9.59 12.34 3.54
H52N NDP J . -9.39 12.86 5.04
H4D NDP J . -11.50 11.46 4.60
H3D NDP J . -10.22 11.76 6.90
HO3N NDP J . -12.14 11.54 7.47
H2D NDP J . -9.04 9.76 6.85
HO2N NDP J . -11.43 9.09 8.03
H1D NDP J . -11.23 8.54 5.95
H2N NDP J . -10.54 6.22 5.70
H71N NDP J . -8.07 2.39 4.24
H72N NDP J . -7.14 3.56 4.13
H41N NDP J . -6.62 5.48 4.52
H42N NDP J . -6.80 5.56 6.09
H5N NDP J . -6.02 7.75 4.91
H6N NDP J . -8.00 9.20 4.76
PA NDP K . 14.09 18.43 -2.99
O1A NDP K . 14.16 19.20 -1.68
O2A NDP K . 12.78 18.45 -3.70
O5B NDP K . 14.58 16.90 -2.65
C5B NDP K . 14.62 16.04 -3.73
C4B NDP K . 15.12 14.62 -3.30
O4B NDP K . 16.28 14.72 -2.70
C3B NDP K . 14.36 14.01 -2.15
O3B NDP K . 13.09 13.68 -2.54
C2B NDP K . 15.29 12.80 -1.91
O2B NDP K . 15.21 11.91 -3.09
C1B NDP K . 16.48 13.30 -1.97
N9A NDP K . 17.10 13.64 -0.72
C8A NDP K . 17.14 14.72 0.11
N7A NDP K . 17.91 14.46 1.19
C5A NDP K . 18.38 13.23 1.04
C6A NDP K . 19.22 12.49 1.84
N6A NDP K . 19.88 12.82 3.13
N1A NDP K . 19.54 11.26 1.48
C2A NDP K . 19.06 10.71 0.31
N3A NDP K . 18.22 11.44 -0.49
C4A NDP K . 17.88 12.71 -0.13
O3 NDP K . 15.21 19.02 -4.01
PN NDP K . 15.10 20.28 -5.06
O1N NDP K . 14.33 19.95 -6.32
O2N NDP K . 14.44 21.42 -4.33
O5D NDP K . 16.70 20.62 -5.40
C5D NDP K . 17.39 19.99 -6.46
C4D NDP K . 18.51 20.97 -6.97
O4D NDP K . 17.95 22.08 -7.32
C3D NDP K . 19.42 21.39 -5.81
O3D NDP K . 20.72 21.41 -6.24
C2D NDP K . 19.01 22.84 -5.41
O2D NDP K . 20.22 23.56 -4.91
C1D NDP K . 18.63 23.33 -6.54
N1N NDP K . 17.65 24.36 -6.35
C2N NDP K . 17.80 25.63 -6.94
C3N NDP K . 16.62 26.54 -6.99
C7N NDP K . 16.87 27.94 -7.54
O7N NDP K . 17.98 28.34 -7.67
N7N NDP K . 15.76 28.77 -7.85
C4N NDP K . 15.39 26.41 -6.05
C5N NDP K . 15.57 25.23 -5.07
C6N NDP K . 16.48 24.09 -5.58
P2B NDP K . 14.08 10.72 -3.33
O1X NDP K . 13.20 11.21 -4.48
O2X NDP K . 14.81 9.39 -3.55
O3X NDP K . 13.21 10.53 -2.07
H51A NDP K . 15.23 16.41 -4.40
H52A NDP K . 13.73 15.97 -4.11
H4B NDP K . 15.16 14.01 -4.06
H3B NDP K . 14.35 14.61 -1.38
HO3A NDP K . 13.13 13.10 -3.17
H2B NDP K . 15.11 12.34 -1.07
H1B NDP K . 17.06 12.73 -2.50
H8A NDP K . 16.68 15.52 -0.04
H61A NDP K . 19.48 12.64 3.88
H62A NDP K . 20.67 13.17 3.13
H2A NDP K . 19.30 9.85 0.07
H51N NDP K . 16.78 19.81 -7.18
H52N NDP K . 17.79 19.17 -6.14
H4D NDP K . 19.03 20.58 -7.69
H3D NDP K . 19.33 20.79 -5.06
HO3N NDP K . 21.21 20.95 -5.70
H2D NDP K . 18.29 22.83 -4.77
HO2N NDP K . 20.89 23.38 -5.40
H1D NDP K . 19.40 23.66 -7.03
H2N NDP K . 18.66 25.99 -7.06
H71N NDP K . 15.89 29.57 -8.15
H72N NDP K . 14.96 28.48 -7.74
H41N NDP K . 14.60 26.25 -6.59
H42N NDP K . 15.28 27.22 -5.55
H5N NDP K . 14.92 25.05 -4.44
H6N NDP K . 16.26 23.21 -5.36
PA NDP L . 3.98 -18.20 32.97
O1A NDP L . 3.29 -17.24 31.92
O2A NDP L . 3.63 -19.69 32.64
O5B NDP L . 3.38 -17.70 34.46
C5B NDP L . 3.59 -18.57 35.53
C4B NDP L . 2.58 -18.08 36.62
O4B NDP L . 2.70 -16.77 36.62
C3B NDP L . 1.15 -18.15 36.15
O3B NDP L . 0.68 -19.42 36.38
C2B NDP L . 0.47 -17.09 37.04
O2B NDP L . 0.23 -17.59 38.43
C1B NDP L . 1.32 -16.14 37.12
N9A NDP L . 1.19 -15.07 36.16
C8A NDP L . 1.77 -14.83 34.96
N7A NDP L . 1.27 -13.61 34.52
C5A NDP L . 0.41 -13.09 35.46
C6A NDP L . -0.34 -11.91 35.53
N6A NDP L . -0.56 -10.72 34.65
N1A NDP L . -1.12 -11.70 36.59
C2A NDP L . -1.18 -12.57 37.65
N3A NDP L . -0.43 -13.72 37.58
C4A NDP L . 0.37 -14.00 36.49
O3 NDP L . 5.64 -17.97 33.14
PN NDP L . 7.05 -18.45 32.31
O1N NDP L . 7.66 -19.79 32.75
O2N NDP L . 6.67 -18.33 30.82
O5D NDP L . 8.13 -17.26 32.79
C5D NDP L . 9.19 -17.54 33.72
C4D NDP L . 10.51 -16.97 33.08
O4D NDP L . 10.63 -17.61 31.93
C3D NDP L . 10.41 -15.50 32.56
O3D NDP L . 11.19 -14.58 33.23
C2D NDP L . 10.89 -15.53 31.08
O2D NDP L . 11.77 -14.34 30.77
C1D NDP L . 11.57 -16.63 31.03
N1N NDP L . 11.68 -17.07 29.61
C2N NDP L . 12.98 -17.39 29.09
C3N NDP L . 13.10 -18.36 27.94
C7N NDP L . 14.54 -18.78 27.59
O7N NDP L . 15.53 -18.40 28.14
N7N NDP L . 14.67 -19.70 26.53
C4N NDP L . 11.97 -18.47 26.87
C5N NDP L . 10.71 -17.58 27.23
C6N NDP L . 10.53 -17.18 28.73
P2B NDP L . 0.20 -19.14 39.12
O1X NDP L . 1.33 -20.01 38.50
O2X NDP L . 0.35 -19.08 40.66
O3X NDP L . -1.15 -19.93 39.04
H51A NDP L . 4.50 -18.50 35.86
H52A NDP L . 3.39 -19.49 35.27
H4B NDP L . 2.72 -18.48 37.49
H3B NDP L . 1.08 -17.92 35.22
HO3A NDP L . 0.87 -19.91 35.71
H2B NDP L . -0.36 -16.78 36.63
H1B NDP L . 1.41 -15.81 38.02
H8A NDP L . 2.36 -15.37 34.51
H61A NDP L . -1.17 -10.74 34.03
H62A NDP L . -0.08 -10.02 34.76
H2A NDP L . -1.72 -12.39 38.40
H51N NDP L . 9.28 -18.49 33.85
H52N NDP L . 9.03 -17.10 34.57
H4D NDP L . 11.29 -17.10 33.63
H3D NDP L . 9.48 -15.22 32.59
HO3N NDP L . 10.74 -13.88 33.39
H2D NDP L . 10.13 -15.57 30.48
HO2N NDP L . 12.20 -14.12 31.46
H1D NDP L . 12.45 -16.51 31.42
H2N NDP L . 13.72 -16.87 29.33
H71N NDP L . 15.45 -19.95 26.29
H72N NDP L . 13.97 -19.97 26.12
H41N NDP L . 11.68 -19.39 26.80
H42N NDP L . 12.31 -18.18 26.01
H5N NDP L . 9.99 -17.54 26.65
H6N NDP L . 9.68 -17.01 29.07
#